data_6NPS
#
_entry.id   6NPS
#
_cell.length_a   63.080
_cell.length_b   96.210
_cell.length_c   111.750
_cell.angle_alpha   84.37
_cell.angle_beta   78.37
_cell.angle_gamma   83.32
#
_symmetry.space_group_name_H-M   'P 1'
#
loop_
_entity.id
_entity.type
_entity.pdbx_description
1 polymer AxyAgu115A
2 non-polymer 'CHLORIDE ION'
3 non-polymer GLYCEROL
4 water water
#
_entity_poly.entity_id   1
_entity_poly.type   'polypeptide(L)'
_entity_poly.pdbx_seq_one_letter_code
;QGMDFTLNQEMLMTDTKSGALFYQEEEALSGVRKIANKVMHDVELVFGYQPEATKDRDMLSRHAVLYGTVGHSPLLDELN
AAALIDLTEIAGKREVFLFQVVDQPIQGVEKALVIAGSDKRGTIYGLFHLSEKLGVSPLVDWSGVLPARKESFSLKGDYK
YVSKEPSVKYRGFFINDEWPAFGNWSAKNFGGFNAEMYDHVFELLLRLKGNYLWPAMWSARFNDDGPGLANVELADEYGV
IMGASHHEPCLRYGEEYKYLRGPDSIYGDAWNFITNREGITKFWEDGLKRTGHFENIITIGMRGEADTKIMGEDATLEDN
INLLRDVIQTQNKLIKEHVNPNLKEVPRMLALYKEVEPFFYGDENTPGLINSEELEDVILMLCDDNHGNLRTLPTEDMRK
HSGGYGMYYHFDYHGGPVSYEWINSSYLPKIWEQMTMAYDFGVRDLWIVNVGDIATQELPLSFFLDLAYDFDKWGTNAIN
KTDDYTKQWIEQQFAGVFNLEQKDKVFELLNGYTKIAHNRRPEAMNVDVYHPVNYHETDQLLDRIDHLLGLAEELYQEVD
QQHFTAYFALVYYPTVGNLNLQKMWLLNGKNKYAAQLNLIEANKLAEQVKACLKRDQEIVDEYHTIADGKFYGMGLSEHI
GFVHWNEDENKNPVLSYVLPVNKPRLLVSIDGTELRSEGSPWHVNTLPLVDFLEPDVNQASFTISSVSEKKAEYHISTDQ
DWLSCSAANGVLDGKNKLSETIHVFVDRDGLADQAEGRITVKTPVGKVTIVVPVVNNDFTNYPDMTFVDTKGYISIEAEH
FATQKATENLDGTLNRFEVLDGYGKTLSAIKAFPTDTHYQVGKDAPFVEYHFVTQEAGVYELEFYLQPSNPVTREGTMYA
GIQVNENDVDVINVLPDGYHVDGPHWGIDVINNIRTTKTKITCEQGLNKLRIYAVSPGFALEKIVIYPDGKKLANSYLGP
NETYYVGR
;
_entity_poly.pdbx_strand_id   A,B
#
loop_
_chem_comp.id
_chem_comp.type
_chem_comp.name
_chem_comp.formula
CL non-polymer 'CHLORIDE ION' 'Cl -1'
GOL non-polymer GLYCEROL 'C3 H8 O3'
#
# COMPACT_ATOMS: atom_id res chain seq x y z
N GLN A 1 -56.92 -50.31 23.26
CA GLN A 1 -55.74 -49.50 23.58
C GLN A 1 -55.05 -49.99 24.85
N GLY A 2 -55.81 -50.10 25.93
CA GLY A 2 -55.23 -50.49 27.21
C GLY A 2 -54.52 -49.34 27.90
N MET A 3 -53.57 -49.71 28.76
CA MET A 3 -52.75 -48.76 29.48
C MET A 3 -51.62 -48.26 28.57
N ASP A 4 -50.90 -47.24 29.05
CA ASP A 4 -49.73 -46.75 28.33
C ASP A 4 -48.58 -47.74 28.40
N PHE A 5 -47.71 -47.72 27.40
CA PHE A 5 -46.39 -48.29 27.57
C PHE A 5 -45.56 -47.36 28.44
N THR A 6 -44.94 -47.90 29.49
CA THR A 6 -44.20 -47.10 30.45
C THR A 6 -42.80 -47.66 30.62
N LEU A 7 -41.81 -46.76 30.72
CA LEU A 7 -40.49 -47.12 31.18
C LEU A 7 -40.11 -46.16 32.30
N ASN A 8 -39.68 -46.70 33.45
CA ASN A 8 -39.23 -45.81 34.50
C ASN A 8 -38.06 -46.44 35.24
N GLN A 9 -37.46 -45.66 36.14
CA GLN A 9 -36.28 -46.10 36.88
C GLN A 9 -36.54 -47.37 37.68
N GLU A 10 -37.70 -47.45 38.35
CA GLU A 10 -38.04 -48.64 39.12
C GLU A 10 -37.95 -49.90 38.25
N MET A 11 -38.36 -49.78 37.00
CA MET A 11 -38.33 -50.93 36.11
C MET A 11 -36.91 -51.40 35.87
N LEU A 12 -35.94 -50.50 36.05
CA LEU A 12 -34.55 -50.84 35.74
C LEU A 12 -33.73 -51.20 36.97
N MET A 13 -34.15 -50.80 38.16
CA MET A 13 -33.36 -51.05 39.36
C MET A 13 -33.51 -52.49 39.80
N THR A 14 -32.40 -53.06 40.28
CA THR A 14 -32.36 -54.50 40.58
C THR A 14 -33.36 -54.90 41.65
N ASP A 15 -33.66 -54.02 42.62
CA ASP A 15 -34.57 -54.40 43.70
C ASP A 15 -36.04 -54.39 43.29
N THR A 16 -36.41 -53.71 42.20
CA THR A 16 -37.81 -53.57 41.83
C THR A 16 -38.14 -54.01 40.40
N LYS A 17 -37.16 -54.29 39.56
CA LYS A 17 -37.53 -54.63 38.20
C LYS A 17 -38.21 -56.00 38.13
N SER A 18 -39.02 -56.18 37.09
CA SER A 18 -39.73 -57.44 36.84
C SER A 18 -39.02 -58.32 35.82
N GLY A 19 -38.07 -57.78 35.07
CA GLY A 19 -37.34 -58.59 34.11
C GLY A 19 -36.53 -57.70 33.20
N ALA A 20 -35.95 -58.32 32.19
CA ALA A 20 -35.12 -57.59 31.26
C ALA A 20 -35.98 -56.75 30.34
N LEU A 21 -35.43 -55.59 29.96
CA LEU A 21 -36.18 -54.66 29.13
C LEU A 21 -36.21 -55.07 27.65
N PHE A 22 -35.06 -55.44 27.10
CA PHE A 22 -34.91 -55.73 25.67
C PHE A 22 -34.91 -57.24 25.46
N TYR A 23 -35.53 -57.66 24.37
CA TYR A 23 -35.56 -59.05 23.98
C TYR A 23 -34.55 -59.26 22.86
N GLN A 24 -33.82 -60.37 22.91
CA GLN A 24 -32.74 -60.60 21.95
C GLN A 24 -32.98 -61.91 21.21
N GLU A 25 -32.87 -61.88 19.88
CA GLU A 25 -33.09 -63.09 19.09
C GLU A 25 -31.78 -63.53 18.45
N GLU A 26 -31.52 -64.84 18.51
CA GLU A 26 -30.44 -65.45 17.76
C GLU A 26 -30.47 -65.10 16.26
N GLU A 27 -31.66 -64.97 15.67
CA GLU A 27 -31.79 -64.74 14.25
C GLU A 27 -31.51 -63.30 13.84
N ALA A 28 -31.39 -62.40 14.81
CA ALA A 28 -31.17 -60.99 14.50
C ALA A 28 -29.84 -60.79 13.80
N LEU A 29 -29.79 -59.76 12.94
CA LEU A 29 -28.56 -59.36 12.29
C LEU A 29 -27.59 -58.81 13.31
N SER A 30 -26.31 -59.18 13.14
CA SER A 30 -25.27 -58.77 14.08
C SER A 30 -25.23 -57.25 14.24
N GLY A 31 -25.33 -56.52 13.12
CA GLY A 31 -25.26 -55.08 13.19
C GLY A 31 -26.45 -54.47 13.93
N VAL A 32 -27.64 -55.06 13.78
CA VAL A 32 -28.83 -54.59 14.47
C VAL A 32 -28.68 -54.79 15.97
N ARG A 33 -28.18 -55.96 16.39
CA ARG A 33 -27.92 -56.20 17.80
C ARG A 33 -26.93 -55.19 18.37
N LYS A 34 -25.86 -54.85 17.60
CA LYS A 34 -24.91 -53.83 18.06
C LYS A 34 -25.55 -52.45 18.22
N ILE A 35 -26.45 -52.07 17.30
CA ILE A 35 -27.14 -50.79 17.45
C ILE A 35 -28.07 -50.84 18.67
N ALA A 36 -28.76 -51.98 18.87
CA ALA A 36 -29.62 -52.16 20.04
C ALA A 36 -28.84 -51.96 21.35
N ASN A 37 -27.59 -52.47 21.41
CA ASN A 37 -26.74 -52.19 22.59
C ASN A 37 -26.41 -50.71 22.73
N LYS A 38 -26.23 -49.97 21.63
CA LYS A 38 -26.03 -48.54 21.75
C LYS A 38 -27.27 -47.86 22.31
N VAL A 39 -28.45 -48.30 21.88
CA VAL A 39 -29.68 -47.69 22.39
C VAL A 39 -29.88 -48.02 23.87
N MET A 40 -29.49 -49.21 24.31
CA MET A 40 -29.51 -49.52 25.74
C MET A 40 -28.60 -48.59 26.52
N HIS A 41 -27.48 -48.21 25.92
CA HIS A 41 -26.65 -47.23 26.60
C HIS A 41 -27.35 -45.88 26.66
N ASP A 42 -28.09 -45.49 25.61
CA ASP A 42 -28.89 -44.28 25.66
C ASP A 42 -29.95 -44.34 26.77
N VAL A 43 -30.58 -45.51 26.96
CA VAL A 43 -31.53 -45.66 28.07
C VAL A 43 -30.83 -45.39 29.40
N GLU A 44 -29.63 -45.95 29.58
CA GLU A 44 -28.88 -45.72 30.81
C GLU A 44 -28.55 -44.23 31.02
N LEU A 45 -28.29 -43.50 29.94
CA LEU A 45 -27.94 -42.09 30.13
C LEU A 45 -29.16 -41.28 30.56
N VAL A 46 -30.34 -41.66 30.08
CA VAL A 46 -31.57 -40.93 30.40
C VAL A 46 -32.04 -41.26 31.81
N PHE A 47 -32.08 -42.55 32.15
CA PHE A 47 -32.66 -42.98 33.43
C PHE A 47 -31.65 -43.21 34.54
N GLY A 48 -30.36 -43.34 34.23
CA GLY A 48 -29.36 -43.55 35.26
C GLY A 48 -29.11 -44.98 35.67
N TYR A 49 -29.71 -45.96 35.00
CA TYR A 49 -29.51 -47.35 35.37
C TYR A 49 -29.43 -48.19 34.09
N GLN A 50 -28.62 -49.25 34.15
CA GLN A 50 -28.34 -50.00 32.93
C GLN A 50 -29.47 -50.97 32.62
N PRO A 51 -30.14 -50.87 31.47
CA PRO A 51 -31.11 -51.90 31.09
C PRO A 51 -30.42 -53.17 30.64
N GLU A 52 -31.18 -54.27 30.67
CA GLU A 52 -30.65 -55.56 30.29
C GLU A 52 -31.50 -56.31 29.26
N ALA A 53 -30.82 -56.96 28.34
CA ALA A 53 -31.43 -57.76 27.28
C ALA A 53 -31.46 -59.22 27.70
N THR A 54 -32.43 -59.96 27.21
CA THR A 54 -32.49 -61.39 27.49
C THR A 54 -32.90 -62.15 26.23
N LYS A 55 -32.45 -63.40 26.12
CA LYS A 55 -32.93 -64.29 25.08
C LYS A 55 -34.08 -65.17 25.54
N ASP A 56 -34.38 -65.20 26.83
CA ASP A 56 -35.46 -66.02 27.38
C ASP A 56 -36.70 -65.14 27.51
N ARG A 57 -37.78 -65.52 26.85
CA ARG A 57 -38.97 -64.73 26.92
C ARG A 57 -39.62 -64.66 28.29
N ASP A 58 -39.44 -65.68 29.10
CA ASP A 58 -39.99 -65.59 30.44
C ASP A 58 -39.20 -64.64 31.34
N MET A 59 -38.09 -64.10 30.86
CA MET A 59 -37.28 -63.18 31.64
C MET A 59 -37.51 -61.70 31.29
N LEU A 60 -38.49 -61.43 30.43
CA LEU A 60 -38.77 -60.07 30.00
C LEU A 60 -39.51 -59.32 31.09
N SER A 61 -39.42 -58.00 31.02
CA SER A 61 -40.18 -57.16 31.93
C SER A 61 -41.64 -57.12 31.50
N ARG A 62 -42.53 -56.78 32.44
CA ARG A 62 -43.94 -56.59 32.07
C ARG A 62 -44.11 -55.60 30.92
N HIS A 63 -43.25 -54.58 30.80
CA HIS A 63 -43.19 -53.69 29.64
C HIS A 63 -41.84 -53.89 28.96
N ALA A 64 -41.86 -54.27 27.69
CA ALA A 64 -40.67 -54.76 27.01
C ALA A 64 -40.53 -54.07 25.66
N VAL A 65 -39.29 -54.04 25.16
CA VAL A 65 -38.96 -53.48 23.85
C VAL A 65 -38.65 -54.68 22.95
N LEU A 66 -39.40 -54.83 21.87
CA LEU A 66 -39.27 -55.99 20.96
C LEU A 66 -38.92 -55.44 19.59
N TYR A 67 -37.70 -55.72 19.13
CA TYR A 67 -37.21 -55.17 17.88
C TYR A 67 -36.77 -56.30 16.94
N GLY A 68 -36.69 -55.99 15.65
CA GLY A 68 -36.32 -57.01 14.69
C GLY A 68 -36.42 -56.48 13.29
N THR A 69 -35.86 -57.27 12.37
CA THR A 69 -35.89 -57.05 10.93
C THR A 69 -36.81 -58.09 10.33
N VAL A 70 -37.77 -57.65 9.50
CA VAL A 70 -38.68 -58.60 8.87
C VAL A 70 -37.87 -59.67 8.15
N GLY A 71 -38.32 -60.93 8.23
CA GLY A 71 -37.56 -62.00 7.64
C GLY A 71 -36.38 -62.46 8.45
N HIS A 72 -36.10 -61.83 9.58
CA HIS A 72 -35.01 -62.25 10.46
C HIS A 72 -35.49 -62.27 11.90
N SER A 73 -36.77 -62.49 12.12
CA SER A 73 -37.32 -62.40 13.47
C SER A 73 -38.52 -63.30 13.52
N PRO A 74 -38.40 -64.47 14.16
CA PRO A 74 -39.60 -65.30 14.35
C PRO A 74 -40.66 -64.59 15.17
N LEU A 75 -40.25 -63.78 16.18
CA LEU A 75 -41.21 -63.06 17.01
C LEU A 75 -42.06 -62.11 16.18
N LEU A 76 -41.42 -61.33 15.31
CA LEU A 76 -42.17 -60.43 14.44
C LEU A 76 -43.20 -61.19 13.61
N ASP A 77 -42.83 -62.37 13.12
CA ASP A 77 -43.78 -63.18 12.37
C ASP A 77 -44.93 -63.63 13.27
N GLU A 78 -44.63 -64.02 14.51
CA GLU A 78 -45.71 -64.44 15.42
C GLU A 78 -46.67 -63.29 15.69
N LEU A 79 -46.14 -62.10 15.99
CA LEU A 79 -46.97 -60.93 16.22
C LEU A 79 -47.86 -60.66 15.02
N ASN A 80 -47.28 -60.71 13.81
CA ASN A 80 -48.02 -60.53 12.59
C ASN A 80 -49.11 -61.58 12.44
N ALA A 81 -48.75 -62.86 12.66
CA ALA A 81 -49.72 -63.95 12.57
C ALA A 81 -50.89 -63.73 13.52
N ALA A 82 -50.62 -63.21 14.72
CA ALA A 82 -51.70 -62.97 15.67
C ALA A 82 -52.41 -61.65 15.40
N ALA A 83 -51.97 -60.89 14.40
CA ALA A 83 -52.59 -59.65 13.97
C ALA A 83 -52.44 -58.55 15.02
N LEU A 84 -51.35 -58.57 15.79
CA LEU A 84 -51.06 -57.44 16.66
C LEU A 84 -50.29 -56.34 15.94
N ILE A 85 -49.55 -56.70 14.89
CA ILE A 85 -48.92 -55.77 13.97
C ILE A 85 -49.30 -56.20 12.56
N ASP A 86 -49.07 -55.31 11.60
CA ASP A 86 -49.42 -55.54 10.19
C ASP A 86 -48.16 -55.30 9.37
N LEU A 87 -47.38 -56.35 9.18
CA LEU A 87 -46.11 -56.23 8.48
C LEU A 87 -46.28 -55.94 6.99
N THR A 88 -47.47 -56.10 6.41
CA THR A 88 -47.60 -55.71 5.01
C THR A 88 -47.43 -54.21 4.84
N GLU A 89 -47.55 -53.42 5.91
CA GLU A 89 -47.33 -51.99 5.80
C GLU A 89 -45.88 -51.64 5.45
N ILE A 90 -44.91 -52.48 5.78
CA ILE A 90 -43.51 -52.14 5.59
C ILE A 90 -42.76 -53.15 4.74
N ALA A 91 -43.31 -54.34 4.51
CA ALA A 91 -42.60 -55.40 3.79
C ALA A 91 -42.19 -54.93 2.39
N GLY A 92 -40.95 -55.24 2.02
CA GLY A 92 -40.45 -54.87 0.72
C GLY A 92 -39.99 -53.44 0.56
N LYS A 93 -40.34 -52.53 1.48
CA LYS A 93 -39.96 -51.12 1.37
C LYS A 93 -38.52 -50.92 1.81
N ARG A 94 -37.92 -49.81 1.36
CA ARG A 94 -36.51 -49.52 1.57
C ARG A 94 -36.36 -48.64 2.82
N GLU A 95 -35.61 -49.12 3.81
CA GLU A 95 -35.23 -48.34 4.98
C GLU A 95 -36.44 -47.73 5.69
N VAL A 96 -37.48 -48.55 5.89
CA VAL A 96 -38.67 -48.10 6.60
C VAL A 96 -38.80 -48.88 7.92
N PHE A 97 -39.49 -48.30 8.91
CA PHE A 97 -39.76 -49.10 10.11
C PHE A 97 -41.18 -48.83 10.62
N LEU A 98 -41.66 -49.79 11.40
CA LEU A 98 -42.88 -49.69 12.18
C LEU A 98 -42.49 -49.54 13.63
N PHE A 99 -43.15 -48.61 14.34
CA PHE A 99 -42.84 -48.26 15.71
C PHE A 99 -44.20 -48.26 16.39
N GLN A 100 -44.52 -49.31 17.14
CA GLN A 100 -45.90 -49.50 17.55
C GLN A 100 -45.96 -50.13 18.93
N VAL A 101 -46.88 -49.61 19.78
CA VAL A 101 -47.13 -50.19 21.09
C VAL A 101 -48.23 -51.22 20.93
N VAL A 102 -48.07 -52.38 21.59
CA VAL A 102 -48.99 -53.50 21.43
C VAL A 102 -49.29 -54.08 22.80
N ASP A 103 -50.51 -54.60 22.94
CA ASP A 103 -51.04 -55.06 24.21
C ASP A 103 -50.88 -56.58 24.29
N GLN A 104 -50.39 -57.05 25.45
CA GLN A 104 -50.29 -58.48 25.75
C GLN A 104 -49.65 -59.31 24.63
N PRO A 105 -48.46 -58.93 24.17
CA PRO A 105 -47.86 -59.61 23.00
C PRO A 105 -47.50 -61.07 23.24
N ILE A 106 -46.99 -61.40 24.42
CA ILE A 106 -46.60 -62.75 24.77
C ILE A 106 -46.84 -62.90 26.26
N GLN A 107 -46.76 -64.15 26.74
CA GLN A 107 -47.00 -64.42 28.15
C GLN A 107 -45.97 -63.71 29.02
N GLY A 108 -46.45 -63.09 30.10
CA GLY A 108 -45.59 -62.34 31.01
C GLY A 108 -45.37 -60.89 30.63
N VAL A 109 -45.56 -60.51 29.37
CA VAL A 109 -45.39 -59.14 28.89
C VAL A 109 -46.77 -58.49 28.73
N GLU A 110 -47.02 -57.40 29.49
CA GLU A 110 -48.29 -56.68 29.44
C GLU A 110 -48.36 -55.66 28.30
N LYS A 111 -47.26 -54.96 28.02
CA LYS A 111 -47.18 -53.97 26.95
C LYS A 111 -45.80 -54.09 26.36
N ALA A 112 -45.71 -53.86 25.06
CA ALA A 112 -44.43 -53.84 24.40
C ALA A 112 -44.40 -52.73 23.36
N LEU A 113 -43.23 -52.15 23.19
CA LEU A 113 -42.95 -51.32 22.05
C LEU A 113 -42.34 -52.22 20.97
N VAL A 114 -42.99 -52.32 19.82
CA VAL A 114 -42.45 -53.15 18.73
C VAL A 114 -41.75 -52.25 17.73
N ILE A 115 -40.51 -52.61 17.38
CA ILE A 115 -39.72 -51.85 16.41
C ILE A 115 -39.33 -52.84 15.31
N ALA A 116 -40.03 -52.77 14.18
CA ALA A 116 -39.84 -53.69 13.06
C ALA A 116 -39.27 -52.94 11.85
N GLY A 117 -38.07 -53.30 11.42
CA GLY A 117 -37.48 -52.74 10.20
C GLY A 117 -37.79 -53.56 8.96
N SER A 118 -37.95 -52.86 7.83
CA SER A 118 -38.15 -53.56 6.56
C SER A 118 -36.89 -54.26 6.10
N ASP A 119 -35.75 -53.82 6.59
CA ASP A 119 -34.43 -54.32 6.20
C ASP A 119 -33.50 -53.88 7.33
N LYS A 120 -32.20 -54.17 7.20
CA LYS A 120 -31.28 -53.87 8.29
C LYS A 120 -31.30 -52.39 8.67
N ARG A 121 -31.14 -51.50 7.69
CA ARG A 121 -31.04 -50.08 8.03
C ARG A 121 -32.38 -49.52 8.55
N GLY A 122 -33.51 -50.01 8.03
CA GLY A 122 -34.80 -49.65 8.59
C GLY A 122 -34.91 -50.00 10.06
N THR A 123 -34.43 -51.19 10.45
CA THR A 123 -34.45 -51.52 11.88
C THR A 123 -33.56 -50.58 12.66
N ILE A 124 -32.39 -50.25 12.11
CA ILE A 124 -31.46 -49.37 12.81
C ILE A 124 -32.06 -48.00 13.00
N TYR A 125 -32.73 -47.47 11.97
CA TYR A 125 -33.39 -46.16 12.10
C TYR A 125 -34.52 -46.20 13.13
N GLY A 126 -35.20 -47.34 13.24
CA GLY A 126 -36.30 -47.45 14.20
C GLY A 126 -35.80 -47.52 15.63
N LEU A 127 -34.71 -48.26 15.84
CA LEU A 127 -34.02 -48.25 17.14
C LEU A 127 -33.61 -46.85 17.54
N PHE A 128 -32.96 -46.11 16.64
CA PHE A 128 -32.58 -44.76 17.00
C PHE A 128 -33.79 -43.84 17.12
N HIS A 129 -34.93 -44.18 16.51
CA HIS A 129 -36.15 -43.43 16.78
C HIS A 129 -36.55 -43.54 18.24
N LEU A 130 -36.38 -44.73 18.84
CA LEU A 130 -36.60 -44.82 20.29
C LEU A 130 -35.68 -43.86 21.03
N SER A 131 -34.40 -43.86 20.64
CA SER A 131 -33.41 -42.95 21.22
C SER A 131 -33.86 -41.49 21.11
N GLU A 132 -34.41 -41.13 19.96
CA GLU A 132 -34.92 -39.77 19.72
C GLU A 132 -36.09 -39.42 20.65
N LYS A 133 -37.03 -40.35 20.83
CA LYS A 133 -38.16 -40.13 21.73
C LYS A 133 -37.73 -40.06 23.20
N LEU A 134 -36.63 -40.70 23.55
CA LEU A 134 -36.10 -40.53 24.89
C LEU A 134 -35.29 -39.26 25.03
N GLY A 135 -35.20 -38.44 23.97
CA GLY A 135 -34.53 -37.16 24.07
C GLY A 135 -33.04 -37.21 23.79
N VAL A 136 -32.54 -38.26 23.17
CA VAL A 136 -31.12 -38.42 22.96
C VAL A 136 -30.75 -37.85 21.59
N SER A 137 -29.78 -36.96 21.59
CA SER A 137 -29.36 -36.33 20.35
C SER A 137 -28.55 -37.30 19.48
N PRO A 138 -28.62 -37.16 18.15
CA PRO A 138 -27.70 -37.91 17.26
C PRO A 138 -26.23 -37.65 17.54
N LEU A 139 -25.91 -36.56 18.20
CA LEU A 139 -24.56 -36.16 18.57
C LEU A 139 -24.18 -36.59 19.97
N VAL A 140 -24.99 -37.44 20.60
CA VAL A 140 -24.72 -37.91 21.98
C VAL A 140 -23.28 -38.42 22.11
N ASP A 141 -22.82 -39.22 21.16
CA ASP A 141 -21.46 -39.73 21.22
C ASP A 141 -20.46 -38.81 20.53
N TRP A 142 -20.80 -38.30 19.35
CA TRP A 142 -19.88 -37.52 18.55
C TRP A 142 -19.45 -36.22 19.25
N SER A 143 -20.39 -35.50 19.87
CA SER A 143 -20.11 -34.21 20.49
C SER A 143 -20.26 -34.24 22.01
N GLY A 144 -20.54 -35.40 22.59
CA GLY A 144 -20.79 -35.45 24.02
C GLY A 144 -22.03 -34.68 24.47
N VAL A 145 -23.12 -34.77 23.73
CA VAL A 145 -24.37 -34.12 24.12
C VAL A 145 -25.11 -35.07 25.05
N LEU A 146 -25.08 -34.79 26.36
CA LEU A 146 -25.77 -35.66 27.33
C LEU A 146 -27.28 -35.39 27.32
N PRO A 147 -28.13 -36.41 27.30
CA PRO A 147 -29.56 -36.15 27.30
C PRO A 147 -30.06 -35.71 28.67
N ALA A 148 -31.16 -34.96 28.67
CA ALA A 148 -31.82 -34.65 29.94
C ALA A 148 -32.25 -35.92 30.66
N ARG A 149 -32.02 -35.97 31.96
CA ARG A 149 -32.43 -37.09 32.80
C ARG A 149 -33.96 -37.18 32.91
N LYS A 150 -34.48 -38.42 32.96
CA LYS A 150 -35.90 -38.69 33.12
C LYS A 150 -36.09 -39.70 34.25
N GLU A 151 -37.19 -39.56 34.98
CA GLU A 151 -37.60 -40.64 35.88
C GLU A 151 -38.54 -41.62 35.19
N SER A 152 -39.28 -41.18 34.17
CA SER A 152 -40.31 -42.01 33.55
C SER A 152 -40.62 -41.46 32.17
N PHE A 153 -41.14 -42.34 31.31
CA PHE A 153 -41.38 -42.11 29.89
C PHE A 153 -42.62 -42.92 29.54
N SER A 154 -43.53 -42.34 28.75
CA SER A 154 -44.70 -43.11 28.38
C SER A 154 -45.08 -42.88 26.93
N LEU A 155 -45.73 -43.89 26.34
CA LEU A 155 -46.35 -43.79 25.02
C LEU A 155 -47.76 -44.32 25.14
N LYS A 156 -48.70 -43.68 24.46
CA LYS A 156 -50.08 -44.12 24.48
C LYS A 156 -50.18 -45.60 24.07
N GLY A 157 -51.18 -46.29 24.61
CA GLY A 157 -51.30 -47.73 24.39
C GLY A 157 -51.51 -48.14 22.93
N ASP A 158 -51.90 -47.21 22.07
CA ASP A 158 -52.06 -47.51 20.65
C ASP A 158 -51.12 -46.65 19.79
N TYR A 159 -50.02 -46.15 20.37
CA TYR A 159 -49.01 -45.47 19.59
C TYR A 159 -48.63 -46.31 18.38
N LYS A 160 -48.57 -45.67 17.21
CA LYS A 160 -48.19 -46.35 15.98
C LYS A 160 -47.64 -45.34 15.00
N TYR A 161 -46.44 -45.60 14.49
CA TYR A 161 -45.82 -44.73 13.50
C TYR A 161 -45.13 -45.64 12.49
N VAL A 162 -45.35 -45.37 11.19
CA VAL A 162 -44.69 -46.06 10.08
C VAL A 162 -43.89 -45.01 9.28
N SER A 163 -42.56 -45.12 9.28
CA SER A 163 -41.72 -44.12 8.60
C SER A 163 -41.96 -44.19 7.08
N LYS A 164 -41.38 -43.25 6.33
CA LYS A 164 -41.52 -43.27 4.86
C LYS A 164 -40.17 -43.53 4.20
N GLU A 165 -40.14 -44.10 2.99
CA GLU A 165 -38.86 -44.37 2.36
C GLU A 165 -38.08 -43.05 2.24
N PRO A 166 -36.77 -43.07 2.44
CA PRO A 166 -36.00 -41.81 2.32
C PRO A 166 -36.15 -41.18 0.95
N SER A 167 -36.22 -39.84 0.92
CA SER A 167 -36.42 -39.15 -0.35
C SER A 167 -35.22 -39.33 -1.27
N VAL A 168 -34.02 -39.46 -0.71
CA VAL A 168 -32.82 -39.66 -1.53
C VAL A 168 -32.25 -41.06 -1.21
N LYS A 169 -31.95 -41.83 -2.25
CA LYS A 169 -31.64 -43.25 -2.04
C LYS A 169 -30.32 -43.47 -1.26
N TYR A 170 -29.26 -42.74 -1.62
CA TYR A 170 -27.96 -42.83 -0.94
C TYR A 170 -27.57 -41.46 -0.38
N ARG A 171 -27.23 -41.42 0.92
CA ARG A 171 -27.17 -40.15 1.67
C ARG A 171 -25.97 -40.22 2.60
N GLY A 172 -25.01 -39.32 2.48
CA GLY A 172 -23.91 -39.39 3.42
C GLY A 172 -22.89 -38.28 3.25
N PHE A 173 -21.66 -38.59 3.68
CA PHE A 173 -20.60 -37.62 3.68
C PHE A 173 -19.23 -38.28 3.42
N PHE A 174 -18.27 -37.40 3.20
CA PHE A 174 -16.89 -37.70 2.79
C PHE A 174 -15.99 -37.04 3.82
N ILE A 175 -15.27 -37.85 4.58
CA ILE A 175 -14.19 -37.34 5.43
C ILE A 175 -13.00 -37.02 4.52
N ASN A 176 -12.66 -35.73 4.38
CA ASN A 176 -11.62 -35.34 3.44
C ASN A 176 -10.76 -34.25 4.06
N ASP A 177 -9.74 -33.80 3.32
CA ASP A 177 -8.89 -32.71 3.77
C ASP A 177 -8.45 -32.94 5.22
N GLU A 178 -8.07 -34.19 5.51
CA GLU A 178 -8.08 -34.64 6.89
C GLU A 178 -6.74 -34.43 7.60
N TRP A 179 -5.76 -33.81 6.94
CA TRP A 179 -4.52 -33.47 7.62
C TRP A 179 -4.39 -31.95 7.64
N PRO A 180 -3.90 -31.38 8.76
CA PRO A 180 -3.36 -32.08 9.93
C PRO A 180 -4.40 -32.46 11.01
N ALA A 181 -5.58 -31.86 10.95
CA ALA A 181 -6.57 -32.01 12.02
C ALA A 181 -6.97 -33.47 12.30
N PHE A 182 -7.76 -34.09 11.42
CA PHE A 182 -8.29 -35.43 11.66
C PHE A 182 -7.18 -36.44 11.92
N GLY A 183 -6.07 -36.32 11.20
CA GLY A 183 -4.98 -37.27 11.39
C GLY A 183 -4.47 -37.28 12.82
N ASN A 184 -4.12 -36.11 13.34
CA ASN A 184 -3.68 -35.99 14.73
C ASN A 184 -4.78 -36.41 15.71
N TRP A 185 -6.03 -36.09 15.39
CA TRP A 185 -7.14 -36.44 16.27
C TRP A 185 -7.28 -37.96 16.36
N SER A 186 -7.34 -38.61 15.19
CA SER A 186 -7.42 -40.08 15.13
C SER A 186 -6.24 -40.73 15.85
N ALA A 187 -5.01 -40.27 15.58
CA ALA A 187 -3.82 -40.86 16.23
C ALA A 187 -3.91 -40.75 17.75
N LYS A 188 -4.14 -39.54 18.28
CA LYS A 188 -4.17 -39.35 19.73
C LYS A 188 -5.30 -40.14 20.39
N ASN A 189 -6.50 -40.13 19.81
CA ASN A 189 -7.66 -40.72 20.47
C ASN A 189 -7.89 -42.19 20.13
N PHE A 190 -7.27 -42.71 19.07
CA PHE A 190 -7.59 -44.08 18.65
C PHE A 190 -6.42 -44.85 18.08
N GLY A 191 -5.26 -44.25 17.90
CA GLY A 191 -4.15 -44.95 17.26
C GLY A 191 -4.19 -45.02 15.74
N GLY A 192 -5.18 -44.44 15.09
CA GLY A 192 -5.16 -44.32 13.65
C GLY A 192 -6.55 -44.40 13.05
N PHE A 193 -6.57 -44.61 11.73
CA PHE A 193 -7.84 -44.66 11.00
C PHE A 193 -8.37 -46.10 10.99
N ASN A 194 -8.59 -46.63 12.19
CA ASN A 194 -8.90 -48.04 12.39
C ASN A 194 -10.35 -48.22 12.77
N ALA A 195 -10.74 -49.47 13.04
CA ALA A 195 -12.14 -49.79 13.29
C ALA A 195 -12.65 -49.13 14.56
N GLU A 196 -11.77 -48.93 15.54
CA GLU A 196 -12.18 -48.29 16.78
C GLU A 196 -12.63 -46.85 16.52
N MET A 197 -11.86 -46.14 15.72
CA MET A 197 -12.26 -44.80 15.33
C MET A 197 -13.51 -44.83 14.45
N TYR A 198 -13.55 -45.73 13.44
CA TYR A 198 -14.63 -45.68 12.47
C TYR A 198 -15.97 -46.07 13.07
N ASP A 199 -15.96 -46.82 14.17
CA ASP A 199 -17.22 -47.14 14.85
C ASP A 199 -17.96 -45.86 15.24
N HIS A 200 -17.24 -44.84 15.69
CA HIS A 200 -17.89 -43.55 16.02
C HIS A 200 -18.41 -42.81 14.76
N VAL A 201 -17.65 -42.87 13.68
CA VAL A 201 -18.09 -42.30 12.40
C VAL A 201 -19.35 -43.02 11.92
N PHE A 202 -19.34 -44.36 11.94
CA PHE A 202 -20.52 -45.09 11.49
C PHE A 202 -21.73 -44.74 12.34
N GLU A 203 -21.55 -44.62 13.66
CA GLU A 203 -22.68 -44.31 14.53
C GLU A 203 -23.26 -42.94 14.23
N LEU A 204 -22.38 -41.94 14.04
CA LEU A 204 -22.85 -40.60 13.71
C LEU A 204 -23.65 -40.61 12.42
N LEU A 205 -23.13 -41.27 11.38
CA LEU A 205 -23.81 -41.36 10.09
C LEU A 205 -25.21 -41.97 10.25
N LEU A 206 -25.31 -43.11 10.92
CA LEU A 206 -26.59 -43.78 11.04
C LEU A 206 -27.56 -43.02 11.95
N ARG A 207 -27.05 -42.34 12.99
CA ARG A 207 -27.95 -41.54 13.83
C ARG A 207 -28.53 -40.38 13.06
N LEU A 208 -27.78 -39.84 12.09
CA LEU A 208 -28.29 -38.80 11.22
C LEU A 208 -29.10 -39.37 10.06
N LYS A 209 -29.38 -40.66 10.07
CA LYS A 209 -30.17 -41.36 9.06
C LYS A 209 -29.48 -41.43 7.70
N GLY A 210 -28.15 -41.26 7.67
CA GLY A 210 -27.38 -41.47 6.47
C GLY A 210 -27.12 -42.96 6.25
N ASN A 211 -26.64 -43.30 5.04
CA ASN A 211 -26.33 -44.70 4.76
C ASN A 211 -25.08 -44.88 3.90
N TYR A 212 -24.33 -43.82 3.58
CA TYR A 212 -23.28 -43.90 2.56
C TYR A 212 -22.08 -43.07 3.02
N LEU A 213 -20.87 -43.59 2.83
CA LEU A 213 -19.67 -42.93 3.33
C LEU A 213 -18.52 -43.02 2.32
N TRP A 214 -17.82 -41.90 2.09
CA TRP A 214 -16.48 -41.93 1.54
C TRP A 214 -15.49 -41.75 2.70
N PRO A 215 -14.61 -42.70 2.94
CA PRO A 215 -13.71 -42.63 4.09
C PRO A 215 -12.50 -41.76 3.80
N ALA A 216 -11.74 -41.51 4.86
CA ALA A 216 -10.49 -40.79 4.71
C ALA A 216 -9.55 -41.56 3.80
N MET A 217 -8.81 -40.83 2.97
CA MET A 217 -8.05 -41.43 1.89
C MET A 217 -6.73 -40.73 1.61
N TRP A 218 -6.36 -39.68 2.35
CA TRP A 218 -5.12 -38.99 1.99
C TRP A 218 -3.89 -39.77 2.42
N SER A 219 -3.77 -40.10 3.71
CA SER A 219 -2.68 -40.93 4.22
C SER A 219 -3.25 -42.13 4.97
N ALA A 220 -4.28 -42.72 4.39
CA ALA A 220 -5.02 -43.81 5.00
C ALA A 220 -5.48 -44.73 3.89
N ARG A 221 -5.67 -46.00 4.23
CA ARG A 221 -6.23 -46.99 3.31
C ARG A 221 -7.33 -47.70 4.07
N PHE A 222 -8.57 -47.34 3.75
CA PHE A 222 -9.71 -47.82 4.52
C PHE A 222 -9.75 -49.34 4.46
N ASN A 223 -9.41 -49.94 3.32
CA ASN A 223 -9.48 -51.42 3.17
C ASN A 223 -8.37 -52.17 3.89
N ASP A 224 -7.36 -51.45 4.42
CA ASP A 224 -6.17 -52.06 4.98
C ASP A 224 -5.84 -51.65 6.41
N ASP A 225 -6.50 -50.62 6.95
CA ASP A 225 -6.09 -49.96 8.20
C ASP A 225 -6.92 -50.40 9.40
N GLY A 226 -7.72 -51.46 9.26
CA GLY A 226 -8.70 -51.83 10.25
C GLY A 226 -8.17 -52.05 11.65
N PRO A 227 -7.00 -52.69 11.83
CA PRO A 227 -6.02 -53.31 10.91
C PRO A 227 -6.69 -54.27 9.90
N GLY A 228 -6.01 -54.55 8.78
CA GLY A 228 -6.58 -55.40 7.76
C GLY A 228 -7.93 -54.89 7.31
N LEU A 229 -8.86 -55.82 7.08
CA LEU A 229 -10.20 -55.53 6.59
C LEU A 229 -11.19 -55.15 7.67
N ALA A 230 -10.77 -54.91 8.92
CA ALA A 230 -11.75 -54.66 9.97
C ALA A 230 -12.63 -53.42 9.73
N ASN A 231 -12.15 -52.39 9.03
CA ASN A 231 -13.04 -51.24 8.77
C ASN A 231 -14.17 -51.65 7.81
N VAL A 232 -13.79 -52.31 6.72
CA VAL A 232 -14.73 -52.79 5.73
C VAL A 232 -15.73 -53.75 6.37
N GLU A 233 -15.22 -54.68 7.18
CA GLU A 233 -16.11 -55.66 7.78
C GLU A 233 -17.12 -54.97 8.70
N LEU A 234 -16.67 -53.98 9.47
CA LEU A 234 -17.56 -53.28 10.41
C LEU A 234 -18.62 -52.47 9.67
N ALA A 235 -18.21 -51.75 8.62
CA ALA A 235 -19.19 -51.00 7.83
C ALA A 235 -20.29 -51.93 7.30
N ASP A 236 -19.88 -53.05 6.73
CA ASP A 236 -20.80 -54.00 6.14
C ASP A 236 -21.73 -54.60 7.21
N GLU A 237 -21.22 -54.85 8.41
CA GLU A 237 -22.06 -55.32 9.52
C GLU A 237 -23.16 -54.29 9.85
N TYR A 238 -22.80 -53.02 9.94
CA TYR A 238 -23.78 -52.00 10.24
C TYR A 238 -24.66 -51.64 9.04
N GLY A 239 -24.31 -52.07 7.83
CA GLY A 239 -25.04 -51.60 6.66
C GLY A 239 -24.70 -50.18 6.26
N VAL A 240 -23.53 -49.66 6.65
CA VAL A 240 -22.99 -48.44 6.06
C VAL A 240 -22.45 -48.82 4.68
N ILE A 241 -23.04 -48.26 3.63
CA ILE A 241 -22.64 -48.55 2.25
C ILE A 241 -21.37 -47.76 1.96
N MET A 242 -20.31 -48.45 1.57
CA MET A 242 -19.06 -47.73 1.36
C MET A 242 -19.00 -47.21 -0.08
N GLY A 243 -18.40 -46.03 -0.25
CA GLY A 243 -18.10 -45.60 -1.61
C GLY A 243 -16.71 -45.01 -1.70
N ALA A 244 -16.43 -44.38 -2.83
CA ALA A 244 -15.10 -43.86 -3.06
C ALA A 244 -15.20 -42.63 -3.94
N SER A 245 -14.21 -41.75 -3.80
CA SER A 245 -14.26 -40.50 -4.51
C SER A 245 -14.05 -40.74 -6.01
N HIS A 246 -14.17 -39.63 -6.73
CA HIS A 246 -14.14 -39.57 -8.19
C HIS A 246 -12.91 -40.20 -8.82
N HIS A 247 -11.83 -40.27 -8.07
CA HIS A 247 -10.60 -40.86 -8.57
C HIS A 247 -10.21 -42.15 -7.92
N GLU A 248 -11.15 -42.90 -7.38
CA GLU A 248 -10.85 -44.16 -6.72
C GLU A 248 -11.75 -45.27 -7.26
N PRO A 249 -11.60 -45.64 -8.53
CA PRO A 249 -12.48 -46.66 -9.12
C PRO A 249 -12.19 -48.09 -8.68
N CYS A 250 -13.25 -48.91 -8.79
CA CYS A 250 -13.19 -50.36 -8.66
C CYS A 250 -12.71 -50.78 -7.27
N LEU A 251 -13.15 -50.05 -6.26
CA LEU A 251 -12.99 -50.39 -4.84
C LEU A 251 -11.54 -50.30 -4.37
N ARG A 252 -10.78 -49.44 -5.03
CA ARG A 252 -9.37 -49.18 -4.71
C ARG A 252 -9.25 -47.75 -4.19
N TYR A 253 -8.91 -47.58 -2.91
CA TYR A 253 -8.73 -46.20 -2.44
C TYR A 253 -7.38 -45.64 -2.91
N GLY A 254 -7.25 -44.30 -2.82
CA GLY A 254 -6.23 -43.59 -3.57
C GLY A 254 -4.81 -43.95 -3.22
N GLU A 255 -4.56 -44.44 -2.00
CA GLU A 255 -3.19 -44.76 -1.61
C GLU A 255 -2.80 -46.22 -1.90
N GLU A 256 -3.76 -47.09 -2.28
CA GLU A 256 -3.45 -48.50 -2.46
C GLU A 256 -2.37 -48.69 -3.53
N TYR A 257 -2.51 -48.01 -4.68
CA TYR A 257 -1.61 -48.29 -5.79
C TYR A 257 -0.16 -47.96 -5.45
N LYS A 258 0.04 -46.96 -4.60
CA LYS A 258 1.39 -46.56 -4.22
C LYS A 258 2.18 -47.72 -3.61
N TYR A 259 1.53 -48.62 -2.87
CA TYR A 259 2.22 -49.73 -2.19
C TYR A 259 2.29 -50.99 -3.03
N LEU A 260 1.43 -51.12 -4.05
CA LEU A 260 1.34 -52.33 -4.87
C LEU A 260 2.03 -52.20 -6.22
N ARG A 261 2.41 -50.98 -6.62
CA ARG A 261 3.00 -50.76 -7.93
C ARG A 261 4.50 -51.05 -7.91
N GLY A 262 5.09 -51.16 -9.10
CA GLY A 262 6.51 -51.31 -9.21
C GLY A 262 6.96 -51.91 -10.54
N PRO A 263 8.25 -51.77 -10.84
CA PRO A 263 8.79 -52.29 -12.12
C PRO A 263 8.52 -53.76 -12.40
N ASP A 264 8.38 -54.59 -11.37
CA ASP A 264 8.17 -56.03 -11.53
C ASP A 264 6.84 -56.48 -10.96
N SER A 265 5.93 -55.55 -10.76
CA SER A 265 4.61 -55.82 -10.21
C SER A 265 3.65 -56.27 -11.29
N ILE A 266 2.77 -57.20 -10.94
CA ILE A 266 1.64 -57.52 -11.83
C ILE A 266 0.74 -56.32 -12.10
N TYR A 267 0.86 -55.25 -11.31
CA TYR A 267 0.06 -54.05 -11.50
C TYR A 267 0.82 -52.95 -12.25
N GLY A 268 2.04 -53.23 -12.72
CA GLY A 268 2.84 -52.25 -13.45
C GLY A 268 3.29 -51.11 -12.54
N ASP A 269 3.78 -50.05 -13.19
CA ASP A 269 4.32 -48.89 -12.46
C ASP A 269 3.98 -47.60 -13.21
N ALA A 270 2.70 -47.42 -13.48
CA ALA A 270 2.22 -46.26 -14.24
C ALA A 270 0.71 -46.18 -14.07
N TRP A 271 0.22 -45.08 -13.48
CA TRP A 271 -1.23 -44.85 -13.38
C TRP A 271 -1.68 -44.33 -14.74
N ASN A 272 -1.83 -45.25 -15.68
CA ASN A 272 -1.92 -44.92 -17.09
C ASN A 272 -2.52 -46.12 -17.81
N PHE A 273 -3.79 -46.01 -18.20
CA PHE A 273 -4.48 -47.11 -18.87
C PHE A 273 -3.98 -47.33 -20.28
N ILE A 274 -3.31 -46.34 -20.87
CA ILE A 274 -2.75 -46.50 -22.21
C ILE A 274 -1.46 -47.31 -22.17
N THR A 275 -0.49 -46.88 -21.36
CA THR A 275 0.82 -47.53 -21.37
C THR A 275 0.92 -48.70 -20.41
N ASN A 276 0.05 -48.78 -19.40
CA ASN A 276 0.05 -49.87 -18.44
C ASN A 276 -1.37 -50.46 -18.38
N ARG A 277 -1.89 -50.86 -19.53
CA ARG A 277 -3.27 -51.34 -19.58
C ARG A 277 -3.47 -52.58 -18.69
N GLU A 278 -2.63 -53.59 -18.88
CA GLU A 278 -2.84 -54.87 -18.18
C GLU A 278 -2.60 -54.75 -16.67
N GLY A 279 -1.59 -53.98 -16.27
CA GLY A 279 -1.36 -53.76 -14.85
C GLY A 279 -2.55 -53.09 -14.17
N ILE A 280 -3.09 -52.03 -14.78
CA ILE A 280 -4.21 -51.32 -14.17
C ILE A 280 -5.45 -52.20 -14.15
N THR A 281 -5.64 -53.03 -15.18
CA THR A 281 -6.79 -53.93 -15.23
C THR A 281 -6.73 -54.98 -14.14
N LYS A 282 -5.57 -55.61 -13.93
CA LYS A 282 -5.43 -56.59 -12.87
C LYS A 282 -5.51 -55.92 -11.50
N PHE A 283 -5.09 -54.66 -11.41
CA PHE A 283 -5.27 -53.89 -10.18
C PHE A 283 -6.76 -53.76 -9.84
N TRP A 284 -7.60 -53.36 -10.81
CA TRP A 284 -9.03 -53.23 -10.60
C TRP A 284 -9.69 -54.58 -10.34
N GLU A 285 -9.25 -55.61 -11.06
CA GLU A 285 -9.74 -56.98 -10.82
C GLU A 285 -9.46 -57.46 -9.39
N ASP A 286 -8.22 -57.30 -8.91
CA ASP A 286 -7.92 -57.73 -7.54
C ASP A 286 -8.67 -56.88 -6.51
N GLY A 287 -8.91 -55.61 -6.81
CA GLY A 287 -9.73 -54.79 -5.93
C GLY A 287 -11.17 -55.28 -5.85
N LEU A 288 -11.75 -55.63 -6.99
CA LEU A 288 -13.13 -56.09 -6.99
C LEU A 288 -13.25 -57.47 -6.33
N LYS A 289 -12.27 -58.33 -6.52
CA LYS A 289 -12.26 -59.62 -5.82
C LYS A 289 -12.12 -59.44 -4.32
N ARG A 290 -11.42 -58.39 -3.86
CA ARG A 290 -11.10 -58.28 -2.44
C ARG A 290 -12.27 -57.76 -1.62
N THR A 291 -13.02 -56.77 -2.10
CA THR A 291 -14.13 -56.25 -1.31
C THR A 291 -15.43 -56.19 -2.10
N GLY A 292 -15.51 -56.87 -3.25
CA GLY A 292 -16.73 -56.80 -4.05
C GLY A 292 -17.95 -57.41 -3.39
N HIS A 293 -17.78 -58.24 -2.38
CA HIS A 293 -18.93 -58.90 -1.78
C HIS A 293 -19.50 -58.14 -0.58
N PHE A 294 -18.87 -57.04 -0.19
CA PHE A 294 -19.42 -56.16 0.84
C PHE A 294 -20.37 -55.17 0.19
N GLU A 295 -21.13 -54.44 1.02
CA GLU A 295 -22.14 -53.52 0.50
C GLU A 295 -21.46 -52.19 0.15
N ASN A 296 -21.44 -51.84 -1.13
CA ASN A 296 -20.74 -50.62 -1.54
C ASN A 296 -21.31 -50.17 -2.88
N ILE A 297 -20.93 -48.97 -3.28
CA ILE A 297 -21.19 -48.49 -4.63
C ILE A 297 -19.84 -48.41 -5.31
N ILE A 298 -19.73 -49.06 -6.46
CA ILE A 298 -18.46 -49.11 -7.19
C ILE A 298 -18.32 -47.85 -8.03
N THR A 299 -17.24 -47.12 -7.82
CA THR A 299 -16.99 -45.95 -8.66
C THR A 299 -16.32 -46.43 -9.94
N ILE A 300 -16.75 -45.87 -11.07
CA ILE A 300 -16.15 -46.23 -12.36
C ILE A 300 -15.56 -44.96 -12.98
N GLY A 301 -14.82 -45.12 -14.07
CA GLY A 301 -14.09 -44.01 -14.64
C GLY A 301 -12.63 -44.04 -14.23
N MET A 302 -11.92 -42.93 -14.52
CA MET A 302 -10.51 -42.83 -14.11
C MET A 302 -9.94 -41.40 -14.17
N ARG A 303 -9.60 -40.86 -12.99
CA ARG A 303 -8.98 -39.55 -12.88
C ARG A 303 -7.56 -39.74 -12.33
N GLY A 304 -6.71 -38.71 -12.45
CA GLY A 304 -5.35 -38.82 -11.96
C GLY A 304 -5.31 -39.00 -10.45
N GLU A 305 -4.12 -39.38 -9.98
CA GLU A 305 -3.91 -39.65 -8.56
C GLU A 305 -3.83 -38.36 -7.76
N ALA A 306 -4.43 -38.40 -6.57
CA ALA A 306 -4.49 -37.24 -5.67
C ALA A 306 -5.14 -36.04 -6.35
N ASP A 307 -6.36 -36.26 -6.87
CA ASP A 307 -7.21 -35.21 -7.44
C ASP A 307 -6.45 -34.39 -8.49
N THR A 308 -5.95 -35.09 -9.51
CA THR A 308 -5.36 -34.48 -10.70
C THR A 308 -6.14 -34.90 -11.94
N LYS A 309 -5.79 -34.29 -13.06
CA LYS A 309 -6.27 -34.76 -14.36
C LYS A 309 -5.55 -36.04 -14.77
N ILE A 310 -6.30 -36.97 -15.39
CA ILE A 310 -5.69 -38.22 -15.86
C ILE A 310 -4.70 -37.95 -17.00
N MET A 311 -4.99 -36.98 -17.86
CA MET A 311 -4.18 -36.66 -19.02
C MET A 311 -3.50 -35.30 -18.84
N GLY A 312 -2.55 -35.02 -19.74
CA GLY A 312 -1.73 -33.83 -19.63
C GLY A 312 -2.40 -32.58 -20.18
N GLU A 313 -1.60 -31.52 -20.31
CA GLU A 313 -2.11 -30.27 -20.86
C GLU A 313 -2.37 -30.37 -22.35
N ASP A 314 -1.59 -31.19 -23.06
CA ASP A 314 -1.73 -31.36 -24.50
C ASP A 314 -2.86 -32.32 -24.87
N ALA A 315 -3.61 -32.83 -23.90
CA ALA A 315 -4.69 -33.77 -24.19
C ALA A 315 -5.86 -33.05 -24.85
N THR A 316 -6.33 -33.60 -25.95
CA THR A 316 -7.50 -33.10 -26.62
C THR A 316 -8.76 -33.44 -25.80
N LEU A 317 -9.90 -33.01 -26.29
CA LEU A 317 -11.16 -33.42 -25.68
C LEU A 317 -11.60 -34.79 -26.18
N GLU A 318 -11.35 -35.12 -27.45
CA GLU A 318 -11.73 -36.45 -27.92
C GLU A 318 -10.83 -37.53 -27.32
N ASP A 319 -9.57 -37.21 -27.02
CA ASP A 319 -8.70 -38.21 -26.40
C ASP A 319 -9.16 -38.52 -24.98
N ASN A 320 -9.51 -37.47 -24.24
CA ASN A 320 -10.00 -37.66 -22.88
C ASN A 320 -11.27 -38.51 -22.92
N ILE A 321 -12.11 -38.27 -23.92
CA ILE A 321 -13.36 -39.00 -24.05
C ILE A 321 -13.12 -40.41 -24.60
N ASN A 322 -12.18 -40.56 -25.54
CA ASN A 322 -11.83 -41.89 -26.04
C ASN A 322 -11.29 -42.79 -24.94
N LEU A 323 -10.57 -42.22 -23.97
CA LEU A 323 -10.02 -43.00 -22.88
C LEU A 323 -11.12 -43.46 -21.92
N LEU A 324 -11.95 -42.52 -21.42
CA LEU A 324 -13.00 -42.88 -20.47
C LEU A 324 -13.94 -43.94 -21.04
N ARG A 325 -14.27 -43.85 -22.32
CA ARG A 325 -15.10 -44.88 -22.92
C ARG A 325 -14.45 -46.25 -22.81
N ASP A 326 -13.11 -46.29 -22.95
CA ASP A 326 -12.38 -47.55 -22.94
C ASP A 326 -12.30 -48.10 -21.53
N VAL A 327 -11.90 -47.25 -20.59
CA VAL A 327 -11.85 -47.66 -19.20
C VAL A 327 -13.19 -48.26 -18.76
N ILE A 328 -14.28 -47.51 -18.93
CA ILE A 328 -15.59 -47.92 -18.42
C ILE A 328 -16.00 -49.26 -19.00
N GLN A 329 -15.81 -49.46 -20.31
CA GLN A 329 -16.13 -50.75 -20.89
C GLN A 329 -15.37 -51.88 -20.20
N THR A 330 -14.10 -51.63 -19.85
CA THR A 330 -13.28 -52.64 -19.16
C THR A 330 -13.80 -52.88 -17.75
N GLN A 331 -14.06 -51.81 -17.01
CA GLN A 331 -14.50 -51.93 -15.62
C GLN A 331 -15.80 -52.72 -15.53
N ASN A 332 -16.77 -52.43 -16.40
CA ASN A 332 -18.02 -53.18 -16.38
C ASN A 332 -17.80 -54.66 -16.60
N LYS A 333 -16.86 -55.00 -17.48
CA LYS A 333 -16.54 -56.41 -17.78
C LYS A 333 -15.98 -57.09 -16.54
N LEU A 334 -15.06 -56.42 -15.86
CA LEU A 334 -14.54 -56.90 -14.58
C LEU A 334 -15.65 -57.07 -13.54
N ILE A 335 -16.56 -56.10 -13.46
CA ILE A 335 -17.60 -56.18 -12.43
C ILE A 335 -18.52 -57.38 -12.70
N LYS A 336 -18.86 -57.59 -13.96
CA LYS A 336 -19.69 -58.71 -14.33
C LYS A 336 -18.99 -60.04 -13.99
N GLU A 337 -17.67 -60.09 -14.13
CA GLU A 337 -16.95 -61.37 -13.94
C GLU A 337 -16.70 -61.70 -12.48
N HIS A 338 -16.50 -60.69 -11.63
CA HIS A 338 -16.01 -60.90 -10.28
C HIS A 338 -16.89 -60.37 -9.17
N VAL A 339 -18.03 -59.73 -9.50
CA VAL A 339 -18.91 -59.18 -8.48
C VAL A 339 -20.30 -59.79 -8.66
N ASN A 340 -20.90 -59.62 -9.83
CA ASN A 340 -22.24 -60.12 -10.10
C ASN A 340 -22.51 -60.12 -11.59
N PRO A 341 -22.87 -61.27 -12.17
CA PRO A 341 -23.14 -61.31 -13.63
C PRO A 341 -24.26 -60.37 -14.10
N ASN A 342 -25.14 -59.96 -13.21
CA ASN A 342 -26.24 -59.06 -13.56
C ASN A 342 -25.84 -57.64 -13.22
N LEU A 343 -25.28 -56.95 -14.20
CA LEU A 343 -24.82 -55.57 -14.01
C LEU A 343 -25.88 -54.66 -13.40
N LYS A 344 -27.16 -54.84 -13.75
CA LYS A 344 -28.19 -53.98 -13.19
C LYS A 344 -28.33 -54.13 -11.67
N GLU A 345 -27.88 -55.25 -11.11
CA GLU A 345 -27.92 -55.43 -9.68
C GLU A 345 -26.70 -54.82 -8.97
N VAL A 346 -25.79 -54.20 -9.70
CA VAL A 346 -24.58 -53.69 -9.05
C VAL A 346 -24.61 -52.17 -9.06
N PRO A 347 -24.73 -51.52 -7.91
CA PRO A 347 -24.72 -50.05 -7.88
C PRO A 347 -23.35 -49.52 -8.32
N ARG A 348 -23.37 -48.65 -9.31
CA ARG A 348 -22.15 -48.04 -9.82
C ARG A 348 -22.39 -46.56 -10.00
N MET A 349 -21.30 -45.79 -9.98
CA MET A 349 -21.36 -44.33 -10.03
C MET A 349 -20.21 -43.81 -10.88
N LEU A 350 -20.51 -42.83 -11.74
CA LEU A 350 -19.50 -42.14 -12.52
C LEU A 350 -19.54 -40.67 -12.10
N ALA A 351 -18.42 -40.15 -11.64
CA ALA A 351 -18.36 -38.78 -11.17
C ALA A 351 -18.15 -37.85 -12.36
N LEU A 352 -19.05 -36.90 -12.57
CA LEU A 352 -18.79 -35.80 -13.51
C LEU A 352 -18.12 -34.63 -12.77
N TYR A 353 -16.98 -34.94 -12.13
CA TYR A 353 -16.30 -34.00 -11.24
C TYR A 353 -15.27 -33.18 -12.02
N LYS A 354 -15.31 -31.84 -11.83
CA LYS A 354 -14.42 -30.86 -12.45
C LYS A 354 -14.30 -31.04 -13.96
N GLU A 355 -13.08 -31.36 -14.44
CA GLU A 355 -12.86 -31.45 -15.87
C GLU A 355 -13.68 -32.56 -16.53
N VAL A 356 -14.26 -33.49 -15.75
CA VAL A 356 -14.97 -34.61 -16.34
C VAL A 356 -16.33 -34.19 -16.93
N GLU A 357 -17.00 -33.19 -16.30
CA GLU A 357 -18.26 -32.67 -16.84
C GLU A 357 -18.17 -32.27 -18.31
N PRO A 358 -17.15 -31.52 -18.76
CA PRO A 358 -16.95 -31.39 -20.22
C PRO A 358 -16.77 -32.71 -20.95
N PHE A 359 -16.24 -33.74 -20.29
CA PHE A 359 -16.04 -35.02 -20.96
C PHE A 359 -17.38 -35.71 -21.19
N PHE A 360 -18.35 -35.45 -20.31
CA PHE A 360 -19.63 -36.14 -20.38
C PHE A 360 -20.46 -35.65 -21.58
N TYR A 361 -20.60 -34.33 -21.72
CA TYR A 361 -21.46 -33.76 -22.74
C TYR A 361 -20.81 -33.78 -24.13
N GLY A 362 -19.57 -33.27 -24.24
CA GLY A 362 -18.86 -33.17 -25.51
C GLY A 362 -18.95 -31.80 -26.17
N ASP A 363 -18.95 -31.78 -27.47
CA ASP A 363 -19.03 -30.57 -28.22
C ASP A 363 -19.54 -30.86 -29.59
N GLU A 364 -19.58 -29.83 -30.40
CA GLU A 364 -20.11 -29.93 -31.74
C GLU A 364 -19.40 -30.99 -32.55
N ASN A 365 -18.07 -30.99 -32.48
CA ASN A 365 -17.20 -31.98 -33.13
C ASN A 365 -17.10 -33.40 -32.60
N THR A 366 -16.96 -33.45 -31.29
CA THR A 366 -16.80 -34.63 -30.45
C THR A 366 -18.17 -35.02 -29.88
N PRO A 367 -18.87 -36.00 -30.48
CA PRO A 367 -20.15 -36.44 -29.91
C PRO A 367 -19.75 -37.09 -28.59
N GLY A 368 -20.15 -36.47 -27.46
CA GLY A 368 -19.65 -36.76 -26.12
C GLY A 368 -20.08 -38.07 -25.49
N LEU A 369 -19.74 -38.24 -24.20
CA LEU A 369 -19.93 -39.50 -23.51
C LEU A 369 -21.37 -39.73 -23.05
N ILE A 370 -22.18 -38.68 -22.95
CA ILE A 370 -23.56 -38.81 -22.51
C ILE A 370 -24.31 -39.83 -23.37
N ASN A 371 -25.21 -40.58 -22.74
CA ASN A 371 -26.11 -41.58 -23.33
C ASN A 371 -25.37 -42.82 -23.80
N SER A 372 -24.08 -42.95 -23.49
CA SER A 372 -23.38 -44.20 -23.73
C SER A 372 -24.15 -45.36 -23.11
N GLU A 373 -24.17 -46.50 -23.80
CA GLU A 373 -24.85 -47.68 -23.28
C GLU A 373 -24.06 -48.34 -22.16
N GLU A 374 -22.85 -47.89 -21.95
CA GLU A 374 -22.09 -48.41 -20.88
C GLU A 374 -22.48 -47.72 -19.56
N LEU A 375 -23.10 -46.55 -19.66
CA LEU A 375 -23.60 -45.80 -18.51
C LEU A 375 -25.04 -46.14 -18.14
N GLU A 376 -25.67 -47.07 -18.85
CA GLU A 376 -27.02 -47.46 -18.47
C GLU A 376 -26.99 -48.13 -17.09
N ASP A 377 -27.91 -47.68 -16.22
CA ASP A 377 -28.07 -48.09 -14.84
C ASP A 377 -27.01 -47.50 -13.93
N VAL A 378 -26.05 -46.73 -14.46
CA VAL A 378 -25.03 -46.09 -13.62
C VAL A 378 -25.56 -44.77 -13.05
N ILE A 379 -25.29 -44.53 -11.76
CA ILE A 379 -25.59 -43.22 -11.18
C ILE A 379 -24.61 -42.20 -11.74
N LEU A 380 -25.11 -41.06 -12.22
CA LEU A 380 -24.27 -40.01 -12.80
C LEU A 380 -24.16 -38.93 -11.76
N MET A 381 -22.99 -38.84 -11.13
CA MET A 381 -22.86 -37.95 -9.99
C MET A 381 -22.37 -36.60 -10.47
N LEU A 382 -23.25 -35.58 -10.39
CA LEU A 382 -22.89 -34.20 -10.68
C LEU A 382 -22.19 -33.62 -9.46
N CYS A 383 -21.52 -32.49 -9.66
CA CYS A 383 -20.73 -31.92 -8.57
C CYS A 383 -20.98 -30.43 -8.55
N ASP A 384 -20.90 -29.85 -7.35
CA ASP A 384 -20.86 -28.39 -7.26
C ASP A 384 -19.48 -27.88 -7.70
N ASP A 385 -19.26 -26.56 -7.59
CA ASP A 385 -18.03 -25.98 -8.07
C ASP A 385 -16.95 -25.94 -6.98
N ASN A 386 -17.10 -26.73 -5.92
CA ASN A 386 -16.16 -26.89 -4.80
C ASN A 386 -16.39 -25.76 -3.82
N HIS A 387 -17.31 -24.85 -4.10
CA HIS A 387 -17.59 -23.73 -3.21
C HIS A 387 -19.06 -23.65 -2.85
N GLY A 388 -19.84 -24.68 -3.15
CA GLY A 388 -21.22 -24.70 -2.73
C GLY A 388 -22.21 -24.16 -3.73
N ASN A 389 -21.78 -23.95 -4.97
CA ASN A 389 -22.65 -23.53 -6.07
C ASN A 389 -22.76 -24.69 -7.04
N LEU A 390 -23.98 -25.15 -7.30
CA LEU A 390 -24.13 -26.21 -8.30
C LEU A 390 -23.55 -25.77 -9.63
N ARG A 391 -23.28 -26.77 -10.47
CA ARG A 391 -22.90 -26.57 -11.86
C ARG A 391 -24.09 -26.96 -12.75
N THR A 392 -23.86 -27.71 -13.81
CA THR A 392 -24.99 -28.08 -14.66
C THR A 392 -25.81 -29.17 -13.98
N LEU A 393 -27.04 -29.30 -14.45
CA LEU A 393 -28.05 -30.15 -13.83
C LEU A 393 -28.79 -30.84 -14.96
N PRO A 394 -29.52 -31.93 -14.66
CA PRO A 394 -30.18 -32.68 -15.74
C PRO A 394 -31.23 -31.84 -16.47
N THR A 395 -31.15 -31.87 -17.81
CA THR A 395 -32.26 -31.43 -18.64
C THR A 395 -33.40 -32.45 -18.54
N GLU A 396 -34.55 -32.09 -19.10
CA GLU A 396 -35.72 -32.95 -19.06
C GLU A 396 -35.43 -34.28 -19.75
N ASP A 397 -34.74 -34.21 -20.88
CA ASP A 397 -34.38 -35.44 -21.59
C ASP A 397 -33.43 -36.30 -20.75
N MET A 398 -32.44 -35.68 -20.10
CA MET A 398 -31.53 -36.41 -19.22
C MET A 398 -32.25 -37.05 -18.05
N ARG A 399 -33.39 -36.50 -17.61
CA ARG A 399 -34.03 -37.07 -16.45
C ARG A 399 -34.66 -38.42 -16.75
N LYS A 400 -34.69 -38.83 -18.01
CA LYS A 400 -35.11 -40.16 -18.38
C LYS A 400 -34.06 -41.23 -18.04
N HIS A 401 -32.87 -40.83 -17.62
CA HIS A 401 -31.75 -41.77 -17.49
C HIS A 401 -32.01 -42.77 -16.39
N SER A 402 -32.06 -44.03 -16.73
CA SER A 402 -32.17 -45.05 -15.71
C SER A 402 -30.84 -45.18 -15.00
N GLY A 403 -30.87 -45.19 -13.68
CA GLY A 403 -29.69 -45.05 -12.88
C GLY A 403 -29.69 -43.77 -12.08
N GLY A 404 -30.38 -42.75 -12.57
CA GLY A 404 -30.50 -41.53 -11.80
C GLY A 404 -29.20 -40.74 -11.68
N TYR A 405 -29.25 -39.73 -10.81
CA TYR A 405 -28.19 -38.74 -10.69
C TYR A 405 -27.80 -38.56 -9.23
N GLY A 406 -26.56 -38.14 -9.05
CA GLY A 406 -26.02 -37.84 -7.74
C GLY A 406 -25.55 -36.39 -7.63
N MET A 407 -25.38 -35.91 -6.42
CA MET A 407 -24.79 -34.59 -6.22
C MET A 407 -23.71 -34.70 -5.14
N TYR A 408 -22.53 -34.18 -5.48
CA TYR A 408 -21.40 -34.09 -4.56
C TYR A 408 -21.22 -32.61 -4.21
N TYR A 409 -21.45 -32.27 -2.95
CA TYR A 409 -21.54 -30.90 -2.43
C TYR A 409 -20.39 -30.71 -1.44
N HIS A 410 -19.94 -29.46 -1.23
CA HIS A 410 -18.81 -29.17 -0.35
C HIS A 410 -19.21 -28.24 0.80
N PHE A 411 -18.91 -28.65 2.03
CA PHE A 411 -18.80 -27.79 3.20
C PHE A 411 -17.36 -27.47 3.54
N ASP A 412 -16.40 -28.04 2.79
CA ASP A 412 -14.97 -28.01 3.10
C ASP A 412 -14.25 -28.29 1.80
N TYR A 413 -13.18 -27.54 1.53
CA TYR A 413 -12.47 -27.75 0.28
C TYR A 413 -11.02 -27.33 0.39
N HIS A 414 -10.14 -28.17 -0.10
CA HIS A 414 -8.70 -27.88 -0.15
C HIS A 414 -8.38 -27.64 -1.62
N GLY A 415 -8.25 -26.38 -2.03
CA GLY A 415 -8.02 -26.08 -3.43
C GLY A 415 -8.27 -24.61 -3.68
N GLY A 416 -8.34 -24.24 -4.95
CA GLY A 416 -8.51 -22.83 -5.31
C GLY A 416 -9.96 -22.34 -5.34
N PRO A 417 -10.18 -21.00 -5.35
CA PRO A 417 -9.12 -19.96 -5.24
C PRO A 417 -8.48 -19.88 -3.85
N VAL A 418 -9.22 -20.20 -2.79
CA VAL A 418 -8.75 -20.21 -1.40
C VAL A 418 -9.42 -21.39 -0.71
N SER A 419 -8.65 -22.19 0.01
CA SER A 419 -9.21 -23.32 0.73
C SER A 419 -10.06 -22.82 1.89
N TYR A 420 -10.98 -23.68 2.34
CA TYR A 420 -11.71 -23.42 3.56
C TYR A 420 -11.87 -24.73 4.29
N GLU A 421 -11.20 -24.82 5.43
CA GLU A 421 -11.07 -26.11 6.09
C GLU A 421 -10.98 -26.03 7.60
N TRP A 422 -11.17 -24.85 8.22
CA TRP A 422 -10.88 -24.74 9.64
C TRP A 422 -12.15 -24.93 10.49
N ILE A 423 -13.09 -24.01 10.35
CA ILE A 423 -14.35 -24.04 11.08
C ILE A 423 -15.46 -23.84 10.05
N ASN A 424 -16.61 -24.49 10.27
CA ASN A 424 -17.81 -24.30 9.43
C ASN A 424 -18.00 -22.84 9.01
N SER A 425 -18.20 -22.63 7.70
CA SER A 425 -18.56 -21.32 7.15
C SER A 425 -19.72 -21.44 6.17
N SER A 426 -20.50 -22.53 6.25
CA SER A 426 -21.67 -22.75 5.43
C SER A 426 -22.96 -22.31 6.15
N TYR A 427 -23.96 -21.98 5.36
CA TYR A 427 -25.12 -21.23 5.84
C TYR A 427 -26.36 -21.94 5.35
N LEU A 428 -27.27 -22.29 6.27
CA LEU A 428 -28.40 -23.15 5.89
C LEU A 428 -29.24 -22.61 4.74
N PRO A 429 -29.59 -21.32 4.67
CA PRO A 429 -30.40 -20.85 3.52
C PRO A 429 -29.79 -21.13 2.19
N LYS A 430 -28.47 -20.99 2.07
CA LYS A 430 -27.79 -21.29 0.83
C LYS A 430 -27.83 -22.79 0.53
N ILE A 431 -27.55 -23.61 1.54
CA ILE A 431 -27.61 -25.07 1.34
C ILE A 431 -29.00 -25.48 0.90
N TRP A 432 -30.05 -24.93 1.56
CA TRP A 432 -31.41 -25.27 1.18
C TRP A 432 -31.68 -24.88 -0.27
N GLU A 433 -31.27 -23.66 -0.66
CA GLU A 433 -31.57 -23.20 -2.01
C GLU A 433 -30.87 -24.07 -3.06
N GLN A 434 -29.60 -24.38 -2.84
CA GLN A 434 -28.88 -25.16 -3.84
C GLN A 434 -29.37 -26.60 -3.87
N MET A 435 -29.45 -27.25 -2.70
CA MET A 435 -29.80 -28.68 -2.71
C MET A 435 -31.27 -28.91 -3.06
N THR A 436 -32.19 -27.98 -2.74
CA THR A 436 -33.54 -28.19 -3.26
C THR A 436 -33.61 -27.98 -4.75
N MET A 437 -32.81 -27.07 -5.30
CA MET A 437 -32.79 -26.94 -6.75
C MET A 437 -32.29 -28.23 -7.43
N ALA A 438 -31.27 -28.86 -6.84
CA ALA A 438 -30.77 -30.12 -7.41
C ALA A 438 -31.85 -31.19 -7.40
N TYR A 439 -32.64 -31.26 -6.31
CA TYR A 439 -33.76 -32.20 -6.26
C TYR A 439 -34.82 -31.85 -7.31
N ASP A 440 -35.14 -30.56 -7.43
CA ASP A 440 -36.10 -30.10 -8.42
C ASP A 440 -35.68 -30.46 -9.84
N PHE A 441 -34.39 -30.47 -10.12
CA PHE A 441 -33.94 -30.88 -11.45
C PHE A 441 -33.78 -32.40 -11.57
N GLY A 442 -34.23 -33.17 -10.58
CA GLY A 442 -34.20 -34.61 -10.69
C GLY A 442 -32.93 -35.27 -10.23
N VAL A 443 -32.17 -34.64 -9.33
CA VAL A 443 -30.98 -35.25 -8.74
C VAL A 443 -31.41 -35.86 -7.41
N ARG A 444 -31.73 -37.15 -7.43
CA ARG A 444 -32.44 -37.73 -6.31
C ARG A 444 -31.90 -39.08 -5.86
N ASP A 445 -30.89 -39.63 -6.51
CA ASP A 445 -30.45 -40.97 -6.14
C ASP A 445 -29.30 -40.98 -5.15
N LEU A 446 -28.42 -39.98 -5.20
CA LEU A 446 -27.28 -40.01 -4.29
C LEU A 446 -26.92 -38.58 -3.93
N TRP A 447 -26.70 -38.31 -2.64
CA TRP A 447 -26.25 -37.01 -2.18
C TRP A 447 -25.11 -37.24 -1.22
N ILE A 448 -23.95 -36.63 -1.47
CA ILE A 448 -22.86 -36.76 -0.52
C ILE A 448 -22.20 -35.39 -0.34
N VAL A 449 -21.79 -35.06 0.88
CA VAL A 449 -21.17 -33.76 1.14
C VAL A 449 -19.76 -33.96 1.69
N ASN A 450 -18.82 -33.17 1.18
CA ASN A 450 -17.48 -33.12 1.76
C ASN A 450 -17.50 -32.33 3.06
N VAL A 451 -17.19 -32.99 4.18
CA VAL A 451 -17.28 -32.34 5.49
C VAL A 451 -15.90 -32.17 6.12
N GLY A 452 -14.83 -32.29 5.33
CA GLY A 452 -13.50 -32.14 5.91
C GLY A 452 -13.25 -33.07 7.08
N ASP A 453 -12.85 -32.50 8.23
CA ASP A 453 -12.59 -33.26 9.44
C ASP A 453 -13.83 -33.40 10.31
N ILE A 454 -15.01 -33.13 9.76
CA ILE A 454 -16.33 -33.28 10.39
C ILE A 454 -16.59 -32.24 11.47
N ALA A 455 -15.65 -32.07 12.39
CA ALA A 455 -15.85 -31.14 13.50
C ALA A 455 -16.28 -29.72 13.10
N THR A 456 -17.24 -29.17 13.86
CA THR A 456 -17.95 -27.91 13.65
C THR A 456 -18.90 -27.95 12.46
N GLN A 457 -18.94 -29.05 11.72
CA GLN A 457 -19.92 -29.15 10.64
C GLN A 457 -21.23 -29.83 11.06
N GLU A 458 -21.48 -29.98 12.37
CA GLU A 458 -22.61 -30.80 12.80
C GLU A 458 -23.95 -30.19 12.43
N LEU A 459 -24.12 -28.86 12.54
CA LEU A 459 -25.42 -28.29 12.16
C LEU A 459 -25.69 -28.43 10.66
N PRO A 460 -24.81 -28.01 9.76
CA PRO A 460 -25.14 -28.17 8.33
C PRO A 460 -25.14 -29.62 7.85
N LEU A 461 -24.36 -30.51 8.49
CA LEU A 461 -24.44 -31.93 8.15
C LEU A 461 -25.78 -32.52 8.59
N SER A 462 -26.24 -32.18 9.79
CA SER A 462 -27.55 -32.64 10.23
C SER A 462 -28.64 -32.18 9.25
N PHE A 463 -28.55 -30.91 8.82
CA PHE A 463 -29.54 -30.36 7.91
C PHE A 463 -29.51 -31.08 6.56
N PHE A 464 -28.30 -31.25 5.99
CA PHE A 464 -28.12 -31.88 4.70
C PHE A 464 -28.71 -33.29 4.68
N LEU A 465 -28.44 -34.06 5.73
CA LEU A 465 -28.96 -35.42 5.82
C LEU A 465 -30.44 -35.47 6.24
N ASP A 466 -30.95 -34.45 6.95
CA ASP A 466 -32.37 -34.43 7.25
C ASP A 466 -33.16 -34.08 6.01
N LEU A 467 -32.61 -33.16 5.21
CA LEU A 467 -33.17 -32.81 3.91
C LEU A 467 -33.18 -34.00 2.96
N ALA A 468 -32.07 -34.75 2.90
CA ALA A 468 -32.00 -35.94 2.05
C ALA A 468 -33.00 -37.00 2.51
N TYR A 469 -33.17 -37.14 3.81
CA TYR A 469 -34.04 -38.21 4.32
C TYR A 469 -35.51 -37.89 4.12
N ASP A 470 -35.94 -36.65 4.40
CA ASP A 470 -37.38 -36.27 4.36
C ASP A 470 -37.50 -34.95 3.60
N PHE A 471 -37.50 -35.06 2.27
CA PHE A 471 -37.53 -33.85 1.47
C PHE A 471 -38.90 -33.16 1.55
N ASP A 472 -39.95 -33.92 1.80
CA ASP A 472 -41.27 -33.29 1.89
C ASP A 472 -41.37 -32.40 3.12
N LYS A 473 -40.69 -32.75 4.22
CA LYS A 473 -40.70 -31.88 5.39
C LYS A 473 -39.80 -30.65 5.22
N TRP A 474 -38.59 -30.82 4.68
CA TRP A 474 -37.62 -29.73 4.73
C TRP A 474 -37.27 -29.14 3.38
N GLY A 475 -37.79 -29.70 2.29
CA GLY A 475 -37.36 -29.25 0.99
C GLY A 475 -38.13 -28.13 0.31
N THR A 476 -38.32 -28.29 -1.01
CA THR A 476 -38.86 -27.19 -1.81
C THR A 476 -40.18 -26.68 -1.26
N ASN A 477 -41.05 -27.55 -0.76
CA ASN A 477 -42.35 -27.08 -0.27
CA ASN A 477 -42.34 -27.08 -0.27
C ASN A 477 -42.24 -26.38 1.08
N ALA A 478 -41.07 -26.39 1.71
CA ALA A 478 -40.88 -25.76 3.01
C ALA A 478 -39.94 -24.56 2.87
N ILE A 479 -40.34 -23.57 2.09
CA ILE A 479 -39.50 -22.38 1.94
C ILE A 479 -39.40 -21.62 3.27
N ASN A 480 -38.26 -21.00 3.50
CA ASN A 480 -38.04 -20.20 4.71
C ASN A 480 -38.29 -20.99 6.00
N LYS A 481 -37.84 -22.24 6.04
CA LYS A 481 -37.95 -23.01 7.27
C LYS A 481 -36.60 -23.40 7.87
N THR A 482 -35.48 -22.88 7.36
CA THR A 482 -34.19 -23.26 7.94
C THR A 482 -34.00 -22.61 9.31
N ASP A 483 -34.64 -21.46 9.56
CA ASP A 483 -34.66 -20.92 10.92
C ASP A 483 -35.38 -21.88 11.86
N ASP A 484 -36.57 -22.35 11.48
CA ASP A 484 -37.24 -23.40 12.25
C ASP A 484 -36.38 -24.64 12.41
N TYR A 485 -35.68 -25.07 11.35
CA TYR A 485 -34.79 -26.22 11.50
C TYR A 485 -33.74 -25.94 12.57
N THR A 486 -33.13 -24.75 12.52
CA THR A 486 -32.08 -24.41 13.47
C THR A 486 -32.62 -24.47 14.88
N LYS A 487 -33.81 -23.90 15.09
CA LYS A 487 -34.37 -23.89 16.43
C LYS A 487 -34.68 -25.28 16.91
N GLN A 488 -35.20 -26.13 16.02
CA GLN A 488 -35.41 -27.53 16.40
C GLN A 488 -34.09 -28.23 16.69
N TRP A 489 -33.04 -27.89 15.95
CA TRP A 489 -31.75 -28.51 16.22
C TRP A 489 -31.21 -28.05 17.57
N ILE A 490 -31.39 -26.77 17.92
CA ILE A 490 -30.98 -26.27 19.24
C ILE A 490 -31.72 -27.00 20.36
N GLU A 491 -33.03 -27.21 20.18
CA GLU A 491 -33.81 -27.93 21.19
C GLU A 491 -33.28 -29.35 21.37
N GLN A 492 -32.91 -29.99 20.27
CA GLN A 492 -32.39 -31.37 20.31
C GLN A 492 -31.08 -31.46 21.08
N GLN A 493 -30.19 -30.47 20.92
CA GLN A 493 -28.95 -30.49 21.69
C GLN A 493 -29.10 -29.95 23.12
N PHE A 494 -29.99 -28.99 23.37
CA PHE A 494 -29.92 -28.23 24.61
C PHE A 494 -31.22 -28.26 25.44
N ALA A 495 -32.14 -29.18 25.13
CA ALA A 495 -33.32 -29.35 25.96
C ALA A 495 -32.90 -29.59 27.41
N GLY A 496 -33.49 -28.84 28.33
CA GLY A 496 -33.15 -29.01 29.72
C GLY A 496 -31.87 -28.32 30.14
N VAL A 497 -31.05 -27.86 29.21
CA VAL A 497 -29.85 -27.11 29.52
C VAL A 497 -30.13 -25.62 29.61
N PHE A 498 -30.79 -25.11 28.58
CA PHE A 498 -31.03 -23.69 28.38
C PHE A 498 -32.52 -23.43 28.45
N ASN A 499 -32.92 -22.31 29.04
CA ASN A 499 -34.34 -21.98 29.01
C ASN A 499 -34.68 -21.36 27.66
N LEU A 500 -35.93 -20.94 27.50
CA LEU A 500 -36.39 -20.41 26.22
C LEU A 500 -35.55 -19.20 25.76
N GLU A 501 -35.30 -18.25 26.68
CA GLU A 501 -34.54 -17.06 26.31
C GLU A 501 -33.09 -17.42 25.95
N GLN A 502 -32.50 -18.39 26.66
CA GLN A 502 -31.14 -18.82 26.33
C GLN A 502 -31.10 -19.52 24.96
N LYS A 503 -32.11 -20.33 24.66
CA LYS A 503 -32.15 -20.99 23.35
C LYS A 503 -32.32 -19.98 22.23
N ASP A 504 -33.01 -18.86 22.47
CA ASP A 504 -33.05 -17.90 21.37
C ASP A 504 -31.73 -17.17 21.23
N LYS A 505 -30.96 -17.06 22.31
CA LYS A 505 -29.62 -16.51 22.16
C LYS A 505 -28.74 -17.46 21.36
N VAL A 506 -28.85 -18.78 21.62
CA VAL A 506 -28.10 -19.75 20.81
C VAL A 506 -28.48 -19.60 19.34
N PHE A 507 -29.77 -19.38 19.05
CA PHE A 507 -30.16 -19.17 17.66
C PHE A 507 -29.48 -17.93 17.06
N GLU A 508 -29.45 -16.81 17.80
CA GLU A 508 -28.72 -15.64 17.31
C GLU A 508 -27.26 -15.97 16.99
N LEU A 509 -26.60 -16.77 17.84
CA LEU A 509 -25.19 -17.09 17.63
C LEU A 509 -24.99 -17.92 16.37
N LEU A 510 -25.79 -18.98 16.21
CA LEU A 510 -25.56 -19.92 15.10
C LEU A 510 -25.92 -19.28 13.77
N ASN A 511 -27.10 -18.66 13.73
CA ASN A 511 -27.53 -17.92 12.54
C ASN A 511 -26.60 -16.75 12.26
N GLY A 512 -26.20 -16.05 13.33
CA GLY A 512 -25.25 -14.97 13.26
C GLY A 512 -23.89 -15.32 12.70
N TYR A 513 -23.16 -16.26 13.33
CA TYR A 513 -21.80 -16.50 12.85
C TYR A 513 -21.81 -17.10 11.45
N THR A 514 -22.80 -17.95 11.11
CA THR A 514 -22.74 -18.60 9.81
C THR A 514 -23.04 -17.62 8.67
N LYS A 515 -23.92 -16.63 8.91
CA LYS A 515 -24.14 -15.60 7.89
C LYS A 515 -22.86 -14.81 7.62
N ILE A 516 -22.18 -14.36 8.68
CA ILE A 516 -20.95 -13.59 8.53
C ILE A 516 -19.82 -14.45 7.92
N ALA A 517 -19.62 -15.68 8.40
CA ALA A 517 -18.58 -16.53 7.83
C ALA A 517 -18.83 -16.80 6.36
N HIS A 518 -20.05 -16.99 5.97
CA HIS A 518 -20.33 -17.27 4.63
C HIS A 518 -20.11 -16.09 3.73
N ASN A 519 -20.15 -14.90 4.26
CA ASN A 519 -19.90 -13.70 3.46
C ASN A 519 -18.42 -13.55 3.08
N ARG A 520 -17.51 -14.05 3.92
CA ARG A 520 -16.07 -14.10 3.57
C ARG A 520 -15.47 -15.19 4.43
N ARG A 521 -15.13 -16.34 3.82
CA ARG A 521 -14.70 -17.48 4.62
C ARG A 521 -13.38 -17.17 5.33
N PRO A 522 -13.12 -17.82 6.46
CA PRO A 522 -12.03 -17.38 7.37
C PRO A 522 -10.66 -17.18 6.72
N GLU A 523 -10.14 -18.20 6.00
CA GLU A 523 -8.80 -18.10 5.43
C GLU A 523 -8.70 -16.98 4.42
N ALA A 524 -9.81 -16.64 3.77
CA ALA A 524 -9.86 -15.59 2.78
C ALA A 524 -10.14 -14.21 3.40
N MET A 525 -10.49 -14.14 4.67
CA MET A 525 -10.74 -12.83 5.28
C MET A 525 -9.41 -12.12 5.47
N ASN A 526 -9.40 -10.80 5.27
CA ASN A 526 -8.15 -10.08 5.30
C ASN A 526 -8.45 -8.60 5.44
N VAL A 527 -7.39 -7.81 5.40
CA VAL A 527 -7.58 -6.38 5.58
C VAL A 527 -8.13 -5.76 4.30
N ASP A 528 -9.05 -4.79 4.44
CA ASP A 528 -9.60 -4.07 3.30
C ASP A 528 -10.49 -4.93 2.41
N VAL A 529 -10.94 -6.09 2.86
CA VAL A 529 -12.06 -6.73 2.17
C VAL A 529 -13.31 -5.87 2.34
N TYR A 530 -13.66 -5.60 3.58
CA TYR A 530 -14.65 -4.57 3.90
C TYR A 530 -13.97 -3.20 3.93
N HIS A 531 -14.68 -2.18 3.49
CA HIS A 531 -14.03 -0.88 3.47
C HIS A 531 -13.93 -0.36 4.90
N PRO A 532 -12.82 0.27 5.27
CA PRO A 532 -12.66 0.75 6.66
C PRO A 532 -13.71 1.77 7.07
N VAL A 533 -14.24 2.61 6.16
CA VAL A 533 -15.19 3.66 6.55
C VAL A 533 -16.50 3.68 5.73
N ASN A 534 -16.46 3.35 4.43
CA ASN A 534 -17.61 3.68 3.56
C ASN A 534 -18.86 2.92 3.97
N TYR A 535 -20.00 3.65 4.00
CA TYR A 535 -21.35 3.18 4.32
C TYR A 535 -21.45 2.60 5.73
N HIS A 536 -20.46 2.84 6.59
CA HIS A 536 -20.46 2.24 7.94
C HIS A 536 -20.42 0.71 7.90
N GLU A 537 -19.94 0.09 6.83
CA GLU A 537 -20.07 -1.37 6.77
C GLU A 537 -19.16 -2.03 7.81
N THR A 538 -17.92 -1.51 7.99
CA THR A 538 -17.05 -2.08 9.01
C THR A 538 -17.60 -1.90 10.40
N ASP A 539 -18.04 -0.68 10.76
CA ASP A 539 -18.51 -0.47 12.13
C ASP A 539 -19.83 -1.17 12.41
N GLN A 540 -20.71 -1.27 11.42
CA GLN A 540 -21.93 -2.05 11.66
C GLN A 540 -21.60 -3.53 11.90
N LEU A 541 -20.67 -4.11 11.13
CA LEU A 541 -20.33 -5.52 11.37
C LEU A 541 -19.61 -5.70 12.71
N LEU A 542 -18.66 -4.79 13.05
CA LEU A 542 -18.02 -4.84 14.38
C LEU A 542 -19.05 -4.80 15.51
N ASP A 543 -20.09 -3.98 15.37
CA ASP A 543 -21.10 -3.90 16.41
C ASP A 543 -21.91 -5.18 16.51
N ARG A 544 -22.28 -5.77 15.37
CA ARG A 544 -22.92 -7.10 15.36
C ARG A 544 -22.06 -8.15 16.02
N ILE A 545 -20.77 -8.19 15.65
CA ILE A 545 -19.84 -9.15 16.24
C ILE A 545 -19.73 -8.95 17.74
N ASP A 546 -19.60 -7.69 18.18
CA ASP A 546 -19.50 -7.47 19.62
C ASP A 546 -20.79 -7.89 20.32
N HIS A 547 -21.94 -7.72 19.68
CA HIS A 547 -23.17 -8.19 20.30
C HIS A 547 -23.15 -9.71 20.43
N LEU A 548 -22.77 -10.41 19.36
CA LEU A 548 -22.76 -11.89 19.37
C LEU A 548 -21.71 -12.44 20.34
N LEU A 549 -20.46 -11.93 20.31
CA LEU A 549 -19.47 -12.35 21.31
C LEU A 549 -19.99 -12.17 22.74
N GLY A 550 -20.70 -11.06 23.00
CA GLY A 550 -21.28 -10.88 24.31
C GLY A 550 -22.26 -11.98 24.69
N LEU A 551 -23.14 -12.39 23.74
CA LEU A 551 -24.05 -13.48 24.04
C LEU A 551 -23.29 -14.79 24.26
N ALA A 552 -22.28 -15.05 23.45
CA ALA A 552 -21.54 -16.30 23.59
C ALA A 552 -20.86 -16.37 24.95
N GLU A 553 -20.38 -15.24 25.46
CA GLU A 553 -19.78 -15.25 26.80
C GLU A 553 -20.81 -15.35 27.91
N GLU A 554 -22.03 -14.82 27.71
CA GLU A 554 -23.06 -15.02 28.72
C GLU A 554 -23.37 -16.48 28.88
N LEU A 555 -23.59 -17.19 27.75
CA LEU A 555 -23.97 -18.60 27.87
C LEU A 555 -22.80 -19.46 28.33
N TYR A 556 -21.57 -19.09 27.97
CA TYR A 556 -20.37 -19.76 28.47
C TYR A 556 -20.36 -19.80 30.00
N GLN A 557 -20.75 -18.69 30.63
CA GLN A 557 -20.79 -18.65 32.08
C GLN A 557 -22.06 -19.28 32.65
N GLU A 558 -23.17 -19.28 31.90
CA GLU A 558 -24.41 -19.83 32.46
C GLU A 558 -24.55 -21.35 32.30
N VAL A 559 -24.00 -21.94 31.25
CA VAL A 559 -24.18 -23.38 31.04
C VAL A 559 -23.61 -24.15 32.22
N ASP A 560 -24.31 -25.21 32.64
CA ASP A 560 -23.82 -26.03 33.74
C ASP A 560 -22.63 -26.90 33.30
N GLN A 561 -21.88 -27.38 34.29
CA GLN A 561 -20.65 -28.15 34.04
C GLN A 561 -20.91 -29.37 33.16
N GLN A 562 -22.02 -30.08 33.40
CA GLN A 562 -22.32 -31.31 32.68
C GLN A 562 -22.50 -31.05 31.19
N HIS A 563 -22.95 -29.86 30.81
CA HIS A 563 -23.26 -29.63 29.40
C HIS A 563 -22.31 -28.63 28.78
N PHE A 564 -21.25 -28.23 29.51
CA PHE A 564 -20.29 -27.26 28.97
C PHE A 564 -19.63 -27.75 27.69
N THR A 565 -19.19 -29.01 27.67
CA THR A 565 -18.45 -29.51 26.51
C THR A 565 -19.26 -29.36 25.22
N ALA A 566 -20.55 -29.72 25.28
CA ALA A 566 -21.43 -29.60 24.12
C ALA A 566 -21.65 -28.14 23.73
N TYR A 567 -21.92 -27.26 24.69
CA TYR A 567 -22.00 -25.84 24.37
C TYR A 567 -20.71 -25.36 23.68
N PHE A 568 -19.57 -25.71 24.24
CA PHE A 568 -18.30 -25.23 23.70
C PHE A 568 -18.06 -25.76 22.28
N ALA A 569 -18.20 -27.08 22.08
CA ALA A 569 -17.87 -27.65 20.78
C ALA A 569 -18.90 -27.28 19.71
N LEU A 570 -20.17 -27.13 20.08
CA LEU A 570 -21.21 -26.89 19.09
C LEU A 570 -21.50 -25.41 18.86
N VAL A 571 -21.30 -24.55 19.85
CA VAL A 571 -21.76 -23.17 19.70
C VAL A 571 -20.59 -22.20 19.95
N TYR A 572 -19.96 -22.31 21.11
CA TYR A 572 -19.00 -21.29 21.51
C TYR A 572 -17.76 -21.30 20.59
N TYR A 573 -17.15 -22.46 20.38
CA TYR A 573 -15.92 -22.48 19.57
C TYR A 573 -16.17 -22.04 18.12
N PRO A 574 -17.14 -22.59 17.36
CA PRO A 574 -17.44 -22.05 16.01
C PRO A 574 -17.75 -20.55 16.01
N THR A 575 -18.57 -20.06 16.95
CA THR A 575 -18.93 -18.64 16.94
C THR A 575 -17.72 -17.77 17.18
N VAL A 576 -17.03 -18.02 18.28
CA VAL A 576 -15.96 -17.13 18.69
C VAL A 576 -14.78 -17.27 17.75
N GLY A 577 -14.51 -18.49 17.30
CA GLY A 577 -13.41 -18.69 16.38
C GLY A 577 -13.59 -17.88 15.11
N ASN A 578 -14.75 -18.01 14.48
CA ASN A 578 -15.03 -17.27 13.27
C ASN A 578 -15.08 -15.76 13.52
N LEU A 579 -15.82 -15.36 14.55
CA LEU A 579 -16.09 -13.94 14.68
C LEU A 579 -14.90 -13.18 15.28
N ASN A 580 -14.13 -13.81 16.16
CA ASN A 580 -12.89 -13.16 16.60
C ASN A 580 -11.96 -12.91 15.42
N LEU A 581 -11.89 -13.87 14.48
CA LEU A 581 -11.04 -13.68 13.31
C LEU A 581 -11.54 -12.56 12.42
N GLN A 582 -12.85 -12.50 12.17
CA GLN A 582 -13.42 -11.39 11.39
C GLN A 582 -13.10 -10.06 12.07
N LYS A 583 -13.32 -9.98 13.38
CA LYS A 583 -13.09 -8.75 14.13
C LYS A 583 -11.64 -8.29 14.02
N MET A 584 -10.71 -9.24 14.15
CA MET A 584 -9.30 -8.93 14.05
C MET A 584 -8.98 -8.20 12.77
N TRP A 585 -9.48 -8.72 11.65
CA TRP A 585 -9.18 -8.12 10.35
C TRP A 585 -9.89 -6.80 10.15
N LEU A 586 -11.14 -6.68 10.61
CA LEU A 586 -11.87 -5.44 10.51
C LEU A 586 -11.20 -4.34 11.32
N LEU A 587 -10.75 -4.65 12.54
CA LEU A 587 -9.95 -3.69 13.32
C LEU A 587 -8.64 -3.35 12.64
N ASN A 588 -7.99 -4.35 12.01
CA ASN A 588 -6.76 -4.07 11.28
C ASN A 588 -7.01 -3.08 10.14
N GLY A 589 -8.15 -3.21 9.47
CA GLY A 589 -8.52 -2.22 8.46
C GLY A 589 -8.67 -0.81 9.03
N LYS A 590 -9.33 -0.68 10.18
CA LYS A 590 -9.43 0.65 10.82
C LYS A 590 -8.06 1.15 11.25
N ASN A 591 -7.21 0.24 11.77
CA ASN A 591 -5.86 0.59 12.22
C ASN A 591 -5.04 1.16 11.07
N LYS A 592 -5.00 0.42 9.97
CA LYS A 592 -4.25 0.85 8.80
C LYS A 592 -4.75 2.19 8.26
N TYR A 593 -6.08 2.35 8.18
CA TYR A 593 -6.65 3.58 7.61
C TYR A 593 -6.35 4.79 8.50
N ALA A 594 -6.51 4.63 9.81
CA ALA A 594 -6.19 5.73 10.71
C ALA A 594 -4.71 6.06 10.70
N ALA A 595 -3.87 5.05 10.50
CA ALA A 595 -2.43 5.32 10.54
C ALA A 595 -1.95 6.11 9.32
N GLN A 596 -2.58 5.92 8.15
CA GLN A 596 -2.27 6.71 6.96
C GLN A 596 -2.67 8.17 7.11
N LEU A 597 -3.49 8.48 8.11
CA LEU A 597 -3.83 9.87 8.41
C LEU A 597 -3.05 10.40 9.62
N ASN A 598 -2.09 9.64 10.14
CA ASN A 598 -1.28 9.99 11.31
C ASN A 598 -2.17 10.22 12.54
N LEU A 599 -3.28 9.50 12.63
CA LEU A 599 -4.19 9.64 13.78
C LEU A 599 -3.69 8.83 14.96
N ILE A 600 -3.56 9.45 16.12
CA ILE A 600 -3.04 8.76 17.30
C ILE A 600 -3.90 7.55 17.66
N GLU A 601 -5.19 7.60 17.38
CA GLU A 601 -6.09 6.49 17.69
C GLU A 601 -5.73 5.21 16.95
N ALA A 602 -4.91 5.28 15.90
CA ALA A 602 -4.39 4.06 15.29
C ALA A 602 -3.71 3.15 16.31
N ASN A 603 -3.00 3.72 17.26
CA ASN A 603 -2.14 2.91 18.11
C ASN A 603 -2.98 1.99 19.01
N LYS A 604 -4.08 2.50 19.52
CA LYS A 604 -4.99 1.66 20.30
C LYS A 604 -5.65 0.58 19.45
N LEU A 605 -5.93 0.87 18.18
CA LEU A 605 -6.52 -0.15 17.32
C LEU A 605 -5.52 -1.28 17.08
N ALA A 606 -4.23 -0.95 16.96
CA ALA A 606 -3.23 -1.99 16.76
C ALA A 606 -3.19 -2.96 17.94
N GLU A 607 -3.25 -2.42 19.16
CA GLU A 607 -3.27 -3.26 20.35
C GLU A 607 -4.52 -4.15 20.36
N GLN A 608 -5.64 -3.65 19.85
CA GLN A 608 -6.85 -4.48 19.77
C GLN A 608 -6.68 -5.61 18.75
N VAL A 609 -5.99 -5.36 17.64
CA VAL A 609 -5.73 -6.41 16.66
C VAL A 609 -4.88 -7.49 17.29
N LYS A 610 -3.82 -7.09 17.98
CA LYS A 610 -2.92 -8.00 18.67
CA LYS A 610 -2.94 -8.04 18.63
C LYS A 610 -3.67 -8.88 19.67
N ALA A 611 -4.60 -8.29 20.41
CA ALA A 611 -5.35 -9.08 21.40
C ALA A 611 -6.26 -10.11 20.75
N CYS A 612 -6.87 -9.76 19.60
CA CYS A 612 -7.65 -10.74 18.83
C CYS A 612 -6.79 -11.91 18.40
N LEU A 613 -5.59 -11.63 17.94
CA LEU A 613 -4.73 -12.74 17.51
C LEU A 613 -4.38 -13.66 18.68
N LYS A 614 -4.11 -13.07 19.85
CA LYS A 614 -3.88 -13.89 21.03
C LYS A 614 -5.10 -14.73 21.39
N ARG A 615 -6.30 -14.15 21.29
CA ARG A 615 -7.51 -14.92 21.63
CA ARG A 615 -7.51 -14.90 21.61
C ARG A 615 -7.73 -16.07 20.64
N ASP A 616 -7.32 -15.92 19.39
CA ASP A 616 -7.44 -17.02 18.43
C ASP A 616 -6.64 -18.24 18.88
N GLN A 617 -5.44 -18.02 19.38
CA GLN A 617 -4.67 -19.16 19.83
C GLN A 617 -5.20 -19.72 21.13
N GLU A 618 -5.77 -18.87 21.99
CA GLU A 618 -6.31 -19.36 23.25
C GLU A 618 -7.53 -20.23 23.03
N ILE A 619 -8.42 -19.83 22.12
CA ILE A 619 -9.63 -20.60 21.95
C ILE A 619 -9.33 -21.96 21.29
N VAL A 620 -8.33 -22.03 20.40
CA VAL A 620 -7.94 -23.32 19.81
C VAL A 620 -7.36 -24.24 20.89
N ASP A 621 -6.47 -23.72 21.73
CA ASP A 621 -5.90 -24.52 22.81
C ASP A 621 -6.98 -25.04 23.73
N GLU A 622 -7.95 -24.17 24.10
CA GLU A 622 -9.06 -24.61 24.92
C GLU A 622 -9.83 -25.74 24.22
N TYR A 623 -10.06 -25.61 22.91
CA TYR A 623 -10.81 -26.63 22.18
C TYR A 623 -10.09 -27.98 22.20
N HIS A 624 -8.76 -27.96 22.12
CA HIS A 624 -7.94 -29.15 22.10
C HIS A 624 -7.78 -29.79 23.46
N THR A 625 -8.16 -29.12 24.56
CA THR A 625 -8.04 -29.71 25.87
C THR A 625 -9.37 -30.01 26.58
N ILE A 626 -10.51 -29.50 26.12
CA ILE A 626 -11.75 -29.84 26.81
C ILE A 626 -12.02 -31.36 26.75
N ALA A 627 -12.66 -31.87 27.80
CA ALA A 627 -13.11 -33.25 27.88
C ALA A 627 -11.96 -34.22 27.61
N ASP A 628 -10.80 -33.92 28.19
CA ASP A 628 -9.60 -34.76 28.10
C ASP A 628 -9.17 -34.97 26.64
N GLY A 629 -9.17 -33.89 25.86
CA GLY A 629 -8.67 -33.99 24.50
C GLY A 629 -9.60 -34.69 23.54
N LYS A 630 -10.90 -34.69 23.85
CA LYS A 630 -11.91 -35.25 22.95
C LYS A 630 -11.81 -34.69 21.53
N PHE A 631 -11.49 -33.38 21.40
CA PHE A 631 -11.37 -32.71 20.11
C PHE A 631 -9.91 -32.37 19.76
N TYR A 632 -8.95 -33.03 20.37
CA TYR A 632 -7.56 -32.68 20.14
C TYR A 632 -7.20 -32.72 18.65
N GLY A 633 -6.59 -31.65 18.16
CA GLY A 633 -6.16 -31.56 16.80
C GLY A 633 -7.19 -31.08 15.81
N MET A 634 -8.48 -31.06 16.19
CA MET A 634 -9.54 -30.67 15.27
C MET A 634 -9.45 -29.21 14.83
N GLY A 635 -8.71 -28.38 15.56
CA GLY A 635 -8.58 -26.97 15.23
C GLY A 635 -7.19 -26.57 14.78
N LEU A 636 -6.39 -27.56 14.36
CA LEU A 636 -4.98 -27.36 14.03
C LEU A 636 -4.70 -26.64 12.70
N SER A 637 -5.64 -26.62 11.75
CA SER A 637 -5.35 -26.07 10.43
C SER A 637 -4.99 -24.59 10.53
N GLU A 638 -3.89 -24.22 9.86
CA GLU A 638 -3.60 -22.81 9.61
C GLU A 638 -4.79 -22.18 8.93
N HIS A 639 -5.18 -20.99 9.41
CA HIS A 639 -6.41 -20.39 8.92
C HIS A 639 -6.38 -18.87 8.79
N ILE A 640 -5.23 -18.23 8.99
CA ILE A 640 -5.15 -16.76 9.05
C ILE A 640 -4.39 -16.25 7.85
N GLY A 641 -4.99 -15.33 7.09
CA GLY A 641 -4.23 -14.51 6.13
C GLY A 641 -3.63 -15.29 4.97
N PHE A 642 -4.37 -16.24 4.39
CA PHE A 642 -3.81 -16.96 3.24
C PHE A 642 -3.50 -15.96 2.13
N VAL A 643 -2.35 -16.13 1.48
CA VAL A 643 -2.02 -15.38 0.27
C VAL A 643 -2.03 -16.27 -0.96
N HIS A 644 -2.14 -17.59 -0.78
CA HIS A 644 -2.28 -18.55 -1.85
C HIS A 644 -3.52 -19.37 -1.62
N TRP A 645 -3.71 -20.37 -2.48
CA TRP A 645 -4.88 -21.21 -2.30
C TRP A 645 -4.73 -22.05 -1.04
N ASN A 646 -3.49 -22.41 -0.70
CA ASN A 646 -3.20 -23.16 0.52
C ASN A 646 -2.45 -22.26 1.51
N GLU A 647 -2.07 -22.84 2.64
CA GLU A 647 -1.52 -22.10 3.77
C GLU A 647 -0.08 -21.64 3.55
N ASP A 648 0.60 -22.09 2.50
CA ASP A 648 1.98 -21.68 2.28
C ASP A 648 2.10 -20.16 2.30
N GLU A 649 3.08 -19.67 3.07
CA GLU A 649 3.40 -18.23 3.11
C GLU A 649 2.26 -17.39 3.67
N ASN A 650 1.37 -17.98 4.46
CA ASN A 650 0.29 -17.14 4.96
C ASN A 650 0.85 -16.15 5.97
N LYS A 651 0.10 -15.07 6.19
CA LYS A 651 0.68 -13.96 6.96
C LYS A 651 -0.33 -13.36 7.91
N ASN A 652 0.17 -12.98 9.08
CA ASN A 652 -0.63 -12.32 10.10
C ASN A 652 -0.92 -10.86 9.73
N PRO A 653 -1.88 -10.22 10.40
CA PRO A 653 -2.09 -8.77 10.22
C PRO A 653 -0.81 -8.01 10.52
N VAL A 654 -0.54 -6.99 9.70
CA VAL A 654 0.57 -6.09 9.96
C VAL A 654 0.02 -4.88 10.72
N LEU A 655 0.63 -4.54 11.84
CA LEU A 655 0.11 -3.46 12.68
C LEU A 655 0.77 -2.15 12.27
N SER A 656 0.00 -1.07 12.21
CA SER A 656 0.57 0.24 11.89
C SER A 656 0.55 1.06 13.16
N TYR A 657 1.67 1.71 13.48
CA TYR A 657 1.72 2.63 14.60
C TYR A 657 2.09 4.02 14.13
N VAL A 658 1.56 5.03 14.79
CA VAL A 658 1.72 6.42 14.37
C VAL A 658 2.68 7.11 15.32
N LEU A 659 3.47 8.04 14.79
CA LEU A 659 4.31 8.91 15.59
C LEU A 659 3.68 10.31 15.55
N PRO A 660 3.37 10.92 16.69
CA PRO A 660 2.64 12.22 16.68
C PRO A 660 3.39 13.29 15.92
N VAL A 661 2.65 14.17 15.24
CA VAL A 661 3.31 15.31 14.62
C VAL A 661 3.49 16.43 15.64
N ASN A 662 4.20 17.47 15.27
CA ASN A 662 4.58 18.56 16.18
C ASN A 662 3.45 19.56 16.44
N LYS A 663 2.67 19.98 15.36
CA LYS A 663 1.71 21.06 15.61
C LYS A 663 0.38 20.50 16.13
N PRO A 664 -0.39 21.29 16.92
CA PRO A 664 -1.68 20.81 17.47
C PRO A 664 -2.80 20.81 16.43
N ARG A 665 -2.68 19.88 15.52
CA ARG A 665 -3.58 19.78 14.39
C ARG A 665 -4.70 18.80 14.74
N LEU A 666 -5.83 18.99 14.06
CA LEU A 666 -7.01 18.17 14.27
C LEU A 666 -7.59 17.80 12.92
N LEU A 667 -7.93 16.53 12.77
CA LEU A 667 -8.53 16.05 11.53
C LEU A 667 -10.04 16.01 11.73
N VAL A 668 -10.79 16.64 10.83
CA VAL A 668 -12.25 16.54 10.81
C VAL A 668 -12.66 15.54 9.73
N SER A 669 -13.50 14.56 10.08
CA SER A 669 -13.91 13.57 9.09
C SER A 669 -15.40 13.32 9.19
N ILE A 670 -16.02 13.06 8.04
CA ILE A 670 -17.47 12.84 7.97
C ILE A 670 -17.70 11.34 8.18
N ASP A 671 -18.53 10.98 9.16
CA ASP A 671 -18.63 9.55 9.45
C ASP A 671 -19.29 8.82 8.28
N GLY A 672 -18.83 7.60 8.00
CA GLY A 672 -19.38 6.81 6.91
C GLY A 672 -18.79 7.08 5.54
N THR A 673 -17.78 7.95 5.44
CA THR A 673 -17.18 8.37 4.15
C THR A 673 -15.67 8.56 4.34
N GLU A 674 -14.96 8.81 3.23
CA GLU A 674 -13.55 9.15 3.27
C GLU A 674 -13.30 10.65 3.31
N LEU A 675 -14.36 11.45 3.40
CA LEU A 675 -14.21 12.90 3.35
C LEU A 675 -13.55 13.40 4.63
N ARG A 676 -12.47 14.18 4.51
CA ARG A 676 -11.77 14.61 5.70
C ARG A 676 -10.99 15.89 5.43
N SER A 677 -10.63 16.59 6.49
CA SER A 677 -9.89 17.82 6.24
C SER A 677 -9.22 18.26 7.51
N GLU A 678 -8.02 18.85 7.38
CA GLU A 678 -7.40 19.54 8.51
C GLU A 678 -7.65 21.05 8.53
N GLY A 679 -8.46 21.56 7.60
CA GLY A 679 -8.81 22.97 7.63
C GLY A 679 -7.81 23.89 6.96
N SER A 680 -6.96 23.37 6.07
CA SER A 680 -6.06 24.36 5.50
C SER A 680 -6.80 25.20 4.44
N PRO A 681 -6.58 26.51 4.41
CA PRO A 681 -7.11 27.30 3.29
C PRO A 681 -6.49 26.96 1.94
N TRP A 682 -5.34 26.27 1.93
CA TRP A 682 -4.65 25.99 0.67
C TRP A 682 -5.14 24.72 0.01
N HIS A 683 -5.83 23.85 0.74
CA HIS A 683 -6.26 22.55 0.25
C HIS A 683 -7.75 22.39 0.56
N VAL A 684 -8.24 21.16 0.66
CA VAL A 684 -9.68 20.98 0.79
C VAL A 684 -10.09 21.27 2.24
N ASN A 685 -11.01 22.20 2.39
CA ASN A 685 -11.48 22.55 3.72
C ASN A 685 -13.01 22.65 3.77
N THR A 686 -13.72 22.23 2.73
CA THR A 686 -15.18 22.19 2.73
C THR A 686 -15.60 20.75 2.44
N LEU A 687 -16.42 20.18 3.30
CA LEU A 687 -16.86 18.78 3.26
C LEU A 687 -18.38 18.68 3.25
N PRO A 688 -18.95 17.85 2.37
CA PRO A 688 -20.40 17.61 2.41
C PRO A 688 -20.83 16.49 3.36
N LEU A 689 -21.89 16.74 4.11
CA LEU A 689 -22.47 15.73 4.99
C LEU A 689 -23.88 15.52 4.48
N VAL A 690 -24.16 14.36 3.90
CA VAL A 690 -25.34 14.24 3.07
C VAL A 690 -26.46 13.41 3.72
N ASP A 691 -26.32 13.04 5.00
CA ASP A 691 -27.27 12.11 5.62
C ASP A 691 -28.71 12.64 5.57
N PHE A 692 -28.90 13.97 5.70
CA PHE A 692 -30.27 14.50 5.79
C PHE A 692 -30.90 14.67 4.41
N LEU A 693 -30.21 14.27 3.35
CA LEU A 693 -30.84 14.19 2.03
C LEU A 693 -31.92 13.11 1.97
N GLU A 694 -32.01 12.22 2.98
CA GLU A 694 -33.21 11.37 3.06
C GLU A 694 -34.18 11.93 4.10
N PRO A 695 -35.44 12.14 3.72
CA PRO A 695 -36.38 12.86 4.60
C PRO A 695 -36.62 12.23 5.95
N ASP A 696 -36.45 10.92 6.10
CA ASP A 696 -36.73 10.30 7.38
C ASP A 696 -35.49 10.12 8.25
N VAL A 697 -34.35 10.71 7.88
CA VAL A 697 -33.15 10.58 8.69
C VAL A 697 -33.04 11.79 9.63
N ASN A 698 -32.79 11.52 10.91
CA ASN A 698 -32.73 12.61 11.88
C ASN A 698 -31.45 12.56 12.72
N GLN A 699 -30.43 11.84 12.26
CA GLN A 699 -29.17 11.83 12.98
C GLN A 699 -28.02 11.68 12.01
N ALA A 700 -26.91 12.35 12.31
CA ALA A 700 -25.68 12.19 11.53
C ALA A 700 -24.52 12.59 12.43
N SER A 701 -23.30 12.33 11.97
CA SER A 701 -22.21 12.72 12.85
C SER A 701 -20.93 12.93 12.06
N PHE A 702 -20.02 13.69 12.67
CA PHE A 702 -18.65 13.78 12.18
C PHE A 702 -17.71 13.62 13.37
N THR A 703 -16.42 13.39 13.09
CA THR A 703 -15.46 13.14 14.14
C THR A 703 -14.32 14.14 14.03
N ILE A 704 -13.78 14.51 15.19
CA ILE A 704 -12.57 15.32 15.31
C ILE A 704 -11.52 14.47 16.01
N SER A 705 -10.31 14.37 15.42
CA SER A 705 -9.29 13.43 15.86
C SER A 705 -7.93 14.10 15.99
N SER A 706 -7.19 13.68 17.02
CA SER A 706 -5.82 14.12 17.26
C SER A 706 -4.82 13.48 16.29
N VAL A 707 -3.89 14.29 15.81
CA VAL A 707 -2.70 13.81 15.12
C VAL A 707 -1.44 14.09 15.90
N SER A 708 -1.52 14.90 16.95
CA SER A 708 -0.37 15.22 17.80
C SER A 708 -0.67 14.82 19.25
N GLU A 709 0.34 14.92 20.10
CA GLU A 709 0.15 14.71 21.54
C GLU A 709 -0.01 16.02 22.29
N LYS A 710 -0.35 17.11 21.59
CA LYS A 710 -0.54 18.43 22.17
C LYS A 710 -2.02 18.69 22.42
N LYS A 711 -2.31 19.60 23.34
CA LYS A 711 -3.72 19.94 23.52
C LYS A 711 -4.17 20.81 22.36
N ALA A 712 -5.31 20.46 21.79
CA ALA A 712 -5.84 21.15 20.61
C ALA A 712 -7.30 21.45 20.85
N GLU A 713 -7.66 22.73 20.89
CA GLU A 713 -9.06 23.14 21.11
C GLU A 713 -9.80 23.29 19.79
N TYR A 714 -11.06 22.91 19.77
CA TYR A 714 -11.91 23.16 18.61
C TYR A 714 -13.11 24.02 19.04
N HIS A 715 -13.70 24.72 18.07
CA HIS A 715 -14.92 25.51 18.29
C HIS A 715 -15.88 25.29 17.13
N ILE A 716 -17.10 24.90 17.43
CA ILE A 716 -18.10 24.53 16.44
C ILE A 716 -19.27 25.51 16.47
N SER A 717 -19.66 26.02 15.31
CA SER A 717 -20.86 26.84 15.24
C SER A 717 -21.59 26.55 13.93
N THR A 718 -22.87 26.90 13.90
CA THR A 718 -23.65 26.73 12.69
C THR A 718 -24.24 28.07 12.26
N ASP A 719 -24.65 28.14 11.01
CA ASP A 719 -25.12 29.40 10.45
C ASP A 719 -26.63 29.42 10.23
N GLN A 720 -27.37 28.48 10.83
CA GLN A 720 -28.83 28.39 10.73
C GLN A 720 -29.40 27.96 12.07
N ASP A 721 -30.56 28.52 12.44
CA ASP A 721 -31.21 28.17 13.70
C ASP A 721 -31.72 26.75 13.72
N TRP A 722 -32.14 26.19 12.59
CA TRP A 722 -32.58 24.79 12.56
C TRP A 722 -31.45 23.74 12.63
N LEU A 723 -30.19 24.15 12.59
CA LEU A 723 -29.06 23.21 12.49
C LEU A 723 -28.19 23.35 13.72
N SER A 724 -27.97 22.26 14.45
CA SER A 724 -27.16 22.39 15.66
C SER A 724 -26.34 21.12 15.84
N CYS A 725 -25.39 21.19 16.78
CA CYS A 725 -24.51 20.07 17.08
C CYS A 725 -24.48 19.78 18.58
N SER A 726 -23.95 18.60 18.91
CA SER A 726 -23.88 18.18 20.31
C SER A 726 -22.86 18.97 21.12
N ALA A 727 -22.04 19.79 20.49
CA ALA A 727 -20.98 20.47 21.21
C ALA A 727 -20.74 21.81 20.56
N ALA A 728 -20.26 22.76 21.35
CA ALA A 728 -19.79 24.05 20.85
C ALA A 728 -18.28 24.22 21.01
N ASN A 729 -17.70 23.68 22.08
CA ASN A 729 -16.29 23.85 22.37
C ASN A 729 -15.77 22.57 22.98
N GLY A 730 -14.48 22.31 22.77
CA GLY A 730 -13.86 21.14 23.35
C GLY A 730 -12.36 21.21 23.18
N VAL A 731 -11.69 20.25 23.80
CA VAL A 731 -10.25 20.17 23.67
C VAL A 731 -9.89 18.69 23.60
N LEU A 732 -8.96 18.35 22.74
CA LEU A 732 -8.38 17.02 22.66
C LEU A 732 -6.91 17.14 23.02
N ASP A 733 -6.32 16.05 23.52
CA ASP A 733 -4.94 16.15 23.95
C ASP A 733 -4.00 15.11 23.36
N GLY A 734 -4.48 14.17 22.57
CA GLY A 734 -3.55 13.19 22.06
C GLY A 734 -3.06 12.15 23.06
N LYS A 735 -3.39 12.30 24.34
CA LYS A 735 -3.02 11.30 25.34
C LYS A 735 -4.24 10.65 25.97
N ASN A 736 -5.08 11.37 26.72
CA ASN A 736 -6.26 10.71 27.27
C ASN A 736 -7.45 10.79 26.30
N LYS A 737 -7.69 11.96 25.69
CA LYS A 737 -8.79 12.10 24.73
C LYS A 737 -8.21 12.31 23.33
N LEU A 738 -8.42 11.32 22.48
CA LEU A 738 -7.85 11.27 21.15
C LEU A 738 -8.82 11.70 20.06
N SER A 739 -10.13 11.52 20.27
CA SER A 739 -11.11 11.91 19.27
C SER A 739 -12.40 12.26 19.97
N GLU A 740 -13.28 12.94 19.24
CA GLU A 740 -14.61 13.29 19.71
C GLU A 740 -15.58 13.15 18.55
N THR A 741 -16.72 12.51 18.78
CA THR A 741 -17.77 12.41 17.77
C THR A 741 -18.82 13.48 18.01
N ILE A 742 -19.09 14.30 16.99
CA ILE A 742 -20.05 15.39 17.12
C ILE A 742 -21.32 14.95 16.41
N HIS A 743 -22.44 14.96 17.14
CA HIS A 743 -23.73 14.67 16.52
C HIS A 743 -24.36 15.93 15.96
N VAL A 744 -24.96 15.79 14.78
CA VAL A 744 -25.59 16.90 14.09
C VAL A 744 -27.10 16.70 14.13
N PHE A 745 -27.85 17.77 14.36
CA PHE A 745 -29.31 17.74 14.53
C PHE A 745 -29.95 18.73 13.58
N VAL A 746 -30.98 18.28 12.86
CA VAL A 746 -31.77 19.15 11.99
C VAL A 746 -33.19 19.22 12.55
N ASP A 747 -33.66 20.43 12.81
CA ASP A 747 -35.05 20.62 13.22
C ASP A 747 -35.90 20.69 11.96
N ARG A 748 -36.59 19.60 11.65
CA ARG A 748 -37.42 19.50 10.45
C ARG A 748 -38.77 20.21 10.60
N ASP A 749 -39.11 20.66 11.81
CA ASP A 749 -40.41 21.29 12.05
C ASP A 749 -40.48 22.63 11.33
N GLY A 750 -41.29 22.71 10.26
CA GLY A 750 -41.43 23.97 9.54
C GLY A 750 -40.32 24.26 8.55
N LEU A 751 -39.44 23.29 8.32
CA LEU A 751 -38.35 23.44 7.37
C LEU A 751 -38.84 23.20 5.95
N ALA A 752 -38.41 24.08 5.03
CA ALA A 752 -38.78 23.97 3.62
C ALA A 752 -38.31 22.65 3.01
N ASP A 753 -38.87 22.32 1.86
CA ASP A 753 -38.59 21.04 1.23
C ASP A 753 -37.10 20.86 0.95
N GLN A 754 -36.39 21.93 0.58
CA GLN A 754 -34.94 21.85 0.44
C GLN A 754 -34.28 23.01 1.16
N ALA A 755 -33.26 22.71 1.95
CA ALA A 755 -32.54 23.75 2.68
C ALA A 755 -31.08 23.36 2.73
N GLU A 756 -30.22 24.32 2.98
CA GLU A 756 -28.81 23.98 3.15
C GLU A 756 -28.20 24.83 4.25
N GLY A 757 -27.53 24.20 5.21
CA GLY A 757 -26.87 24.90 6.27
C GLY A 757 -25.37 24.61 6.27
N ARG A 758 -24.64 25.34 7.09
CA ARG A 758 -23.21 25.10 7.17
C ARG A 758 -22.75 25.07 8.62
N ILE A 759 -21.90 24.09 8.93
CA ILE A 759 -21.25 23.97 10.22
C ILE A 759 -19.81 24.43 10.05
N THR A 760 -19.33 25.26 10.97
CA THR A 760 -17.94 25.71 10.94
C THR A 760 -17.19 25.10 12.11
N VAL A 761 -16.07 24.43 11.82
CA VAL A 761 -15.24 23.80 12.86
C VAL A 761 -13.89 24.50 12.83
N LYS A 762 -13.57 25.24 13.89
CA LYS A 762 -12.30 25.94 13.98
C LYS A 762 -11.35 25.12 14.85
N THR A 763 -10.13 24.94 14.33
CA THR A 763 -9.09 24.16 14.99
C THR A 763 -7.86 25.06 15.17
N PRO A 764 -6.84 24.63 15.91
CA PRO A 764 -5.68 25.52 16.13
C PRO A 764 -4.97 25.94 14.86
N VAL A 765 -5.15 25.22 13.75
CA VAL A 765 -4.39 25.52 12.55
C VAL A 765 -5.27 25.90 11.36
N GLY A 766 -6.60 25.90 11.50
CA GLY A 766 -7.44 26.23 10.36
C GLY A 766 -8.92 26.12 10.63
N LYS A 767 -9.70 25.87 9.59
CA LYS A 767 -11.16 25.93 9.69
C LYS A 767 -11.75 24.98 8.66
N VAL A 768 -12.64 24.10 9.09
CA VAL A 768 -13.33 23.17 8.19
C VAL A 768 -14.79 23.59 8.12
N THR A 769 -15.33 23.72 6.92
CA THR A 769 -16.76 23.97 6.75
C THR A 769 -17.44 22.66 6.35
N ILE A 770 -18.49 22.30 7.06
CA ILE A 770 -19.26 21.10 6.74
C ILE A 770 -20.59 21.57 6.15
N VAL A 771 -20.86 21.19 4.89
CA VAL A 771 -22.08 21.64 4.23
C VAL A 771 -23.16 20.60 4.44
N VAL A 772 -24.33 21.04 4.91
CA VAL A 772 -25.39 20.12 5.32
C VAL A 772 -26.63 20.42 4.48
N PRO A 773 -26.79 19.77 3.33
CA PRO A 773 -28.05 19.92 2.58
C PRO A 773 -29.11 18.98 3.12
N VAL A 774 -30.36 19.42 3.05
CA VAL A 774 -31.47 18.72 3.67
C VAL A 774 -32.59 18.57 2.67
N VAL A 775 -33.20 17.39 2.61
CA VAL A 775 -34.47 17.18 1.91
C VAL A 775 -35.54 16.93 2.97
N ASN A 776 -36.61 17.70 2.93
CA ASN A 776 -37.68 17.57 3.91
C ASN A 776 -39.01 17.28 3.26
N ASN A 777 -39.03 17.15 1.94
CA ASN A 777 -40.14 16.61 1.18
C ASN A 777 -40.27 15.13 1.53
N ASP A 778 -41.40 14.70 2.07
CA ASP A 778 -41.45 13.27 2.37
C ASP A 778 -42.09 12.44 1.26
N PHE A 779 -42.58 13.07 0.18
CA PHE A 779 -42.93 12.39 -1.07
C PHE A 779 -44.18 11.50 -0.92
N THR A 780 -45.08 11.88 -0.02
CA THR A 780 -46.40 11.27 0.10
C THR A 780 -47.15 11.20 -1.23
N ASN A 781 -46.82 12.06 -2.22
CA ASN A 781 -47.46 12.12 -3.52
C ASN A 781 -47.16 10.91 -4.42
N TYR A 782 -46.21 10.06 -4.05
CA TYR A 782 -45.91 8.80 -4.73
C TYR A 782 -46.43 7.63 -3.91
N PRO A 783 -46.67 6.48 -4.54
CA PRO A 783 -47.12 5.30 -3.79
C PRO A 783 -46.04 4.74 -2.89
N ASP A 784 -46.47 3.92 -1.93
CA ASP A 784 -45.54 3.23 -1.06
C ASP A 784 -44.56 2.42 -1.92
N MET A 785 -43.35 2.24 -1.40
CA MET A 785 -42.26 1.52 -2.03
C MET A 785 -41.66 2.26 -3.23
N THR A 786 -41.95 3.54 -3.41
CA THR A 786 -41.26 4.32 -4.43
C THR A 786 -39.90 4.80 -3.92
N PHE A 787 -38.82 4.38 -4.60
CA PHE A 787 -37.49 4.85 -4.26
C PHE A 787 -37.28 6.23 -4.86
N VAL A 788 -36.68 7.14 -4.09
CA VAL A 788 -36.55 8.54 -4.54
C VAL A 788 -35.07 8.88 -4.53
N ASP A 789 -34.51 9.22 -5.69
CA ASP A 789 -33.10 9.61 -5.79
C ASP A 789 -32.89 10.99 -5.17
N THR A 790 -32.29 11.05 -3.99
CA THR A 790 -31.82 12.33 -3.48
C THR A 790 -30.32 12.42 -3.31
N LYS A 791 -29.60 11.31 -3.27
CA LYS A 791 -28.15 11.33 -3.04
C LYS A 791 -27.35 11.20 -4.32
N GLY A 792 -27.99 11.12 -5.47
CA GLY A 792 -27.26 10.85 -6.70
C GLY A 792 -27.22 9.39 -7.11
N TYR A 793 -27.88 8.51 -6.37
CA TYR A 793 -27.95 7.10 -6.75
C TYR A 793 -29.08 6.49 -5.95
N ILE A 794 -29.53 5.31 -6.37
CA ILE A 794 -30.57 4.58 -5.68
C ILE A 794 -30.06 3.17 -5.42
N SER A 795 -30.34 2.64 -4.23
CA SER A 795 -29.91 1.31 -3.84
C SER A 795 -31.12 0.65 -3.20
N ILE A 796 -31.49 -0.53 -3.72
CA ILE A 796 -32.76 -1.19 -3.46
C ILE A 796 -32.45 -2.60 -3.00
N GLU A 797 -32.90 -2.98 -1.80
CA GLU A 797 -32.87 -4.41 -1.51
C GLU A 797 -33.98 -5.07 -2.34
N ALA A 798 -33.64 -6.20 -2.95
CA ALA A 798 -34.50 -6.78 -3.97
C ALA A 798 -35.88 -7.13 -3.44
N GLU A 799 -35.98 -7.41 -2.14
CA GLU A 799 -37.27 -7.71 -1.53
C GLU A 799 -38.22 -6.50 -1.52
N HIS A 800 -37.73 -5.29 -1.74
CA HIS A 800 -38.59 -4.09 -1.68
C HIS A 800 -39.16 -3.69 -3.05
N PHE A 801 -39.69 -4.66 -3.78
CA PHE A 801 -40.44 -4.37 -4.98
C PHE A 801 -41.81 -3.81 -4.62
N ALA A 802 -42.36 -3.01 -5.52
CA ALA A 802 -43.66 -2.40 -5.30
C ALA A 802 -44.78 -3.36 -5.62
N THR A 803 -44.60 -4.22 -6.61
CA THR A 803 -45.63 -5.21 -6.93
C THR A 803 -44.95 -6.34 -7.68
N GLN A 804 -45.72 -7.40 -7.93
CA GLN A 804 -45.19 -8.58 -8.60
C GLN A 804 -46.34 -9.27 -9.31
N LYS A 805 -46.02 -9.97 -10.39
CA LYS A 805 -47.07 -10.71 -11.09
C LYS A 805 -46.63 -12.15 -11.21
N ALA A 806 -47.48 -13.05 -10.74
CA ALA A 806 -47.25 -14.47 -10.92
C ALA A 806 -47.94 -14.93 -12.20
N THR A 807 -47.58 -16.11 -12.68
CA THR A 807 -48.35 -16.72 -13.76
C THR A 807 -48.81 -18.09 -13.27
N GLU A 808 -49.83 -18.64 -13.94
CA GLU A 808 -50.48 -19.85 -13.47
C GLU A 808 -50.25 -21.02 -14.42
N ASN A 809 -50.09 -22.20 -13.83
CA ASN A 809 -49.95 -23.43 -14.59
C ASN A 809 -51.27 -24.20 -14.62
N LEU A 810 -51.25 -25.35 -15.30
CA LEU A 810 -52.49 -26.11 -15.52
C LEU A 810 -52.98 -26.72 -14.22
N ASP A 811 -52.08 -27.32 -13.45
CA ASP A 811 -52.40 -27.97 -12.17
C ASP A 811 -52.84 -26.98 -11.09
N GLY A 812 -52.87 -25.69 -11.41
CA GLY A 812 -53.23 -24.65 -10.47
C GLY A 812 -52.06 -23.98 -9.77
N THR A 813 -50.86 -24.53 -9.88
CA THR A 813 -49.68 -23.92 -9.27
C THR A 813 -49.34 -22.60 -9.93
N LEU A 814 -48.53 -21.81 -9.24
CA LEU A 814 -48.14 -20.49 -9.74
C LEU A 814 -46.64 -20.44 -9.95
N ASN A 815 -46.23 -19.64 -10.93
CA ASN A 815 -44.83 -19.26 -11.12
C ASN A 815 -44.66 -17.85 -10.60
N ARG A 816 -43.76 -17.68 -9.64
CA ARG A 816 -43.71 -16.41 -8.92
C ARG A 816 -42.32 -16.21 -8.35
N PHE A 817 -41.93 -14.95 -8.18
CA PHE A 817 -40.80 -14.65 -7.33
C PHE A 817 -41.14 -14.85 -5.85
N GLU A 818 -40.22 -15.47 -5.13
CA GLU A 818 -40.35 -15.65 -3.70
C GLU A 818 -39.20 -14.92 -2.99
N VAL A 819 -39.46 -14.41 -1.80
CA VAL A 819 -38.39 -13.82 -0.98
C VAL A 819 -37.79 -14.94 -0.14
N LEU A 820 -36.48 -15.11 -0.26
CA LEU A 820 -35.71 -16.03 0.58
C LEU A 820 -35.18 -15.22 1.76
N ASP A 821 -35.81 -15.38 2.93
CA ASP A 821 -35.43 -14.62 4.12
C ASP A 821 -33.99 -14.90 4.49
N GLY A 822 -33.25 -13.84 4.82
CA GLY A 822 -31.88 -13.99 5.30
C GLY A 822 -30.88 -14.47 4.27
N TYR A 823 -31.27 -14.61 3.02
CA TYR A 823 -30.38 -15.16 2.01
C TYR A 823 -29.33 -14.11 1.62
N GLY A 824 -28.14 -14.58 1.24
CA GLY A 824 -27.16 -13.70 0.61
C GLY A 824 -26.33 -12.88 1.59
N LYS A 825 -25.72 -11.82 1.03
CA LYS A 825 -24.77 -11.02 1.80
C LYS A 825 -25.46 -10.02 2.69
N THR A 826 -26.64 -9.56 2.28
CA THR A 826 -27.33 -8.52 3.03
C THR A 826 -28.74 -8.99 3.42
N LEU A 827 -29.79 -8.24 3.09
CA LEU A 827 -31.09 -8.50 3.69
C LEU A 827 -31.64 -9.86 3.26
N SER A 828 -31.73 -10.10 1.96
CA SER A 828 -32.41 -11.30 1.48
C SER A 828 -32.23 -11.33 -0.03
N ALA A 829 -32.96 -12.22 -0.69
CA ALA A 829 -32.83 -12.33 -2.13
C ALA A 829 -34.19 -12.75 -2.66
N ILE A 830 -34.39 -12.57 -3.95
CA ILE A 830 -35.62 -13.05 -4.58
C ILE A 830 -35.20 -14.05 -5.64
N LYS A 831 -36.04 -15.06 -5.85
CA LYS A 831 -35.76 -16.13 -6.79
C LYS A 831 -37.10 -16.65 -7.32
N ALA A 832 -37.14 -17.01 -8.60
CA ALA A 832 -38.38 -17.50 -9.17
C ALA A 832 -38.59 -18.97 -8.83
N PHE A 833 -39.83 -19.33 -8.49
CA PHE A 833 -40.23 -20.72 -8.28
C PHE A 833 -41.43 -21.05 -9.15
N PRO A 834 -41.50 -22.25 -9.74
CA PRO A 834 -40.57 -23.39 -9.66
C PRO A 834 -39.18 -23.06 -10.26
N THR A 835 -38.13 -23.73 -9.77
CA THR A 835 -36.75 -23.36 -10.09
C THR A 835 -36.21 -23.99 -11.37
N ASP A 836 -36.88 -24.99 -11.94
CA ASP A 836 -36.34 -25.74 -13.08
C ASP A 836 -36.91 -25.31 -14.42
N THR A 837 -37.84 -24.35 -14.44
CA THR A 837 -38.42 -23.90 -15.70
C THR A 837 -37.52 -22.85 -16.34
N HIS A 838 -37.37 -22.94 -17.65
CA HIS A 838 -36.82 -21.86 -18.46
C HIS A 838 -38.00 -21.01 -18.93
N TYR A 839 -38.17 -19.84 -18.30
CA TYR A 839 -39.30 -18.97 -18.56
C TYR A 839 -39.08 -18.18 -19.84
N GLN A 840 -40.17 -17.77 -20.47
CA GLN A 840 -40.11 -16.91 -21.65
C GLN A 840 -40.91 -15.64 -21.40
N VAL A 841 -40.29 -14.48 -21.62
CA VAL A 841 -40.98 -13.21 -21.42
C VAL A 841 -42.20 -13.15 -22.32
N GLY A 842 -43.31 -12.78 -21.73
CA GLY A 842 -44.55 -12.66 -22.45
C GLY A 842 -45.32 -13.93 -22.50
N LYS A 843 -44.71 -14.99 -22.10
CA LYS A 843 -45.41 -16.27 -22.07
C LYS A 843 -45.79 -16.75 -20.68
N ASP A 844 -44.78 -17.15 -19.90
CA ASP A 844 -44.99 -17.64 -18.54
C ASP A 844 -44.07 -17.00 -17.51
N ALA A 845 -43.18 -16.08 -17.90
CA ALA A 845 -42.21 -15.53 -16.94
C ALA A 845 -42.90 -14.65 -15.91
N PRO A 846 -42.70 -14.89 -14.62
CA PRO A 846 -43.16 -13.92 -13.60
C PRO A 846 -42.21 -12.73 -13.51
N PHE A 847 -42.70 -11.66 -12.88
CA PHE A 847 -41.88 -10.48 -12.70
C PHE A 847 -42.12 -9.84 -11.35
N VAL A 848 -41.15 -9.01 -10.95
CA VAL A 848 -41.29 -8.07 -9.84
C VAL A 848 -41.11 -6.69 -10.44
N GLU A 849 -41.75 -5.70 -9.81
CA GLU A 849 -41.75 -4.35 -10.34
C GLU A 849 -41.30 -3.38 -9.25
N TYR A 850 -40.31 -2.56 -9.58
CA TYR A 850 -39.76 -1.54 -8.69
C TYR A 850 -40.14 -0.16 -9.22
N HIS A 851 -40.46 0.76 -8.31
CA HIS A 851 -40.80 2.13 -8.68
C HIS A 851 -39.70 3.04 -8.18
N PHE A 852 -39.25 3.97 -9.03
CA PHE A 852 -38.18 4.86 -8.59
C PHE A 852 -38.26 6.18 -9.34
N VAL A 853 -37.74 7.23 -8.70
CA VAL A 853 -37.90 8.62 -9.16
C VAL A 853 -36.51 9.19 -9.43
N THR A 854 -36.27 9.59 -10.67
CA THR A 854 -34.99 10.19 -11.00
C THR A 854 -35.10 11.71 -10.92
N GLN A 855 -33.94 12.36 -10.77
CA GLN A 855 -33.88 13.82 -10.85
C GLN A 855 -33.75 14.33 -12.28
N GLU A 856 -33.16 13.55 -13.19
CA GLU A 856 -32.95 13.97 -14.57
C GLU A 856 -33.18 12.78 -15.49
N ALA A 857 -33.76 13.04 -16.66
CA ALA A 857 -33.81 12.03 -17.69
C ALA A 857 -32.40 11.74 -18.17
N GLY A 858 -32.18 10.55 -18.71
CA GLY A 858 -30.90 10.24 -19.29
C GLY A 858 -30.57 8.78 -19.14
N VAL A 859 -29.32 8.46 -19.46
CA VAL A 859 -28.83 7.10 -19.40
C VAL A 859 -28.36 6.83 -17.98
N TYR A 860 -28.86 5.74 -17.41
CA TYR A 860 -28.49 5.28 -16.09
C TYR A 860 -27.82 3.94 -16.18
N GLU A 861 -26.94 3.67 -15.23
CA GLU A 861 -26.41 2.33 -15.03
C GLU A 861 -27.33 1.60 -14.06
N LEU A 862 -27.70 0.37 -14.43
CA LEU A 862 -28.50 -0.51 -13.61
C LEU A 862 -27.62 -1.71 -13.26
N GLU A 863 -27.29 -1.85 -11.99
CA GLU A 863 -26.37 -2.86 -11.53
C GLU A 863 -27.11 -3.84 -10.63
N PHE A 864 -26.97 -5.12 -10.92
CA PHE A 864 -27.55 -6.17 -10.10
C PHE A 864 -26.46 -6.76 -9.23
N TYR A 865 -26.81 -7.05 -7.99
CA TYR A 865 -26.00 -7.89 -7.12
C TYR A 865 -26.68 -9.24 -7.07
N LEU A 866 -25.99 -10.30 -7.51
CA LEU A 866 -26.58 -11.63 -7.65
C LEU A 866 -25.78 -12.67 -6.88
N GLN A 867 -26.48 -13.67 -6.37
CA GLN A 867 -25.77 -14.84 -5.89
C GLN A 867 -24.94 -15.42 -7.04
N PRO A 868 -23.69 -15.88 -6.78
CA PRO A 868 -22.84 -16.39 -7.90
C PRO A 868 -23.17 -17.82 -8.30
N SER A 869 -24.33 -17.98 -8.91
CA SER A 869 -24.76 -19.27 -9.45
C SER A 869 -24.10 -19.55 -10.79
N ASN A 870 -24.03 -20.84 -11.12
CA ASN A 870 -23.49 -21.24 -12.40
C ASN A 870 -24.62 -21.64 -13.34
N PRO A 871 -24.46 -21.47 -14.66
CA PRO A 871 -25.52 -21.90 -15.58
C PRO A 871 -25.88 -23.36 -15.38
N VAL A 872 -27.18 -23.67 -15.51
CA VAL A 872 -27.66 -25.05 -15.29
C VAL A 872 -27.57 -25.93 -16.52
N THR A 873 -27.27 -25.38 -17.68
CA THR A 873 -27.12 -26.20 -18.88
C THR A 873 -25.69 -26.09 -19.43
N ARG A 874 -25.36 -27.01 -20.34
CA ARG A 874 -24.00 -26.99 -20.89
CA ARG A 874 -24.02 -27.02 -20.93
C ARG A 874 -23.75 -25.80 -21.81
N GLU A 875 -24.78 -25.00 -22.09
CA GLU A 875 -24.64 -23.82 -22.94
C GLU A 875 -24.01 -22.63 -22.21
N GLY A 876 -23.90 -22.69 -20.89
CA GLY A 876 -23.08 -21.71 -20.17
C GLY A 876 -23.58 -20.28 -20.20
N THR A 877 -24.89 -20.08 -20.31
CA THR A 877 -25.52 -18.75 -20.29
C THR A 877 -26.51 -18.63 -19.12
N MET A 878 -26.84 -17.40 -18.76
CA MET A 878 -27.91 -17.17 -17.78
C MET A 878 -28.57 -15.83 -18.06
N TYR A 879 -29.87 -15.84 -18.34
CA TYR A 879 -30.56 -14.64 -18.79
C TYR A 879 -31.59 -14.16 -17.76
N ALA A 880 -31.85 -12.84 -17.77
CA ALA A 880 -32.96 -12.26 -17.07
C ALA A 880 -33.61 -11.23 -17.99
N GLY A 881 -34.87 -10.87 -17.72
CA GLY A 881 -35.57 -9.88 -18.49
C GLY A 881 -35.64 -8.58 -17.71
N ILE A 882 -35.37 -7.46 -18.40
CA ILE A 882 -35.59 -6.15 -17.80
C ILE A 882 -36.47 -5.32 -18.71
N GLN A 883 -37.41 -4.59 -18.10
CA GLN A 883 -38.23 -3.65 -18.83
C GLN A 883 -38.34 -2.37 -18.05
N VAL A 884 -38.03 -1.26 -18.70
CA VAL A 884 -38.07 0.07 -18.11
C VAL A 884 -39.27 0.80 -18.72
N ASN A 885 -40.21 1.19 -17.86
CA ASN A 885 -41.41 1.92 -18.27
C ASN A 885 -42.12 1.09 -19.34
N GLU A 886 -42.42 1.65 -20.52
CA GLU A 886 -43.15 0.92 -21.53
C GLU A 886 -42.28 0.47 -22.70
N ASN A 887 -40.96 0.56 -22.59
CA ASN A 887 -40.09 0.15 -23.67
C ASN A 887 -40.12 -1.37 -23.82
N ASP A 888 -39.47 -1.86 -24.87
CA ASP A 888 -39.43 -3.29 -25.08
C ASP A 888 -38.67 -3.98 -23.95
N VAL A 889 -39.07 -5.22 -23.65
CA VAL A 889 -38.31 -6.05 -22.74
C VAL A 889 -36.95 -6.32 -23.37
N ASP A 890 -35.90 -6.27 -22.55
CA ASP A 890 -34.57 -6.62 -22.99
C ASP A 890 -34.12 -7.84 -22.21
N VAL A 891 -33.82 -8.92 -22.93
CA VAL A 891 -33.32 -10.13 -22.29
C VAL A 891 -31.79 -10.04 -22.26
N ILE A 892 -31.22 -10.00 -21.06
CA ILE A 892 -29.81 -9.67 -20.88
C ILE A 892 -29.10 -10.87 -20.28
N ASN A 893 -27.85 -11.09 -20.70
CA ASN A 893 -26.99 -12.10 -20.12
C ASN A 893 -26.36 -11.52 -18.87
N VAL A 894 -26.55 -12.20 -17.73
CA VAL A 894 -26.07 -11.64 -16.46
C VAL A 894 -24.68 -12.18 -16.11
N LEU A 895 -24.06 -12.90 -17.03
CA LEU A 895 -22.71 -13.45 -16.84
C LEU A 895 -21.65 -12.68 -17.64
N PRO A 896 -20.39 -12.70 -17.21
CA PRO A 896 -19.29 -12.14 -18.04
C PRO A 896 -19.07 -12.93 -19.32
N ASP A 897 -18.55 -12.20 -20.32
CA ASP A 897 -18.04 -12.84 -21.52
C ASP A 897 -17.07 -13.96 -21.14
N GLY A 898 -17.24 -15.12 -21.77
CA GLY A 898 -16.33 -16.22 -21.56
C GLY A 898 -16.41 -16.89 -20.22
N TYR A 899 -17.50 -16.69 -19.47
CA TYR A 899 -17.61 -17.22 -18.13
C TYR A 899 -17.50 -18.74 -18.11
N HIS A 900 -16.83 -19.27 -17.09
CA HIS A 900 -16.82 -20.72 -16.88
C HIS A 900 -16.28 -20.99 -15.49
N VAL A 901 -16.80 -22.03 -14.85
CA VAL A 901 -16.25 -22.46 -13.58
C VAL A 901 -14.74 -22.70 -13.73
N ASP A 902 -13.98 -22.25 -12.72
CA ASP A 902 -12.53 -22.22 -12.62
C ASP A 902 -11.91 -21.11 -13.45
N GLY A 903 -12.70 -20.27 -14.14
CA GLY A 903 -12.14 -19.13 -14.83
C GLY A 903 -11.84 -17.98 -13.89
N PRO A 904 -11.33 -16.88 -14.46
CA PRO A 904 -10.94 -15.72 -13.64
C PRO A 904 -12.10 -15.03 -12.95
N HIS A 905 -13.20 -14.77 -13.67
CA HIS A 905 -14.35 -14.09 -13.06
C HIS A 905 -15.05 -14.98 -12.05
N TRP A 906 -15.21 -16.27 -12.39
CA TRP A 906 -15.79 -17.22 -11.45
C TRP A 906 -15.03 -17.19 -10.14
N GLY A 907 -13.70 -17.11 -10.21
CA GLY A 907 -12.89 -17.18 -9.00
C GLY A 907 -13.01 -15.94 -8.12
N ILE A 908 -13.01 -14.74 -8.73
CA ILE A 908 -13.29 -13.51 -7.96
C ILE A 908 -14.65 -13.61 -7.29
N ASP A 909 -15.68 -13.97 -8.06
CA ASP A 909 -17.05 -13.92 -7.54
C ASP A 909 -17.27 -14.96 -6.45
N VAL A 910 -16.61 -16.12 -6.54
CA VAL A 910 -16.88 -17.15 -5.54
C VAL A 910 -16.31 -16.75 -4.17
N ILE A 911 -15.17 -16.08 -4.14
CA ILE A 911 -14.57 -15.58 -2.90
C ILE A 911 -15.36 -14.38 -2.34
N ASN A 912 -15.87 -13.51 -3.22
CA ASN A 912 -16.75 -12.42 -2.76
C ASN A 912 -18.16 -12.87 -2.43
N ASN A 913 -18.51 -14.09 -2.78
CA ASN A 913 -19.87 -14.62 -2.64
C ASN A 913 -20.93 -13.73 -3.29
N ILE A 914 -20.60 -13.14 -4.43
CA ILE A 914 -21.52 -12.24 -5.09
C ILE A 914 -21.04 -12.06 -6.51
N ARG A 915 -21.98 -11.89 -7.42
CA ARG A 915 -21.71 -11.48 -8.78
C ARG A 915 -22.41 -10.15 -9.00
N THR A 916 -21.73 -9.22 -9.65
CA THR A 916 -22.39 -8.00 -10.08
C THR A 916 -22.39 -7.94 -11.60
N THR A 917 -23.46 -7.39 -12.17
CA THR A 917 -23.57 -7.19 -13.60
C THR A 917 -24.21 -5.82 -13.81
N LYS A 918 -23.84 -5.15 -14.91
CA LYS A 918 -24.28 -3.79 -15.20
C LYS A 918 -24.84 -3.70 -16.63
N THR A 919 -25.90 -2.92 -16.79
CA THR A 919 -26.53 -2.66 -18.06
C THR A 919 -26.97 -1.20 -18.07
N LYS A 920 -26.99 -0.57 -19.24
CA LYS A 920 -27.46 0.81 -19.34
C LYS A 920 -28.94 0.83 -19.68
N ILE A 921 -29.67 1.76 -19.05
CA ILE A 921 -31.10 1.95 -19.31
C ILE A 921 -31.36 3.44 -19.49
N THR A 922 -32.45 3.77 -20.18
CA THR A 922 -32.85 5.16 -20.31
C THR A 922 -34.07 5.40 -19.42
N CYS A 923 -33.98 6.40 -18.55
CA CYS A 923 -35.08 6.74 -17.68
C CYS A 923 -35.65 8.11 -18.05
N GLU A 924 -36.94 8.26 -17.73
CA GLU A 924 -37.62 9.54 -17.77
C GLU A 924 -37.26 10.37 -16.54
N GLN A 925 -37.56 11.67 -16.61
CA GLN A 925 -37.51 12.51 -15.43
C GLN A 925 -38.68 12.16 -14.53
N GLY A 926 -38.42 12.05 -13.23
CA GLY A 926 -39.53 11.73 -12.34
C GLY A 926 -39.77 10.25 -12.17
N LEU A 927 -41.04 9.84 -12.11
CA LEU A 927 -41.39 8.47 -11.74
C LEU A 927 -41.10 7.47 -12.87
N ASN A 928 -40.41 6.38 -12.53
CA ASN A 928 -40.07 5.31 -13.47
C ASN A 928 -40.50 3.96 -12.89
N LYS A 929 -40.74 3.01 -13.78
CA LYS A 929 -41.03 1.62 -13.43
C LYS A 929 -39.94 0.72 -14.00
N LEU A 930 -39.49 -0.26 -13.22
CA LEU A 930 -38.52 -1.27 -13.67
C LEU A 930 -39.10 -2.65 -13.38
N ARG A 931 -39.28 -3.46 -14.41
CA ARG A 931 -39.72 -4.85 -14.25
C ARG A 931 -38.55 -5.77 -14.47
N ILE A 932 -38.36 -6.73 -13.56
CA ILE A 932 -37.38 -7.79 -13.74
C ILE A 932 -38.14 -9.11 -13.92
N TYR A 933 -37.91 -9.77 -15.05
CA TYR A 933 -38.54 -11.04 -15.36
C TYR A 933 -37.54 -12.17 -15.15
N ALA A 934 -38.02 -13.28 -14.58
CA ALA A 934 -37.19 -14.47 -14.56
C ALA A 934 -37.18 -15.13 -15.92
N VAL A 935 -36.01 -15.65 -16.34
CA VAL A 935 -35.89 -16.39 -17.60
C VAL A 935 -35.14 -17.70 -17.33
N SER A 936 -33.78 -17.62 -17.19
CA SER A 936 -32.99 -18.79 -16.84
C SER A 936 -33.13 -19.13 -15.37
N PRO A 937 -33.04 -20.42 -15.03
CA PRO A 937 -32.86 -20.82 -13.62
C PRO A 937 -31.52 -20.33 -13.05
N GLY A 938 -31.44 -20.33 -11.72
CA GLY A 938 -30.24 -19.87 -11.04
C GLY A 938 -30.15 -18.38 -10.76
N PHE A 939 -31.16 -17.60 -11.12
CA PHE A 939 -31.15 -16.15 -10.95
C PHE A 939 -31.67 -15.81 -9.56
N ALA A 940 -30.78 -15.37 -8.66
CA ALA A 940 -31.15 -15.00 -7.30
C ALA A 940 -30.63 -13.58 -7.05
N LEU A 941 -31.53 -12.64 -6.88
CA LEU A 941 -31.20 -11.22 -6.92
C LEU A 941 -31.27 -10.67 -5.51
N GLU A 942 -30.19 -10.01 -5.08
CA GLU A 942 -30.07 -9.49 -3.73
C GLU A 942 -30.25 -7.99 -3.65
N LYS A 943 -29.70 -7.23 -4.60
CA LYS A 943 -29.70 -5.77 -4.50
C LYS A 943 -29.64 -5.21 -5.91
N ILE A 944 -30.26 -4.05 -6.10
CA ILE A 944 -30.21 -3.31 -7.36
C ILE A 944 -29.68 -1.92 -7.02
N VAL A 945 -28.73 -1.43 -7.81
CA VAL A 945 -28.20 -0.07 -7.66
C VAL A 945 -28.36 0.65 -8.99
N ILE A 946 -28.84 1.91 -8.94
CA ILE A 946 -29.07 2.72 -10.13
C ILE A 946 -28.38 4.07 -9.94
N TYR A 947 -27.64 4.51 -10.95
CA TYR A 947 -26.88 5.74 -10.83
C TYR A 947 -26.62 6.27 -12.23
N PRO A 948 -26.39 7.58 -12.38
CA PRO A 948 -26.29 8.13 -13.73
C PRO A 948 -25.05 7.60 -14.45
N ASP A 949 -25.15 7.51 -15.77
CA ASP A 949 -24.04 7.07 -16.60
C ASP A 949 -22.77 7.83 -16.27
N GLY A 950 -21.69 7.09 -15.99
CA GLY A 950 -20.40 7.72 -15.78
C GLY A 950 -20.08 8.11 -14.34
N LYS A 951 -21.02 8.00 -13.42
CA LYS A 951 -20.72 8.31 -12.03
C LYS A 951 -20.12 7.09 -11.34
N LYS A 952 -19.24 7.35 -10.39
CA LYS A 952 -18.60 6.29 -9.63
C LYS A 952 -18.90 6.49 -8.15
N LEU A 953 -19.37 5.42 -7.52
CA LEU A 953 -19.79 5.46 -6.13
C LEU A 953 -18.63 5.04 -5.25
N ALA A 954 -18.74 5.37 -3.97
CA ALA A 954 -17.74 4.91 -3.02
C ALA A 954 -17.69 3.37 -3.02
N ASN A 955 -16.47 2.83 -3.04
CA ASN A 955 -16.26 1.38 -3.05
C ASN A 955 -16.65 0.75 -1.73
N SER A 956 -17.09 -0.50 -1.79
CA SER A 956 -17.40 -1.21 -0.56
C SER A 956 -17.53 -2.70 -0.88
N TYR A 957 -17.53 -3.52 0.16
CA TYR A 957 -17.73 -4.95 -0.04
C TYR A 957 -19.19 -5.29 -0.32
N LEU A 958 -20.11 -4.69 0.41
CA LEU A 958 -21.53 -5.02 0.34
C LEU A 958 -22.34 -4.18 -0.64
N GLY A 959 -21.75 -3.16 -1.25
CA GLY A 959 -22.51 -2.22 -2.02
C GLY A 959 -23.11 -1.15 -1.11
N PRO A 960 -23.67 -0.09 -1.71
CA PRO A 960 -24.21 1.01 -0.91
C PRO A 960 -25.43 0.56 -0.13
N ASN A 961 -25.59 1.08 1.07
CA ASN A 961 -26.76 0.64 1.81
C ASN A 961 -28.04 1.19 1.16
N GLU A 962 -29.17 0.57 1.47
CA GLU A 962 -30.42 0.90 0.80
C GLU A 962 -30.76 2.39 0.99
N THR A 963 -31.26 3.02 -0.07
CA THR A 963 -31.60 4.43 0.00
C THR A 963 -33.09 4.58 0.31
N TYR A 964 -33.55 5.82 0.36
CA TYR A 964 -34.89 6.09 0.89
C TYR A 964 -35.99 5.62 -0.07
N TYR A 965 -37.06 5.04 0.51
CA TYR A 965 -38.29 4.79 -0.24
C TYR A 965 -39.48 5.21 0.60
N VAL A 966 -40.56 5.61 -0.07
CA VAL A 966 -41.76 6.09 0.59
C VAL A 966 -42.38 4.98 1.41
N GLY A 967 -42.74 5.28 2.65
CA GLY A 967 -43.24 4.26 3.56
C GLY A 967 -42.16 3.54 4.34
N ARG A 968 -40.92 3.89 4.12
CA ARG A 968 -39.87 3.23 4.85
C ARG A 968 -40.08 3.47 6.31
N GLN B 1 62.22 49.07 -1.39
CA GLN B 1 61.47 48.11 -0.58
C GLN B 1 61.77 48.26 0.91
N GLY B 2 63.01 47.95 1.30
CA GLY B 2 63.40 48.08 2.70
C GLY B 2 62.81 47.00 3.58
N MET B 3 62.44 47.40 4.79
CA MET B 3 61.96 46.47 5.79
C MET B 3 60.49 46.12 5.54
N ASP B 4 60.06 45.03 6.16
CA ASP B 4 58.69 44.57 6.00
C ASP B 4 57.74 45.45 6.80
N PHE B 5 56.51 45.52 6.33
CA PHE B 5 55.43 45.98 7.18
C PHE B 5 55.10 44.91 8.20
N THR B 6 55.08 45.27 9.46
CA THR B 6 54.84 44.27 10.49
C THR B 6 53.82 44.79 11.48
N LEU B 7 52.98 43.88 11.94
CA LEU B 7 52.05 44.16 13.01
C LEU B 7 52.17 43.01 14.01
N ASN B 8 52.27 43.35 15.29
CA ASN B 8 52.41 42.33 16.32
C ASN B 8 51.78 42.84 17.61
N GLN B 9 51.68 41.95 18.60
CA GLN B 9 50.98 42.26 19.82
C GLN B 9 51.59 43.44 20.55
N GLU B 10 52.93 43.48 20.60
CA GLU B 10 53.62 44.55 21.33
C GLU B 10 53.33 45.91 20.73
N MET B 11 53.08 45.98 19.43
CA MET B 11 52.74 47.25 18.83
C MET B 11 51.34 47.71 19.20
N LEU B 12 50.56 46.85 19.83
CA LEU B 12 49.19 47.19 20.22
C LEU B 12 49.01 47.37 21.71
N MET B 13 49.93 46.86 22.51
CA MET B 13 49.75 46.89 23.95
C MET B 13 50.04 48.27 24.49
N THR B 14 49.29 48.66 25.52
CA THR B 14 49.31 50.02 26.04
C THR B 14 50.70 50.44 26.49
N ASP B 15 51.52 49.50 26.94
CA ASP B 15 52.82 49.83 27.51
C ASP B 15 53.95 49.89 26.50
N THR B 16 53.76 49.33 25.30
CA THR B 16 54.85 49.22 24.34
C THR B 16 54.51 49.79 22.97
N LYS B 17 53.26 50.14 22.70
CA LYS B 17 52.92 50.73 21.40
C LYS B 17 53.62 52.08 21.21
N SER B 18 53.93 52.38 19.95
CA SER B 18 54.45 53.67 19.52
C SER B 18 53.35 54.64 19.11
N GLY B 19 52.11 54.20 18.95
CA GLY B 19 51.07 55.10 18.56
C GLY B 19 49.86 54.32 18.08
N ALA B 20 48.91 55.05 17.50
CA ALA B 20 47.70 54.43 17.00
C ALA B 20 47.97 53.72 15.69
N LEU B 21 47.30 52.61 15.51
CA LEU B 21 47.48 51.81 14.32
C LEU B 21 46.80 52.43 13.09
N PHE B 22 45.56 52.90 13.24
CA PHE B 22 44.78 53.37 12.09
C PHE B 22 44.78 54.89 12.07
N TYR B 23 44.81 55.47 10.87
CA TYR B 23 44.64 56.90 10.68
C TYR B 23 43.20 57.17 10.27
N GLN B 24 42.63 58.22 10.80
CA GLN B 24 41.23 58.56 10.58
C GLN B 24 41.17 59.98 10.01
N GLU B 25 40.51 60.16 8.87
CA GLU B 25 40.31 61.48 8.28
C GLU B 25 38.86 61.90 8.40
N GLU B 26 38.63 63.17 8.75
CA GLU B 26 37.28 63.71 8.79
C GLU B 26 36.59 63.65 7.44
N GLU B 27 37.37 63.71 6.34
CA GLU B 27 36.83 63.65 4.99
C GLU B 27 36.38 62.26 4.60
N ALA B 28 36.67 61.23 5.38
CA ALA B 28 36.33 59.88 4.93
C ALA B 28 34.81 59.70 4.93
N LEU B 29 34.33 58.81 4.06
CA LEU B 29 32.91 58.47 4.06
C LEU B 29 32.54 57.76 5.34
N SER B 30 31.39 58.12 5.92
CA SER B 30 31.06 57.57 7.23
C SER B 30 30.89 56.06 7.19
N GLY B 31 30.41 55.51 6.07
CA GLY B 31 30.28 54.07 5.96
C GLY B 31 31.63 53.38 5.87
N VAL B 32 32.62 54.03 5.26
CA VAL B 32 33.97 53.49 5.24
C VAL B 32 34.54 53.46 6.66
N ARG B 33 34.37 54.54 7.42
CA ARG B 33 34.82 54.62 8.80
C ARG B 33 34.14 53.56 9.68
N LYS B 34 32.87 53.24 9.40
CA LYS B 34 32.20 52.16 10.12
C LYS B 34 32.83 50.79 9.80
N ILE B 35 33.14 50.53 8.54
CA ILE B 35 33.76 49.24 8.22
C ILE B 35 35.19 49.18 8.80
N ALA B 36 35.92 50.30 8.80
CA ALA B 36 37.26 50.33 9.41
C ALA B 36 37.19 49.98 10.89
N ASN B 37 36.13 50.41 11.60
CA ASN B 37 35.97 50.00 12.99
C ASN B 37 35.67 48.50 13.12
N LYS B 38 34.97 47.91 12.15
CA LYS B 38 34.78 46.47 12.18
C LYS B 38 36.11 45.75 11.96
N VAL B 39 36.95 46.27 11.06
CA VAL B 39 38.24 45.66 10.84
C VAL B 39 39.14 45.83 12.07
N MET B 40 39.02 46.95 12.78
CA MET B 40 39.79 47.10 14.02
C MET B 40 39.37 46.06 15.05
N HIS B 41 38.08 45.73 15.08
CA HIS B 41 37.68 44.66 15.97
C HIS B 41 38.23 43.30 15.48
N ASP B 42 38.37 43.09 14.17
CA ASP B 42 39.02 41.88 13.65
C ASP B 42 40.48 41.80 14.08
N VAL B 43 41.21 42.91 14.00
CA VAL B 43 42.57 42.96 14.54
C VAL B 43 42.57 42.55 16.01
N GLU B 44 41.61 43.07 16.80
CA GLU B 44 41.54 42.67 18.21
C GLU B 44 41.31 41.17 18.37
N LEU B 45 40.49 40.56 17.52
CA LEU B 45 40.28 39.12 17.66
C LEU B 45 41.56 38.35 17.37
N VAL B 46 42.33 38.79 16.37
CA VAL B 46 43.52 38.05 15.93
C VAL B 46 44.67 38.22 16.92
N PHE B 47 44.93 39.45 17.39
CA PHE B 47 46.09 39.70 18.22
C PHE B 47 45.78 39.78 19.70
N GLY B 48 44.53 39.98 20.08
CA GLY B 48 44.15 39.98 21.48
C GLY B 48 44.01 41.38 22.08
N TYR B 49 44.48 42.41 21.38
CA TYR B 49 44.51 43.76 21.94
C TYR B 49 43.80 44.69 20.97
N GLN B 50 43.04 45.62 21.52
CA GLN B 50 42.22 46.50 20.71
C GLN B 50 43.09 47.58 20.06
N PRO B 51 43.11 47.70 18.73
CA PRO B 51 43.84 48.80 18.11
C PRO B 51 43.10 50.13 18.33
N GLU B 52 43.84 51.21 18.11
CA GLU B 52 43.35 52.58 18.23
C GLU B 52 43.46 53.28 16.88
N ALA B 53 42.56 54.24 16.62
CA ALA B 53 42.65 55.14 15.48
C ALA B 53 42.89 56.55 15.97
N THR B 54 43.56 57.37 15.16
CA THR B 54 43.83 58.75 15.53
C THR B 54 43.58 59.66 14.34
N LYS B 55 43.19 60.90 14.63
CA LYS B 55 43.08 61.96 13.64
C LYS B 55 44.36 62.75 13.50
N ASP B 56 45.32 62.52 14.39
CA ASP B 56 46.55 63.29 14.46
C ASP B 56 47.66 62.42 13.91
N ARG B 57 48.29 62.88 12.83
CA ARG B 57 49.35 62.08 12.20
C ARG B 57 50.54 61.88 13.13
N ASP B 58 50.80 62.84 14.01
CA ASP B 58 51.90 62.70 14.96
C ASP B 58 51.67 61.59 15.96
N MET B 59 50.44 61.09 16.07
CA MET B 59 50.06 60.10 17.04
C MET B 59 50.03 58.69 16.46
N LEU B 60 50.44 58.54 15.20
CA LEU B 60 50.40 57.26 14.52
C LEU B 60 51.55 56.38 14.97
N SER B 61 51.32 55.07 14.91
CA SER B 61 52.37 54.10 15.18
C SER B 61 53.45 54.18 14.10
N ARG B 62 54.61 53.56 14.38
CA ARG B 62 55.70 53.55 13.41
C ARG B 62 55.21 52.85 12.16
N HIS B 63 54.51 51.73 12.35
CA HIS B 63 53.87 51.02 11.23
C HIS B 63 52.36 51.26 11.33
N ALA B 64 51.77 51.84 10.29
CA ALA B 64 50.42 52.35 10.35
C ALA B 64 49.60 51.84 9.18
N VAL B 65 48.28 51.82 9.36
CA VAL B 65 47.36 51.48 8.29
C VAL B 65 46.68 52.76 7.83
N LEU B 66 46.84 53.09 6.56
CA LEU B 66 46.27 54.31 5.98
C LEU B 66 45.23 53.90 4.94
N TYR B 67 43.95 54.19 5.19
CA TYR B 67 42.93 53.80 4.24
C TYR B 67 42.15 55.02 3.77
N GLY B 68 41.52 54.92 2.61
CA GLY B 68 40.84 56.06 2.06
C GLY B 68 40.15 55.70 0.76
N THR B 69 39.24 56.58 0.37
CA THR B 69 38.55 56.54 -0.91
C THR B 69 39.07 57.69 -1.75
N VAL B 70 39.50 57.38 -2.97
CA VAL B 70 39.95 58.41 -3.89
C VAL B 70 38.91 59.53 -3.97
N GLY B 71 39.36 60.78 -3.88
CA GLY B 71 38.46 61.89 -3.91
C GLY B 71 37.89 62.27 -2.57
N HIS B 72 38.09 61.44 -1.55
CA HIS B 72 37.66 61.75 -0.20
C HIS B 72 38.81 61.57 0.78
N SER B 73 40.02 61.84 0.34
CA SER B 73 41.12 61.59 1.27
C SER B 73 42.27 62.50 0.88
N PRO B 74 42.54 63.56 1.64
CA PRO B 74 43.74 64.38 1.32
C PRO B 74 45.02 63.57 1.34
N LEU B 75 45.12 62.61 2.25
CA LEU B 75 46.37 61.87 2.39
C LEU B 75 46.68 61.04 1.15
N LEU B 76 45.67 60.35 0.61
CA LEU B 76 45.89 59.62 -0.63
C LEU B 76 46.40 60.54 -1.73
N ASP B 77 45.82 61.73 -1.87
CA ASP B 77 46.32 62.63 -2.90
C ASP B 77 47.74 63.10 -2.60
N GLU B 78 48.10 63.24 -1.33
CA GLU B 78 49.48 63.57 -0.99
C GLU B 78 50.41 62.42 -1.37
N LEU B 79 50.04 61.18 -1.02
CA LEU B 79 50.88 60.04 -1.36
C LEU B 79 51.02 59.93 -2.87
N ASN B 80 49.92 60.15 -3.58
CA ASN B 80 49.92 60.14 -5.04
C ASN B 80 50.89 61.18 -5.59
N ALA B 81 50.78 62.44 -5.11
CA ALA B 81 51.65 63.52 -5.59
C ALA B 81 53.12 63.23 -5.32
N ALA B 82 53.44 62.60 -4.18
CA ALA B 82 54.82 62.23 -3.87
C ALA B 82 55.30 61.00 -4.63
N ALA B 83 54.42 60.39 -5.44
CA ALA B 83 54.74 59.19 -6.22
C ALA B 83 55.05 57.99 -5.32
N LEU B 84 54.41 57.90 -4.16
CA LEU B 84 54.54 56.69 -3.36
C LEU B 84 53.47 55.67 -3.70
N ILE B 85 52.36 56.13 -4.26
CA ILE B 85 51.33 55.28 -4.86
C ILE B 85 50.96 55.91 -6.20
N ASP B 86 50.34 55.11 -7.07
CA ASP B 86 49.88 55.53 -8.39
C ASP B 86 48.37 55.34 -8.48
N LEU B 87 47.61 56.39 -8.18
CA LEU B 87 46.17 56.25 -8.18
C LEU B 87 45.58 56.16 -9.58
N THR B 88 46.36 56.46 -10.63
CA THR B 88 45.76 56.31 -11.95
C THR B 88 45.40 54.86 -12.25
N GLU B 89 46.01 53.89 -11.55
CA GLU B 89 45.66 52.52 -11.91
C GLU B 89 44.32 52.07 -11.33
N ILE B 90 43.70 52.83 -10.44
CA ILE B 90 42.37 52.49 -9.96
C ILE B 90 41.34 53.58 -10.22
N ALA B 91 41.76 54.79 -10.60
CA ALA B 91 40.81 55.89 -10.69
C ALA B 91 39.78 55.62 -11.78
N GLY B 92 38.52 55.94 -11.48
CA GLY B 92 37.42 55.71 -12.41
C GLY B 92 36.99 54.27 -12.61
N LYS B 93 37.57 53.32 -11.86
CA LYS B 93 37.17 51.93 -11.97
C LYS B 93 36.14 51.60 -10.89
N ARG B 94 35.31 50.58 -11.17
CA ARG B 94 34.22 50.20 -10.30
C ARG B 94 34.70 49.19 -9.24
N GLU B 95 34.56 49.55 -7.96
CA GLU B 95 34.71 48.64 -6.82
C GLU B 95 36.08 47.97 -6.78
N VAL B 96 37.13 48.76 -6.98
CA VAL B 96 38.50 48.29 -7.02
C VAL B 96 39.28 48.93 -5.86
N PHE B 97 40.32 48.25 -5.39
CA PHE B 97 41.18 48.86 -4.38
C PHE B 97 42.63 48.57 -4.71
N LEU B 98 43.48 49.46 -4.21
CA LEU B 98 44.92 49.26 -4.16
C LEU B 98 45.29 48.90 -2.72
N PHE B 99 46.18 47.94 -2.57
CA PHE B 99 46.55 47.44 -1.25
C PHE B 99 48.06 47.35 -1.32
N GLN B 100 48.75 48.33 -0.71
CA GLN B 100 50.16 48.52 -1.00
C GLN B 100 50.94 48.93 0.23
N VAL B 101 52.09 48.30 0.46
CA VAL B 101 53.01 48.74 1.52
C VAL B 101 53.92 49.80 0.95
N VAL B 102 54.07 50.92 1.66
CA VAL B 102 54.91 52.02 1.21
C VAL B 102 55.85 52.40 2.36
N ASP B 103 57.03 52.93 1.99
CA ASP B 103 58.06 53.28 2.94
C ASP B 103 58.05 54.77 3.24
N GLN B 104 58.25 55.10 4.52
CA GLN B 104 58.35 56.46 5.04
CA GLN B 104 58.35 56.46 5.05
C GLN B 104 57.30 57.38 4.43
N PRO B 105 55.99 57.06 4.58
CA PRO B 105 54.95 57.87 3.93
C PRO B 105 54.80 59.27 4.50
N ILE B 106 54.88 59.42 5.82
CA ILE B 106 54.76 60.70 6.49
C ILE B 106 55.71 60.67 7.67
N GLN B 107 55.96 61.84 8.24
CA GLN B 107 56.90 61.96 9.35
C GLN B 107 56.45 61.09 10.51
N GLY B 108 57.42 60.41 11.10
CA GLY B 108 57.17 59.52 12.22
C GLY B 108 56.65 58.14 11.87
N VAL B 109 56.14 57.94 10.65
CA VAL B 109 55.62 56.64 10.24
C VAL B 109 56.67 56.00 9.35
N GLU B 110 57.17 54.82 9.75
CA GLU B 110 58.27 54.15 9.04
C GLU B 110 57.74 53.33 7.86
N LYS B 111 56.71 52.54 8.09
CA LYS B 111 56.03 51.78 7.03
C LYS B 111 54.53 51.94 7.19
N ALA B 112 53.84 51.90 6.08
CA ALA B 112 52.39 51.93 6.12
C ALA B 112 51.83 50.96 5.12
N LEU B 113 50.69 50.42 5.47
CA LEU B 113 49.84 49.69 4.55
C LEU B 113 48.77 50.66 4.07
N VAL B 114 48.77 50.95 2.77
CA VAL B 114 47.83 51.89 2.17
C VAL B 114 46.72 51.11 1.49
N ILE B 115 45.48 51.42 1.86
CA ILE B 115 44.30 50.76 1.28
C ILE B 115 43.47 51.88 0.65
N ALA B 116 43.49 51.97 -0.68
CA ALA B 116 42.84 53.03 -1.44
C ALA B 116 41.75 52.42 -2.31
N GLY B 117 40.50 52.78 -2.06
CA GLY B 117 39.41 52.34 -2.91
C GLY B 117 39.09 53.33 -4.01
N SER B 118 38.63 52.81 -5.14
CA SER B 118 38.24 53.72 -6.21
C SER B 118 36.90 54.40 -5.92
N ASP B 119 36.11 53.84 -5.00
CA ASP B 119 34.79 54.33 -4.62
C ASP B 119 34.53 53.75 -3.24
N LYS B 120 33.36 54.06 -2.66
CA LYS B 120 33.03 53.57 -1.33
C LYS B 120 33.21 52.07 -1.19
N ARG B 121 32.57 51.31 -2.06
CA ARG B 121 32.61 49.86 -1.87
C ARG B 121 33.99 49.28 -2.15
N GLY B 122 34.74 49.84 -3.10
CA GLY B 122 36.10 49.39 -3.31
C GLY B 122 36.94 49.54 -2.05
N THR B 123 36.76 50.64 -1.31
CA THR B 123 37.48 50.85 -0.06
C THR B 123 37.08 49.82 0.97
N ILE B 124 35.77 49.52 1.05
CA ILE B 124 35.26 48.53 1.99
C ILE B 124 35.83 47.15 1.67
N TYR B 125 35.86 46.77 0.38
CA TYR B 125 36.43 45.46 0.04
C TYR B 125 37.93 45.44 0.32
N GLY B 126 38.61 46.58 0.17
CA GLY B 126 40.03 46.65 0.50
C GLY B 126 40.28 46.50 1.99
N LEU B 127 39.44 47.12 2.83
CA LEU B 127 39.54 46.95 4.28
C LEU B 127 39.27 45.51 4.69
N PHE B 128 38.26 44.89 4.11
CA PHE B 128 38.04 43.50 4.44
C PHE B 128 39.12 42.62 3.80
N HIS B 129 39.85 43.11 2.80
CA HIS B 129 40.99 42.32 2.33
C HIS B 129 42.03 42.20 3.44
N LEU B 130 42.23 43.26 4.22
CA LEU B 130 43.14 43.18 5.36
C LEU B 130 42.68 42.12 6.36
N SER B 131 41.37 42.11 6.71
CA SER B 131 40.85 41.06 7.60
C SER B 131 41.13 39.67 7.03
N GLU B 132 40.95 39.50 5.73
CA GLU B 132 41.24 38.21 5.09
C GLU B 132 42.72 37.80 5.27
N LYS B 133 43.64 38.72 4.98
CA LYS B 133 45.07 38.46 5.16
C LYS B 133 45.39 38.11 6.61
N LEU B 134 44.64 38.64 7.57
CA LEU B 134 44.86 38.32 8.97
C LEU B 134 44.16 37.05 9.38
N GLY B 135 43.47 36.39 8.45
CA GLY B 135 42.89 35.10 8.73
C GLY B 135 41.47 35.13 9.25
N VAL B 136 40.77 36.24 9.10
CA VAL B 136 39.42 36.37 9.63
C VAL B 136 38.42 35.94 8.56
N SER B 137 37.52 35.03 8.93
CA SER B 137 36.49 34.59 8.00
C SER B 137 35.41 35.64 7.72
N PRO B 138 34.87 35.70 6.52
CA PRO B 138 33.66 36.48 6.25
C PRO B 138 32.50 36.15 7.18
N LEU B 139 32.54 34.97 7.82
CA LEU B 139 31.49 34.52 8.71
C LEU B 139 31.81 34.79 10.18
N VAL B 140 32.83 35.60 10.46
CA VAL B 140 33.27 35.83 11.83
C VAL B 140 32.11 36.33 12.69
N ASP B 141 31.28 37.21 12.17
CA ASP B 141 30.17 37.71 12.99
C ASP B 141 28.92 36.86 12.81
N TRP B 142 28.63 36.47 11.57
CA TRP B 142 27.38 35.79 11.27
C TRP B 142 27.29 34.42 11.93
N SER B 143 28.37 33.63 11.94
CA SER B 143 28.33 32.32 12.56
C SER B 143 29.25 32.20 13.74
N GLY B 144 29.88 33.29 14.18
CA GLY B 144 30.78 33.20 15.31
C GLY B 144 32.04 32.41 15.04
N VAL B 145 32.70 32.64 13.89
CA VAL B 145 33.93 31.92 13.54
C VAL B 145 35.09 32.77 14.07
N LEU B 146 35.66 32.38 15.18
CA LEU B 146 36.81 33.11 15.73
C LEU B 146 38.09 32.80 14.96
N PRO B 147 38.88 33.81 14.59
CA PRO B 147 40.12 33.54 13.87
C PRO B 147 41.18 32.93 14.78
N ALA B 148 42.19 32.34 14.15
CA ALA B 148 43.32 31.87 14.90
C ALA B 148 44.13 33.07 15.43
N ARG B 149 44.65 32.93 16.64
CA ARG B 149 45.46 33.98 17.25
C ARG B 149 46.83 34.04 16.58
N LYS B 150 47.33 35.25 16.38
CA LYS B 150 48.68 35.48 15.89
C LYS B 150 49.49 36.23 16.93
N GLU B 151 50.79 35.99 16.92
CA GLU B 151 51.71 36.91 17.57
C GLU B 151 52.12 38.02 16.60
N SER B 152 52.31 37.69 15.32
CA SER B 152 52.90 38.63 14.38
C SER B 152 52.37 38.37 12.99
N PHE B 153 52.34 39.43 12.20
CA PHE B 153 51.90 39.42 10.82
C PHE B 153 52.87 40.29 10.04
N SER B 154 53.26 39.88 8.84
CA SER B 154 54.18 40.68 8.04
C SER B 154 53.76 40.72 6.59
N LEU B 155 54.00 41.85 5.95
CA LEU B 155 53.95 41.94 4.49
C LEU B 155 55.31 42.44 4.00
N LYS B 156 55.70 42.02 2.80
CA LYS B 156 56.96 42.50 2.23
C LYS B 156 56.89 44.01 2.01
N GLY B 157 58.05 44.65 2.11
CA GLY B 157 58.10 46.11 2.04
C GLY B 157 57.65 46.68 0.71
N ASP B 158 57.56 45.84 -0.31
CA ASP B 158 57.12 46.27 -1.63
C ASP B 158 55.79 45.65 -2.03
N TYR B 159 55.10 44.97 -1.10
CA TYR B 159 53.80 44.36 -1.36
C TYR B 159 52.88 45.31 -2.12
N LYS B 160 52.20 44.79 -3.16
CA LYS B 160 51.30 45.61 -3.96
C LYS B 160 50.31 44.69 -4.64
N TYR B 161 49.03 44.90 -4.37
CA TYR B 161 47.94 44.21 -5.04
C TYR B 161 46.93 45.25 -5.52
N VAL B 162 46.53 45.15 -6.79
CA VAL B 162 45.44 45.97 -7.34
C VAL B 162 44.30 45.02 -7.73
N SER B 163 43.12 45.17 -7.11
CA SER B 163 42.07 44.20 -7.40
C SER B 163 41.45 44.49 -8.77
N LYS B 164 40.55 43.62 -9.21
CA LYS B 164 39.93 43.78 -10.51
C LYS B 164 38.45 44.11 -10.38
N GLU B 165 37.88 44.79 -11.37
CA GLU B 165 36.45 45.10 -11.29
C GLU B 165 35.68 43.79 -11.18
N PRO B 166 34.68 43.70 -10.32
CA PRO B 166 33.91 42.45 -10.19
C PRO B 166 33.35 41.99 -11.52
N SER B 167 33.33 40.67 -11.72
CA SER B 167 32.85 40.11 -12.97
C SER B 167 31.38 40.41 -13.18
N VAL B 168 30.57 40.37 -12.14
CA VAL B 168 29.15 40.66 -12.25
C VAL B 168 28.89 41.98 -11.52
N LYS B 169 28.14 42.89 -12.15
CA LYS B 169 28.08 44.26 -11.64
C LYS B 169 27.31 44.36 -10.31
N TYR B 170 26.18 43.66 -10.20
CA TYR B 170 25.37 43.67 -8.97
C TYR B 170 25.22 42.25 -8.47
N ARG B 171 25.52 42.03 -7.21
CA ARG B 171 25.74 40.67 -6.69
C ARG B 171 25.15 40.58 -5.30
N GLY B 172 24.20 39.68 -5.05
CA GLY B 172 23.78 39.60 -3.64
C GLY B 172 22.72 38.52 -3.42
N PHE B 173 21.84 38.74 -2.45
CA PHE B 173 20.92 37.71 -2.07
C PHE B 173 19.62 38.34 -1.55
N PHE B 174 18.64 37.47 -1.39
CA PHE B 174 17.24 37.79 -1.06
C PHE B 174 16.91 36.96 0.16
N ILE B 175 16.57 37.64 1.25
CA ILE B 175 16.02 36.99 2.44
C ILE B 175 14.54 36.73 2.20
N ASN B 176 14.13 35.47 2.21
CA ASN B 176 12.78 35.20 1.76
C ASN B 176 12.25 33.94 2.44
N ASP B 177 10.97 33.64 2.20
CA ASP B 177 10.31 32.55 2.90
C ASP B 177 10.61 32.61 4.41
N GLU B 178 10.60 33.83 4.98
CA GLU B 178 11.31 34.08 6.23
C GLU B 178 10.49 33.78 7.49
N TRP B 179 9.25 33.28 7.34
CA TRP B 179 8.54 32.78 8.49
C TRP B 179 8.39 31.27 8.31
N PRO B 180 8.51 30.46 9.38
CA PRO B 180 8.67 30.88 10.79
C PRO B 180 10.11 31.17 11.29
N ALA B 181 11.15 30.73 10.56
CA ALA B 181 12.51 30.74 11.09
C ALA B 181 13.04 32.16 11.34
N PHE B 182 13.38 32.87 10.27
CA PHE B 182 14.01 34.17 10.38
C PHE B 182 13.16 35.15 11.19
N GLY B 183 11.83 35.03 11.14
CA GLY B 183 11.00 35.99 11.86
C GLY B 183 11.14 35.82 13.37
N ASN B 184 11.15 34.56 13.83
CA ASN B 184 11.33 34.28 15.24
C ASN B 184 12.75 34.58 15.70
N TRP B 185 13.73 34.27 14.85
CA TRP B 185 15.13 34.56 15.15
C TRP B 185 15.31 36.06 15.40
N SER B 186 14.86 36.86 14.45
CA SER B 186 15.05 38.31 14.52
C SER B 186 14.22 38.93 15.66
N ALA B 187 12.98 38.51 15.84
CA ALA B 187 12.22 38.93 17.00
C ALA B 187 12.98 38.67 18.31
N LYS B 188 13.51 37.45 18.49
CA LYS B 188 14.14 37.10 19.76
C LYS B 188 15.48 37.80 19.97
N ASN B 189 16.28 37.92 18.92
CA ASN B 189 17.63 38.44 19.07
C ASN B 189 17.70 39.97 18.87
N PHE B 190 16.75 40.58 18.16
CA PHE B 190 16.84 42.01 17.92
C PHE B 190 15.55 42.78 18.10
N GLY B 191 14.43 42.12 18.42
CA GLY B 191 13.16 42.82 18.49
C GLY B 191 12.51 43.11 17.15
N GLY B 192 12.99 42.55 16.03
CA GLY B 192 12.29 42.62 14.77
C GLY B 192 13.23 42.90 13.61
N PHE B 193 12.64 43.26 12.46
CA PHE B 193 13.41 43.45 11.22
C PHE B 193 13.96 44.88 11.13
N ASN B 194 14.77 45.24 12.12
CA ASN B 194 15.17 46.62 12.33
C ASN B 194 16.66 46.79 12.00
N ALA B 195 17.18 47.99 12.21
CA ALA B 195 18.54 48.28 11.74
C ALA B 195 19.60 47.55 12.56
N GLU B 196 19.30 47.22 13.82
CA GLU B 196 20.22 46.41 14.60
C GLU B 196 20.39 45.03 13.98
N MET B 197 19.27 44.41 13.58
CA MET B 197 19.36 43.14 12.87
C MET B 197 20.06 43.32 11.53
N TYR B 198 19.65 44.32 10.74
CA TYR B 198 20.15 44.41 9.37
C TYR B 198 21.63 44.77 9.32
N ASP B 199 22.16 45.44 10.36
CA ASP B 199 23.62 45.66 10.38
C ASP B 199 24.38 44.33 10.22
N HIS B 200 23.91 43.26 10.83
CA HIS B 200 24.60 41.98 10.65
C HIS B 200 24.42 41.44 9.24
N VAL B 201 23.23 41.61 8.65
CA VAL B 201 23.02 41.21 7.25
C VAL B 201 23.94 41.98 6.33
N PHE B 202 24.04 43.30 6.50
CA PHE B 202 24.84 44.10 5.59
C PHE B 202 26.29 43.71 5.70
N GLU B 203 26.75 43.44 6.92
CA GLU B 203 28.16 43.12 7.11
C GLU B 203 28.48 41.78 6.45
N LEU B 204 27.62 40.78 6.62
CA LEU B 204 27.81 39.50 5.94
C LEU B 204 27.87 39.70 4.44
N LEU B 205 26.94 40.49 3.90
CA LEU B 205 26.91 40.70 2.45
C LEU B 205 28.23 41.32 1.97
N LEU B 206 28.69 42.37 2.65
CA LEU B 206 29.89 43.07 2.18
C LEU B 206 31.16 42.23 2.41
N ARG B 207 31.24 41.44 3.50
CA ARG B 207 32.39 40.57 3.69
C ARG B 207 32.46 39.49 2.62
N LEU B 208 31.33 39.12 2.04
CA LEU B 208 31.32 38.18 0.93
C LEU B 208 31.49 38.88 -0.41
N LYS B 209 31.77 40.17 -0.40
CA LYS B 209 32.01 41.00 -1.58
C LYS B 209 30.74 41.23 -2.41
N GLY B 210 29.54 40.99 -1.83
CA GLY B 210 28.32 41.41 -2.46
C GLY B 210 28.05 42.92 -2.32
N ASN B 211 27.09 43.42 -3.09
CA ASN B 211 26.73 44.83 -3.00
C ASN B 211 25.22 45.05 -3.12
N TYR B 212 24.40 43.99 -3.17
CA TYR B 212 22.98 44.11 -3.52
C TYR B 212 22.15 43.21 -2.64
N LEU B 213 20.99 43.71 -2.20
CA LEU B 213 20.16 42.98 -1.24
C LEU B 213 18.68 43.21 -1.58
N TRP B 214 17.89 42.13 -1.59
CA TRP B 214 16.43 42.20 -1.48
C TRP B 214 16.07 41.85 -0.04
N PRO B 215 15.43 42.74 0.69
CA PRO B 215 15.20 42.50 2.13
C PRO B 215 13.99 41.60 2.34
N ALA B 216 13.81 41.19 3.60
CA ALA B 216 12.61 40.45 4.00
C ALA B 216 11.37 41.27 3.70
N MET B 217 10.35 40.63 3.08
CA MET B 217 9.18 41.37 2.63
C MET B 217 7.86 40.65 2.83
N TRP B 218 7.82 39.53 3.57
CA TRP B 218 6.56 38.79 3.67
C TRP B 218 5.57 39.55 4.54
N SER B 219 6.00 39.89 5.77
CA SER B 219 5.27 40.79 6.65
C SER B 219 6.06 42.08 6.97
N ALA B 220 7.39 42.05 6.94
CA ALA B 220 8.22 43.23 7.19
C ALA B 220 8.02 44.29 6.10
N ARG B 221 8.36 45.53 6.46
CA ARG B 221 8.42 46.67 5.55
C ARG B 221 9.78 47.31 5.75
N PHE B 222 10.71 46.99 4.86
CA PHE B 222 12.10 47.44 5.03
C PHE B 222 12.19 48.94 5.21
N ASN B 223 11.39 49.72 4.45
CA ASN B 223 11.45 51.20 4.45
C ASN B 223 10.79 51.84 5.68
N ASP B 224 10.15 51.07 6.55
CA ASP B 224 9.38 51.60 7.69
C ASP B 224 9.74 50.98 9.03
N ASP B 225 10.45 49.85 9.06
CA ASP B 225 10.67 49.06 10.27
C ASP B 225 12.00 49.37 10.93
N GLY B 226 12.68 50.43 10.50
CA GLY B 226 14.00 50.73 11.00
C GLY B 226 14.16 50.72 12.51
N PRO B 227 13.24 51.32 13.31
CA PRO B 227 12.03 52.11 13.05
C PRO B 227 12.26 53.18 11.97
N GLY B 228 11.16 53.61 11.35
CA GLY B 228 11.23 54.55 10.27
C GLY B 228 12.21 54.15 9.19
N LEU B 229 12.96 55.13 8.71
CA LEU B 229 13.90 54.95 7.62
C LEU B 229 15.27 54.43 8.05
N ALA B 230 15.44 53.94 9.29
CA ALA B 230 16.77 53.59 9.73
C ALA B 230 17.41 52.42 8.96
N ASN B 231 16.64 51.41 8.51
CA ASN B 231 17.24 50.36 7.68
C ASN B 231 17.77 50.93 6.36
N VAL B 232 16.95 51.77 5.70
CA VAL B 232 17.34 52.30 4.40
CA VAL B 232 17.33 52.33 4.40
C VAL B 232 18.50 53.28 4.56
N GLU B 233 18.51 54.09 5.62
CA GLU B 233 19.64 55.00 5.84
C GLU B 233 20.93 54.21 6.07
N LEU B 234 20.86 53.14 6.87
CA LEU B 234 22.05 52.32 7.14
C LEU B 234 22.54 51.62 5.87
N ALA B 235 21.64 51.03 5.08
CA ALA B 235 22.08 50.40 3.83
C ALA B 235 22.83 51.41 2.97
N ASP B 236 22.28 52.61 2.88
CA ASP B 236 22.86 53.61 2.01
C ASP B 236 24.20 54.12 2.55
N GLU B 237 24.35 54.20 3.87
CA GLU B 237 25.63 54.56 4.46
C GLU B 237 26.72 53.55 4.09
N TYR B 238 26.44 52.26 4.22
CA TYR B 238 27.38 51.21 3.87
C TYR B 238 27.59 51.05 2.37
N GLY B 239 26.69 51.55 1.53
CA GLY B 239 26.75 51.27 0.10
C GLY B 239 26.19 49.91 -0.26
N VAL B 240 25.34 49.32 0.58
CA VAL B 240 24.52 48.19 0.17
C VAL B 240 23.41 48.71 -0.74
N ILE B 241 23.39 48.26 -2.00
CA ILE B 241 22.39 48.73 -2.95
C ILE B 241 21.10 47.96 -2.70
N MET B 242 20.03 48.66 -2.40
CA MET B 242 18.79 47.95 -2.11
C MET B 242 18.05 47.67 -3.42
N GLY B 243 17.39 46.51 -3.47
CA GLY B 243 16.50 46.23 -4.60
C GLY B 243 15.21 45.60 -4.11
N ALA B 244 14.37 45.14 -5.04
CA ALA B 244 13.09 44.57 -4.66
C ALA B 244 12.71 43.54 -5.69
N SER B 245 11.88 42.58 -5.27
CA SER B 245 11.53 41.49 -6.17
C SER B 245 10.59 41.99 -7.26
N HIS B 246 10.20 41.06 -8.13
CA HIS B 246 9.59 41.43 -9.39
C HIS B 246 8.23 42.09 -9.22
N HIS B 247 7.55 41.84 -8.11
CA HIS B 247 6.25 42.47 -7.89
C HIS B 247 6.31 43.65 -6.90
N GLU B 248 7.48 44.27 -6.72
CA GLU B 248 7.64 45.41 -5.81
C GLU B 248 8.22 46.62 -6.56
N PRO B 249 7.53 47.14 -7.57
CA PRO B 249 8.08 48.24 -8.35
C PRO B 249 8.11 49.57 -7.60
N CYS B 250 8.98 50.45 -8.08
CA CYS B 250 9.07 51.86 -7.64
C CYS B 250 9.31 52.01 -6.14
N LEU B 251 10.21 51.19 -5.62
CA LEU B 251 10.72 51.34 -4.25
C LEU B 251 9.62 51.14 -3.18
N ARG B 252 8.57 50.37 -3.52
CA ARG B 252 7.48 50.02 -2.62
C ARG B 252 7.52 48.51 -2.32
N TYR B 253 7.86 48.14 -1.08
CA TYR B 253 7.89 46.70 -0.78
C TYR B 253 6.46 46.16 -0.63
N GLY B 254 6.36 44.82 -0.72
CA GLY B 254 5.07 44.18 -0.94
C GLY B 254 4.01 44.51 0.09
N GLU B 255 4.41 44.74 1.35
CA GLU B 255 3.41 44.99 2.39
C GLU B 255 2.98 46.45 2.50
N GLU B 256 3.59 47.38 1.74
CA GLU B 256 3.27 48.80 1.96
C GLU B 256 1.83 49.13 1.55
N TYR B 257 1.36 48.58 0.44
CA TYR B 257 0.04 48.98 -0.04
C TYR B 257 -1.05 48.59 0.96
N LYS B 258 -0.85 47.48 1.67
CA LYS B 258 -1.86 46.98 2.61
C LYS B 258 -2.23 48.01 3.65
N TYR B 259 -1.26 48.80 4.10
CA TYR B 259 -1.42 49.79 5.14
C TYR B 259 -1.82 51.15 4.61
N LEU B 260 -1.65 51.41 3.32
CA LEU B 260 -1.97 52.73 2.80
C LEU B 260 -3.24 52.78 1.93
N ARG B 261 -3.73 51.63 1.45
CA ARG B 261 -4.88 51.54 0.56
C ARG B 261 -6.17 51.77 1.33
N GLY B 262 -7.25 52.05 0.59
CA GLY B 262 -8.56 52.17 1.20
C GLY B 262 -9.55 52.92 0.33
N PRO B 263 -10.86 52.77 0.61
CA PRO B 263 -11.87 53.43 -0.23
C PRO B 263 -11.73 54.95 -0.29
N ASP B 264 -11.13 55.59 0.71
CA ASP B 264 -10.99 57.04 0.69
C ASP B 264 -9.53 57.47 0.65
N SER B 265 -8.67 56.63 0.15
CA SER B 265 -7.25 56.92 0.18
C SER B 265 -6.81 57.52 -1.14
N ILE B 266 -5.81 58.40 -1.09
CA ILE B 266 -5.27 58.93 -2.34
C ILE B 266 -4.67 57.83 -3.22
N TYR B 267 -4.41 56.64 -2.65
CA TYR B 267 -3.86 55.53 -3.42
C TYR B 267 -4.92 54.53 -3.88
N GLY B 268 -6.19 54.82 -3.62
CA GLY B 268 -7.26 53.95 -4.07
C GLY B 268 -7.26 52.65 -3.27
N ASP B 269 -7.98 51.67 -3.81
CA ASP B 269 -8.24 50.46 -3.06
C ASP B 269 -8.18 49.23 -3.97
N ALA B 270 -7.22 49.22 -4.90
CA ALA B 270 -7.15 48.13 -5.88
C ALA B 270 -5.80 48.17 -6.55
N TRP B 271 -5.10 47.04 -6.55
CA TRP B 271 -3.84 46.93 -7.26
C TRP B 271 -4.15 46.68 -8.74
N ASN B 272 -4.48 47.76 -9.43
CA ASN B 272 -5.07 47.64 -10.76
C ASN B 272 -4.85 48.94 -11.50
N PHE B 273 -3.98 48.92 -12.51
CA PHE B 273 -3.59 50.13 -13.22
C PHE B 273 -4.66 50.61 -14.18
N ILE B 274 -5.61 49.76 -14.55
CA ILE B 274 -6.65 50.25 -15.46
C ILE B 274 -7.83 50.87 -14.70
N THR B 275 -8.23 50.33 -13.54
CA THR B 275 -9.35 50.92 -12.80
C THR B 275 -8.91 51.88 -11.68
N ASN B 276 -7.64 51.84 -11.28
CA ASN B 276 -7.09 52.71 -10.24
C ASN B 276 -5.78 53.34 -10.73
N ARG B 277 -5.81 53.87 -11.96
CA ARG B 277 -4.58 54.40 -12.58
C ARG B 277 -3.97 55.53 -11.73
N GLU B 278 -4.80 56.50 -11.37
CA GLU B 278 -4.35 57.64 -10.60
C GLU B 278 -3.83 57.27 -9.22
N GLY B 279 -4.49 56.30 -8.57
CA GLY B 279 -4.11 55.91 -7.23
C GLY B 279 -2.78 55.19 -7.18
N ILE B 280 -2.59 54.21 -8.08
CA ILE B 280 -1.33 53.48 -8.22
C ILE B 280 -0.21 54.42 -8.65
N THR B 281 -0.49 55.33 -9.57
CA THR B 281 0.52 56.30 -10.00
C THR B 281 1.01 57.13 -8.81
N LYS B 282 0.06 57.64 -8.01
CA LYS B 282 0.43 58.43 -6.83
C LYS B 282 1.21 57.57 -5.83
N PHE B 283 0.81 56.29 -5.69
CA PHE B 283 1.50 55.37 -4.80
C PHE B 283 2.97 55.21 -5.22
N TRP B 284 3.21 55.04 -6.52
CA TRP B 284 4.59 54.94 -7.01
C TRP B 284 5.33 56.28 -6.88
N GLU B 285 4.65 57.38 -7.20
CA GLU B 285 5.26 58.70 -7.05
C GLU B 285 5.74 58.94 -5.61
N ASP B 286 4.86 58.69 -4.63
CA ASP B 286 5.26 58.88 -3.25
C ASP B 286 6.33 57.89 -2.83
N GLY B 287 6.32 56.67 -3.38
CA GLY B 287 7.41 55.75 -3.14
C GLY B 287 8.75 56.27 -3.63
N LEU B 288 8.79 56.85 -4.83
CA LEU B 288 10.05 57.32 -5.39
C LEU B 288 10.54 58.58 -4.67
N LYS B 289 9.62 59.45 -4.25
CA LYS B 289 10.02 60.63 -3.48
C LYS B 289 10.62 60.21 -2.12
N ARG B 290 10.07 59.17 -1.50
CA ARG B 290 10.49 58.76 -0.17
C ARG B 290 11.90 58.18 -0.14
N THR B 291 12.27 57.31 -1.08
CA THR B 291 13.61 56.72 -1.00
C THR B 291 14.39 56.79 -2.31
N GLY B 292 13.94 57.56 -3.29
CA GLY B 292 14.65 57.63 -4.54
C GLY B 292 16.05 58.23 -4.44
N HIS B 293 16.35 58.99 -3.39
CA HIS B 293 17.70 59.55 -3.31
C HIS B 293 18.72 58.62 -2.65
N PHE B 294 18.30 57.46 -2.18
CA PHE B 294 19.24 56.48 -1.65
C PHE B 294 19.76 55.58 -2.79
N GLU B 295 20.75 54.75 -2.50
CA GLU B 295 21.36 53.95 -3.56
C GLU B 295 20.55 52.68 -3.72
N ASN B 296 19.90 52.52 -4.86
CA ASN B 296 19.05 51.34 -5.02
C ASN B 296 18.90 51.06 -6.52
N ILE B 297 18.34 49.90 -6.84
CA ILE B 297 17.89 49.59 -8.19
C ILE B 297 16.38 49.61 -8.16
N ILE B 298 15.76 50.38 -9.04
CA ILE B 298 14.32 50.53 -9.03
C ILE B 298 13.73 49.44 -9.92
N THR B 299 12.84 48.63 -9.35
CA THR B 299 12.12 47.64 -10.13
C THR B 299 11.00 48.33 -10.85
N ILE B 300 10.83 48.02 -12.13
CA ILE B 300 9.78 48.62 -12.92
C ILE B 300 8.89 47.47 -13.41
N GLY B 301 7.76 47.82 -14.02
CA GLY B 301 6.74 46.84 -14.37
C GLY B 301 5.65 46.81 -13.32
N MET B 302 4.66 45.96 -13.56
CA MET B 302 3.53 45.81 -12.65
C MET B 302 2.87 44.45 -12.80
N ARG B 303 2.94 43.64 -11.75
CA ARG B 303 2.34 42.31 -11.77
C ARG B 303 0.83 42.39 -11.61
N ASP B 314 -7.24 36.48 -19.50
CA ASP B 314 -8.40 37.37 -19.69
C ASP B 314 -8.45 37.98 -21.09
N ALA B 315 -7.34 38.62 -21.46
CA ALA B 315 -7.37 39.60 -22.54
C ALA B 315 -6.36 39.27 -23.64
N THR B 316 -6.11 40.25 -24.49
CA THR B 316 -5.41 40.12 -25.75
C THR B 316 -3.90 40.29 -25.57
N LEU B 317 -3.14 39.71 -26.50
CA LEU B 317 -1.69 39.93 -26.51
C LEU B 317 -1.36 41.40 -26.75
N GLU B 318 -1.95 42.00 -27.78
CA GLU B 318 -1.67 43.40 -28.11
C GLU B 318 -2.03 44.32 -26.96
N ASP B 319 -3.21 44.13 -26.37
CA ASP B 319 -3.59 45.02 -25.27
C ASP B 319 -2.74 44.81 -24.02
N ASN B 320 -2.18 43.61 -23.79
CA ASN B 320 -1.30 43.46 -22.63
C ASN B 320 0.05 44.10 -22.85
N ILE B 321 0.56 44.06 -24.09
CA ILE B 321 1.77 44.84 -24.41
C ILE B 321 1.48 46.33 -24.24
N ASN B 322 0.31 46.77 -24.70
CA ASN B 322 -0.10 48.17 -24.57
C ASN B 322 -0.17 48.60 -23.11
N LEU B 323 -0.72 47.74 -22.24
CA LEU B 323 -0.82 48.04 -20.82
C LEU B 323 0.56 48.13 -20.17
N LEU B 324 1.38 47.09 -20.36
CA LEU B 324 2.71 47.09 -19.76
C LEU B 324 3.56 48.24 -20.30
N ARG B 325 3.41 48.57 -21.57
CA ARG B 325 4.16 49.72 -22.10
C ARG B 325 3.71 51.02 -21.43
N ASP B 326 2.40 51.16 -21.21
CA ASP B 326 1.87 52.32 -20.51
C ASP B 326 2.38 52.38 -19.06
N VAL B 327 2.38 51.23 -18.35
CA VAL B 327 2.91 51.19 -16.98
C VAL B 327 4.35 51.64 -16.94
N ILE B 328 5.17 51.10 -17.86
CA ILE B 328 6.60 51.39 -17.84
C ILE B 328 6.86 52.85 -18.22
N GLN B 329 6.16 53.35 -19.24
CA GLN B 329 6.27 54.76 -19.60
C GLN B 329 5.93 55.67 -18.42
N THR B 330 4.84 55.35 -17.70
CA THR B 330 4.45 56.14 -16.52
C THR B 330 5.57 56.11 -15.48
N GLN B 331 6.14 54.92 -15.24
CA GLN B 331 7.17 54.77 -14.23
C GLN B 331 8.44 55.52 -14.62
N ASN B 332 8.88 55.38 -15.89
CA ASN B 332 10.06 56.10 -16.33
C ASN B 332 9.84 57.62 -16.22
N LYS B 333 8.61 58.07 -16.48
CA LYS B 333 8.31 59.49 -16.34
C LYS B 333 8.39 59.93 -14.88
N LEU B 334 7.82 59.13 -13.97
CA LEU B 334 7.95 59.41 -12.54
C LEU B 334 9.40 59.49 -12.11
N ILE B 335 10.21 58.54 -12.57
CA ILE B 335 11.63 58.49 -12.20
C ILE B 335 12.36 59.73 -12.72
N LYS B 336 12.07 60.16 -13.95
CA LYS B 336 12.68 61.38 -14.47
C LYS B 336 12.30 62.60 -13.64
N GLU B 337 11.05 62.67 -13.19
CA GLU B 337 10.54 63.85 -12.48
C GLU B 337 10.99 63.88 -11.03
N HIS B 338 11.14 62.74 -10.39
CA HIS B 338 11.31 62.66 -8.96
C HIS B 338 12.60 62.01 -8.50
N VAL B 339 13.42 61.46 -9.40
CA VAL B 339 14.66 60.81 -9.02
C VAL B 339 15.82 61.47 -9.77
N ASN B 340 15.77 61.48 -11.11
CA ASN B 340 16.88 62.01 -11.89
C ASN B 340 16.41 62.22 -13.32
N PRO B 341 16.52 63.43 -13.88
CA PRO B 341 16.04 63.64 -15.26
C PRO B 341 16.80 62.84 -16.29
N ASN B 342 17.96 62.29 -15.94
CA ASN B 342 18.76 61.50 -16.86
C ASN B 342 18.52 60.03 -16.53
N LEU B 343 17.58 59.40 -17.26
CA LEU B 343 17.19 58.01 -16.96
C LEU B 343 18.39 57.09 -16.94
N LYS B 344 19.32 57.28 -17.87
CA LYS B 344 20.47 56.40 -17.96
C LYS B 344 21.30 56.39 -16.69
N GLU B 345 21.19 57.43 -15.87
CA GLU B 345 21.83 57.44 -14.57
C GLU B 345 21.06 56.63 -13.54
N VAL B 346 19.89 56.10 -13.87
CA VAL B 346 19.07 55.51 -12.82
C VAL B 346 19.02 54.00 -13.04
N PRO B 347 19.70 53.21 -12.23
CA PRO B 347 19.61 51.73 -12.38
C PRO B 347 18.17 51.26 -12.21
N ARG B 348 17.67 50.53 -13.20
CA ARG B 348 16.32 50.00 -13.18
C ARG B 348 16.37 48.55 -13.63
N MET B 349 15.42 47.75 -13.16
CA MET B 349 15.38 46.32 -13.49
C MET B 349 13.93 45.93 -13.80
N LEU B 350 13.77 45.10 -14.83
CA LEU B 350 12.48 44.54 -15.16
C LEU B 350 12.62 43.03 -15.13
N ALA B 351 11.71 42.35 -14.45
CA ALA B 351 11.84 40.90 -14.35
C ALA B 351 11.17 40.24 -15.54
N LEU B 352 11.88 39.33 -16.23
CA LEU B 352 11.28 38.56 -17.31
C LEU B 352 10.83 37.25 -16.70
N TYR B 353 9.62 37.26 -16.13
CA TYR B 353 9.06 36.04 -15.60
C TYR B 353 8.47 35.29 -16.80
N LYS B 354 7.62 34.32 -16.51
CA LYS B 354 6.95 33.55 -17.56
C LYS B 354 5.75 34.26 -18.19
N GLU B 355 4.92 34.90 -17.36
CA GLU B 355 3.75 35.62 -17.82
C GLU B 355 4.05 36.84 -18.70
N VAL B 356 5.06 37.62 -18.31
CA VAL B 356 5.46 38.83 -19.02
C VAL B 356 6.32 38.52 -20.24
N GLU B 357 6.95 37.35 -20.28
CA GLU B 357 7.79 37.00 -21.42
C GLU B 357 7.09 37.15 -22.75
N PRO B 358 5.85 36.69 -22.95
CA PRO B 358 5.16 36.98 -24.22
C PRO B 358 5.02 38.47 -24.53
N PHE B 359 4.86 39.32 -23.50
CA PHE B 359 4.77 40.77 -23.76
C PHE B 359 6.12 41.33 -24.18
N PHE B 360 7.20 40.69 -23.75
CA PHE B 360 8.56 41.09 -24.08
C PHE B 360 8.91 40.71 -25.52
N TYR B 361 8.69 39.43 -25.90
CA TYR B 361 9.01 38.99 -27.26
C TYR B 361 7.93 39.38 -28.28
N GLY B 362 6.68 39.52 -27.83
CA GLY B 362 5.58 39.67 -28.77
C GLY B 362 5.32 38.34 -29.47
N ASP B 363 4.74 38.43 -30.67
CA ASP B 363 4.57 37.26 -31.51
C ASP B 363 4.54 37.71 -32.97
N GLU B 364 4.01 36.84 -33.85
CA GLU B 364 4.11 37.01 -35.30
C GLU B 364 3.47 38.29 -35.80
N ASN B 365 2.52 38.88 -35.06
CA ASN B 365 1.71 39.95 -35.63
C ASN B 365 1.68 41.25 -34.85
N THR B 366 2.17 41.28 -33.59
CA THR B 366 2.26 42.56 -32.88
C THR B 366 3.63 42.68 -32.20
N PRO B 367 4.31 43.82 -32.36
CA PRO B 367 5.65 43.96 -31.78
C PRO B 367 5.64 43.95 -30.26
N GLY B 368 6.69 43.34 -29.68
CA GLY B 368 6.85 43.30 -28.25
C GLY B 368 7.78 44.40 -27.74
N LEU B 369 7.94 44.44 -26.40
CA LEU B 369 8.76 45.45 -25.75
C LEU B 369 10.26 45.25 -25.95
N ILE B 370 10.68 44.06 -26.39
CA ILE B 370 12.07 43.81 -26.70
C ILE B 370 12.58 44.92 -27.61
N ASN B 371 13.73 45.50 -27.26
CA ASN B 371 14.40 46.56 -28.00
C ASN B 371 13.66 47.89 -28.02
N SER B 372 12.67 48.09 -27.17
CA SER B 372 11.89 49.32 -27.22
C SER B 372 12.62 50.42 -26.45
N GLU B 373 12.30 51.67 -26.79
CA GLU B 373 12.89 52.78 -26.05
C GLU B 373 12.62 52.66 -24.55
N GLU B 374 11.47 52.11 -24.15
CA GLU B 374 11.10 52.01 -22.74
C GLU B 374 12.10 51.18 -21.94
N LEU B 375 12.56 50.04 -22.48
CA LEU B 375 13.52 49.17 -21.81
C LEU B 375 14.98 49.54 -22.09
N GLU B 376 15.25 50.58 -22.86
CA GLU B 376 16.63 50.98 -23.08
C GLU B 376 17.29 51.30 -21.72
N ASP B 377 18.44 50.66 -21.51
CA ASP B 377 19.30 50.77 -20.33
C ASP B 377 18.76 50.06 -19.11
N VAL B 378 17.64 49.33 -19.24
CA VAL B 378 17.07 48.57 -18.13
C VAL B 378 17.72 47.18 -18.05
N ILE B 379 18.07 46.74 -16.83
CA ILE B 379 18.52 45.37 -16.61
C ILE B 379 17.35 44.43 -16.78
N LEU B 380 17.53 43.40 -17.62
CA LEU B 380 16.45 42.44 -17.87
C LEU B 380 16.76 41.19 -17.06
N MET B 381 16.00 40.96 -16.00
CA MET B 381 16.32 39.89 -15.07
C MET B 381 15.56 38.62 -15.43
N LEU B 382 16.32 37.58 -15.78
CA LEU B 382 15.81 36.25 -15.99
C LEU B 382 15.76 35.51 -14.65
N CYS B 383 15.14 34.36 -14.63
CA CYS B 383 15.08 33.61 -13.40
CA CYS B 383 15.01 33.59 -13.40
C CYS B 383 15.17 32.12 -13.69
N ASP B 384 15.57 31.36 -12.67
CA ASP B 384 15.56 29.91 -12.81
C ASP B 384 14.12 29.42 -12.66
N ASP B 385 13.95 28.12 -12.53
CA ASP B 385 12.64 27.52 -12.45
C ASP B 385 12.20 27.30 -11.01
N ASN B 386 12.82 27.99 -10.05
CA ASN B 386 12.55 27.95 -8.62
C ASN B 386 13.21 26.75 -7.99
N HIS B 387 13.89 25.89 -8.78
CA HIS B 387 14.53 24.72 -8.23
C HIS B 387 15.99 24.61 -8.64
N GLY B 388 16.58 25.68 -9.17
CA GLY B 388 18.00 25.68 -9.43
C GLY B 388 18.38 25.32 -10.86
N ASN B 389 17.41 25.19 -11.76
CA ASN B 389 17.64 25.01 -13.18
C ASN B 389 17.27 26.26 -13.93
N LEU B 390 18.16 26.75 -14.75
CA LEU B 390 17.87 27.92 -15.55
C LEU B 390 16.73 27.62 -16.53
N ARG B 391 16.12 28.70 -17.02
CA ARG B 391 15.12 28.62 -18.08
C ARG B 391 15.75 29.25 -19.31
N THR B 392 15.02 30.08 -20.04
CA THR B 392 15.59 30.60 -21.28
C THR B 392 16.62 31.68 -21.01
N LEU B 393 17.48 31.89 -22.00
CA LEU B 393 18.67 32.70 -21.82
C LEU B 393 18.80 33.56 -23.06
N PRO B 394 19.60 34.63 -23.00
CA PRO B 394 19.70 35.54 -24.14
C PRO B 394 20.24 34.84 -25.38
N THR B 395 19.62 35.10 -26.51
CA THR B 395 20.21 34.73 -27.79
C THR B 395 21.34 35.69 -28.13
N GLU B 396 22.04 35.38 -29.22
CA GLU B 396 23.18 36.20 -29.63
C GLU B 396 22.78 37.64 -29.89
N ASP B 397 21.66 37.86 -30.61
CA ASP B 397 21.23 39.22 -30.84
C ASP B 397 20.75 39.91 -29.56
N MET B 398 20.16 39.17 -28.63
CA MET B 398 19.74 39.79 -27.38
C MET B 398 20.91 40.28 -26.54
N ARG B 399 22.10 39.73 -26.73
CA ARG B 399 23.21 40.09 -25.87
C ARG B 399 23.73 41.48 -26.13
N LYS B 400 23.32 42.11 -27.22
CA LYS B 400 23.67 43.50 -27.46
C LYS B 400 22.85 44.48 -26.59
N HIS B 401 21.88 44.00 -25.82
CA HIS B 401 20.97 44.93 -25.13
C HIS B 401 21.74 45.80 -24.13
N SER B 402 21.64 47.10 -24.31
CA SER B 402 22.22 48.02 -23.36
C SER B 402 21.43 47.95 -22.06
N GLY B 403 22.11 47.75 -20.96
CA GLY B 403 21.47 47.48 -19.69
C GLY B 403 21.73 46.07 -19.21
N GLY B 404 21.99 45.14 -20.15
CA GLY B 404 22.37 43.78 -19.75
C GLY B 404 21.25 42.97 -19.11
N TYR B 405 21.64 41.85 -18.51
CA TYR B 405 20.73 40.82 -18.02
C TYR B 405 21.08 40.47 -16.60
N GLY B 406 20.07 40.00 -15.85
CA GLY B 406 20.26 39.50 -14.50
C GLY B 406 19.79 38.06 -14.39
N MET B 407 20.15 37.41 -13.29
CA MET B 407 19.66 36.06 -13.01
C MET B 407 19.25 36.02 -11.55
N TYR B 408 18.03 35.57 -11.33
CA TYR B 408 17.52 35.29 -9.99
C TYR B 408 17.51 33.77 -9.81
N TYR B 409 18.32 33.28 -8.88
CA TYR B 409 18.57 31.85 -8.65
C TYR B 409 18.05 31.47 -7.26
N HIS B 410 17.67 30.22 -7.06
CA HIS B 410 17.08 29.78 -5.80
C HIS B 410 17.92 28.72 -5.09
N PHE B 411 18.24 28.98 -3.81
CA PHE B 411 18.69 27.98 -2.84
C PHE B 411 17.58 27.59 -1.87
N ASP B 412 16.42 28.24 -1.96
CA ASP B 412 15.31 28.10 -1.01
C ASP B 412 14.07 28.46 -1.79
N TYR B 413 12.97 27.77 -1.56
CA TYR B 413 11.78 28.11 -2.33
C TYR B 413 10.54 27.64 -1.60
N HIS B 414 9.53 28.49 -1.53
CA HIS B 414 8.24 28.15 -0.92
C HIS B 414 7.23 28.06 -2.07
N GLY B 415 6.85 26.86 -2.47
CA GLY B 415 6.01 26.73 -3.65
C GLY B 415 6.11 25.31 -4.20
N GLY B 416 5.53 25.11 -5.38
CA GLY B 416 5.44 23.76 -5.93
C GLY B 416 6.66 23.32 -6.73
N PRO B 417 6.80 22.00 -6.98
CA PRO B 417 5.91 20.92 -6.52
C PRO B 417 6.06 20.65 -5.02
N VAL B 418 7.25 20.81 -4.44
CA VAL B 418 7.47 20.67 -2.99
C VAL B 418 8.42 21.78 -2.53
N SER B 419 8.08 22.46 -1.44
CA SER B 419 8.92 23.54 -0.92
C SER B 419 10.25 22.97 -0.41
N TYR B 420 11.32 23.79 -0.42
CA TYR B 420 12.54 23.39 0.28
C TYR B 420 13.06 24.60 1.04
N GLU B 421 12.96 24.53 2.37
CA GLU B 421 13.14 25.73 3.20
C GLU B 421 13.85 25.45 4.50
N TRP B 422 14.24 24.22 4.79
CA TRP B 422 14.64 23.86 6.17
C TRP B 422 16.15 24.02 6.33
N ILE B 423 16.93 23.19 5.65
CA ILE B 423 18.40 23.20 5.73
C ILE B 423 18.92 23.13 4.28
N ASN B 424 20.03 23.80 4.03
CA ASN B 424 20.70 23.75 2.72
C ASN B 424 20.61 22.35 2.11
N SER B 425 20.15 22.29 0.84
CA SER B 425 20.14 21.07 0.04
C SER B 425 20.70 21.34 -1.36
N SER B 426 21.52 22.39 -1.51
CA SER B 426 22.11 22.78 -2.79
C SER B 426 23.54 22.29 -2.84
N TYR B 427 24.03 22.08 -4.05
CA TYR B 427 25.23 21.28 -4.31
C TYR B 427 26.14 22.09 -5.22
N LEU B 428 27.39 22.30 -4.79
CA LEU B 428 28.27 23.22 -5.54
C LEU B 428 28.48 22.87 -7.00
N PRO B 429 28.69 21.61 -7.42
CA PRO B 429 28.91 21.36 -8.85
C PRO B 429 27.74 21.79 -9.68
N LYS B 430 26.52 21.67 -9.15
CA LYS B 430 25.33 22.09 -9.88
C LYS B 430 25.23 23.62 -9.98
N ILE B 431 25.49 24.30 -8.88
CA ILE B 431 25.51 25.78 -8.91
C ILE B 431 26.51 26.28 -9.95
N TRP B 432 27.73 25.76 -9.89
CA TRP B 432 28.74 26.12 -10.86
C TRP B 432 28.25 25.90 -12.29
N GLU B 433 27.70 24.73 -12.57
CA GLU B 433 27.29 24.42 -13.94
C GLU B 433 26.20 25.39 -14.43
N GLN B 434 25.19 25.64 -13.62
CA GLN B 434 24.12 26.53 -14.06
C GLN B 434 24.61 27.98 -14.14
N MET B 435 25.31 28.44 -13.10
CA MET B 435 25.67 29.87 -13.08
C MET B 435 26.78 30.18 -14.05
N THR B 436 27.72 29.25 -14.31
CA THR B 436 28.68 29.59 -15.37
C THR B 436 28.01 29.61 -16.73
N MET B 437 27.00 28.77 -16.94
CA MET B 437 26.25 28.79 -18.20
C MET B 437 25.52 30.13 -18.39
N ALA B 438 24.89 30.65 -17.32
CA ALA B 438 24.28 31.97 -17.42
C ALA B 438 25.31 33.01 -17.82
N TYR B 439 26.48 33.00 -17.17
CA TYR B 439 27.52 33.94 -17.58
C TYR B 439 27.91 33.74 -19.04
N ASP B 440 28.04 32.47 -19.48
CA ASP B 440 28.43 32.19 -20.85
C ASP B 440 27.40 32.71 -21.85
N PHE B 441 26.12 32.71 -21.48
CA PHE B 441 25.11 33.27 -22.37
C PHE B 441 24.96 34.79 -22.21
N GLY B 442 25.87 35.45 -21.50
CA GLY B 442 25.83 36.89 -21.42
C GLY B 442 24.97 37.45 -20.30
N VAL B 443 24.72 36.68 -19.24
CA VAL B 443 23.96 37.20 -18.09
C VAL B 443 24.98 37.65 -17.04
N ARG B 444 25.33 38.92 -17.10
CA ARG B 444 26.51 39.39 -16.34
C ARG B 444 26.30 40.67 -15.56
N ASP B 445 25.11 41.22 -15.53
CA ASP B 445 24.97 42.51 -14.87
C ASP B 445 24.39 42.40 -13.46
N LEU B 446 23.61 41.37 -13.18
CA LEU B 446 23.05 41.24 -11.85
C LEU B 446 22.86 39.77 -11.55
N TRP B 447 23.33 39.32 -10.37
CA TRP B 447 23.07 37.97 -9.90
C TRP B 447 22.52 38.04 -8.49
N ILE B 448 21.37 37.43 -8.24
CA ILE B 448 20.82 37.43 -6.90
C ILE B 448 20.26 36.04 -6.59
N VAL B 449 20.51 35.55 -5.36
CA VAL B 449 20.06 34.21 -5.00
C VAL B 449 19.10 34.29 -3.82
N ASN B 450 17.98 33.58 -3.93
CA ASN B 450 17.06 33.43 -2.81
C ASN B 450 17.71 32.51 -1.77
N VAL B 451 18.06 33.04 -0.59
CA VAL B 451 18.72 32.25 0.45
C VAL B 451 17.78 31.92 1.59
N GLY B 452 16.47 32.14 1.41
CA GLY B 452 15.56 31.85 2.51
C GLY B 452 15.94 32.62 3.77
N ASP B 453 16.08 31.89 4.91
CA ASP B 453 16.50 32.47 6.18
C ASP B 453 18.02 32.64 6.35
N ILE B 454 18.83 32.38 5.31
CA ILE B 454 20.29 32.53 5.30
C ILE B 454 21.01 31.37 6.00
N ALA B 455 20.57 31.04 7.23
CA ALA B 455 21.27 30.02 8.02
C ALA B 455 21.36 28.68 7.28
N THR B 456 22.54 28.05 7.37
CA THR B 456 23.00 26.81 6.72
C THR B 456 23.27 27.00 5.24
N GLN B 457 23.03 28.19 4.68
CA GLN B 457 23.35 28.45 3.28
C GLN B 457 24.72 29.11 3.11
N GLU B 458 25.56 29.11 4.15
CA GLU B 458 26.79 29.91 4.10
C GLU B 458 27.75 29.40 3.05
N LEU B 459 27.88 28.08 2.88
CA LEU B 459 28.82 27.58 1.88
C LEU B 459 28.35 27.89 0.46
N PRO B 460 27.14 27.52 0.04
CA PRO B 460 26.74 27.86 -1.34
C PRO B 460 26.59 29.35 -1.57
N LEU B 461 26.21 30.14 -0.54
CA LEU B 461 26.16 31.59 -0.74
C LEU B 461 27.56 32.16 -0.91
N SER B 462 28.53 31.69 -0.10
CA SER B 462 29.93 32.12 -0.25
C SER B 462 30.41 31.86 -1.67
N PHE B 463 30.10 30.68 -2.15
CA PHE B 463 30.49 30.26 -3.48
C PHE B 463 29.84 31.10 -4.57
N PHE B 464 28.52 31.29 -4.47
CA PHE B 464 27.75 32.08 -5.42
C PHE B 464 28.33 33.49 -5.54
N LEU B 465 28.65 34.11 -4.39
CA LEU B 465 29.21 35.47 -4.45
C LEU B 465 30.69 35.51 -4.81
N ASP B 466 31.47 34.45 -4.49
CA ASP B 466 32.85 34.42 -4.96
C ASP B 466 32.90 34.28 -6.46
N LEU B 467 32.02 33.43 -7.00
CA LEU B 467 31.87 33.24 -8.44
C LEU B 467 31.51 34.54 -9.13
N ALA B 468 30.52 35.26 -8.56
CA ALA B 468 30.08 36.50 -9.17
C ALA B 468 31.18 37.55 -9.15
N TYR B 469 31.97 37.57 -8.08
CA TYR B 469 32.99 38.61 -7.91
C TYR B 469 34.19 38.35 -8.80
N ASP B 470 34.61 37.10 -8.93
CA ASP B 470 35.88 36.76 -9.66
C ASP B 470 35.60 35.53 -10.53
N PHE B 471 35.03 35.78 -11.69
CA PHE B 471 34.60 34.67 -12.54
C PHE B 471 35.79 34.03 -13.26
N ASP B 472 36.84 34.80 -13.50
CA ASP B 472 38.08 34.22 -14.05
C ASP B 472 38.68 33.17 -13.14
N LYS B 473 38.56 33.35 -11.83
CA LYS B 473 39.14 32.40 -10.89
C LYS B 473 38.27 31.15 -10.70
N TRP B 474 36.95 31.31 -10.61
CA TRP B 474 36.09 30.19 -10.24
C TRP B 474 35.12 29.75 -11.32
N GLY B 475 35.02 30.46 -12.43
CA GLY B 475 33.99 30.21 -13.40
C GLY B 475 34.35 29.22 -14.49
N THR B 476 33.90 29.52 -15.71
CA THR B 476 33.92 28.54 -16.81
C THR B 476 35.31 28.02 -17.06
N ASN B 477 36.34 28.87 -16.92
CA ASN B 477 37.70 28.38 -17.17
C ASN B 477 38.26 27.55 -16.01
N ALA B 478 37.50 27.41 -14.92
CA ALA B 478 37.97 26.66 -13.77
C ALA B 478 37.09 25.44 -13.56
N ILE B 479 37.00 24.56 -14.55
CA ILE B 479 36.13 23.41 -14.41
C ILE B 479 36.67 22.48 -13.32
N ASN B 480 35.76 21.82 -12.59
CA ASN B 480 36.14 20.83 -11.58
C ASN B 480 37.03 21.43 -10.48
N LYS B 481 36.68 22.65 -10.04
CA LYS B 481 37.35 23.31 -8.94
C LYS B 481 36.44 23.51 -7.74
N THR B 482 35.20 23.01 -7.76
CA THR B 482 34.37 23.29 -6.61
C THR B 482 34.81 22.49 -5.40
N ASP B 483 35.47 21.33 -5.61
CA ASP B 483 36.11 20.64 -4.49
C ASP B 483 37.21 21.50 -3.86
N ASP B 484 38.11 22.05 -4.69
CA ASP B 484 39.11 22.98 -4.19
C ASP B 484 38.45 24.16 -3.46
N TYR B 485 37.34 24.66 -4.00
CA TYR B 485 36.62 25.77 -3.34
C TYR B 485 36.19 25.35 -1.94
N THR B 486 35.66 24.14 -1.82
CA THR B 486 35.16 23.66 -0.53
C THR B 486 36.29 23.53 0.47
N LYS B 487 37.43 22.96 0.04
CA LYS B 487 38.58 22.84 0.94
C LYS B 487 39.09 24.19 1.36
N GLN B 488 39.09 25.16 0.45
CA GLN B 488 39.56 26.49 0.84
C GLN B 488 38.57 27.14 1.82
N TRP B 489 37.29 26.90 1.63
CA TRP B 489 36.29 27.41 2.56
C TRP B 489 36.47 26.80 3.95
N ILE B 490 36.70 25.47 4.00
CA ILE B 490 36.95 24.78 5.28
C ILE B 490 38.17 25.38 5.97
N GLU B 491 39.24 25.59 5.22
CA GLU B 491 40.45 26.20 5.79
C GLU B 491 40.16 27.60 6.33
N GLN B 492 39.30 28.35 5.64
CA GLN B 492 38.94 29.70 6.07
C GLN B 492 38.14 29.67 7.38
N GLN B 493 37.30 28.65 7.59
CA GLN B 493 36.57 28.55 8.84
C GLN B 493 37.34 27.87 9.95
N PHE B 494 38.20 26.87 9.66
CA PHE B 494 38.73 26.00 10.71
C PHE B 494 40.26 25.98 10.78
N ALA B 495 40.94 26.95 10.18
CA ALA B 495 42.39 27.08 10.36
C ALA B 495 42.74 27.18 11.84
N GLY B 496 43.67 26.35 12.29
CA GLY B 496 44.05 26.35 13.70
C GLY B 496 43.14 25.56 14.60
N VAL B 497 41.97 25.17 14.12
CA VAL B 497 41.01 24.35 14.87
C VAL B 497 41.21 22.87 14.58
N PHE B 498 41.24 22.52 13.30
CA PHE B 498 41.29 21.13 12.86
C PHE B 498 42.63 20.88 12.17
N ASN B 499 43.18 19.69 12.34
CA ASN B 499 44.42 19.36 11.65
C ASN B 499 44.07 18.92 10.23
N LEU B 500 45.06 18.48 9.44
CA LEU B 500 44.79 18.18 8.03
C LEU B 500 43.85 16.98 7.89
N GLU B 501 44.03 15.94 8.72
CA GLU B 501 43.12 14.80 8.71
C GLU B 501 41.70 15.22 9.07
N GLN B 502 41.54 16.10 10.07
CA GLN B 502 40.20 16.55 10.46
C GLN B 502 39.55 17.38 9.35
N LYS B 503 40.33 18.23 8.68
CA LYS B 503 39.77 19.04 7.62
C LYS B 503 39.37 18.20 6.41
N ASP B 504 40.07 17.10 6.15
CA ASP B 504 39.51 16.27 5.08
C ASP B 504 38.25 15.54 5.53
N LYS B 505 38.09 15.26 6.82
CA LYS B 505 36.81 14.71 7.24
C LYS B 505 35.70 15.74 7.10
N VAL B 506 35.98 17.01 7.41
CA VAL B 506 34.96 18.03 7.18
C VAL B 506 34.58 18.05 5.70
N PHE B 507 35.57 17.90 4.82
CA PHE B 507 35.25 17.87 3.39
C PHE B 507 34.33 16.70 3.04
N GLU B 508 34.54 15.52 3.65
CA GLU B 508 33.63 14.39 3.37
C GLU B 508 32.21 14.69 3.83
N LEU B 509 32.08 15.36 4.98
CA LEU B 509 30.75 15.74 5.50
C LEU B 509 30.04 16.71 4.55
N LEU B 510 30.69 17.84 4.20
CA LEU B 510 30.01 18.87 3.42
C LEU B 510 29.68 18.36 2.04
N ASN B 511 30.66 17.76 1.38
CA ASN B 511 30.44 17.22 0.06
C ASN B 511 29.47 16.06 0.10
N GLY B 512 29.53 15.28 1.19
CA GLY B 512 28.64 14.13 1.32
C GLY B 512 27.21 14.51 1.58
N TYR B 513 26.94 15.35 2.53
CA TYR B 513 25.59 15.72 2.80
C TYR B 513 24.93 16.47 1.67
N THR B 514 25.68 17.33 1.02
CA THR B 514 25.04 18.15 -0.02
C THR B 514 24.71 17.31 -1.24
N LYS B 515 25.58 16.38 -1.59
CA LYS B 515 25.26 15.42 -2.65
C LYS B 515 23.99 14.64 -2.32
N ILE B 516 23.87 14.11 -1.11
CA ILE B 516 22.72 13.29 -0.77
C ILE B 516 21.47 14.15 -0.68
N ALA B 517 21.59 15.35 -0.10
CA ALA B 517 20.40 16.20 0.01
C ALA B 517 19.95 16.71 -1.35
N HIS B 518 20.86 16.94 -2.24
CA HIS B 518 20.46 17.40 -3.51
C HIS B 518 19.77 16.34 -4.37
N ASN B 519 20.02 15.09 -4.10
CA ASN B 519 19.35 14.01 -4.82
C ASN B 519 17.89 13.82 -4.42
N ARG B 520 17.54 14.14 -3.18
CA ARG B 520 16.11 14.21 -2.79
C ARG B 520 16.04 15.19 -1.64
N ARG B 521 15.43 16.35 -1.86
CA ARG B 521 15.46 17.40 -0.85
C ARG B 521 14.59 17.02 0.37
N PRO B 522 14.95 17.51 1.57
CA PRO B 522 14.44 16.89 2.80
C PRO B 522 12.93 16.78 2.90
N GLU B 523 12.18 17.87 2.62
CA GLU B 523 10.72 17.80 2.73
C GLU B 523 10.14 16.76 1.78
N ALA B 524 10.79 16.55 0.65
CA ALA B 524 10.29 15.62 -0.35
C ALA B 524 10.80 14.20 -0.12
N MET B 525 11.70 14.00 0.82
CA MET B 525 12.17 12.64 1.11
C MET B 525 11.03 11.88 1.81
N ASN B 526 10.89 10.60 1.46
CA ASN B 526 9.80 9.85 2.02
C ASN B 526 10.10 8.36 1.80
N VAL B 527 9.19 7.53 2.23
CA VAL B 527 9.34 6.09 2.08
C VAL B 527 9.22 5.69 0.61
N ASP B 528 10.01 4.68 0.20
CA ASP B 528 9.92 4.12 -1.16
C ASP B 528 10.29 5.11 -2.25
N VAL B 529 10.98 6.22 -1.94
CA VAL B 529 11.67 6.96 -2.99
C VAL B 529 12.82 6.13 -3.53
N TYR B 530 13.74 5.74 -2.65
CA TYR B 530 14.73 4.70 -2.96
C TYR B 530 14.10 3.32 -2.80
N HIS B 531 14.48 2.40 -3.67
CA HIS B 531 13.88 1.08 -3.54
C HIS B 531 14.43 0.39 -2.29
N PRO B 532 13.59 -0.28 -1.52
CA PRO B 532 14.09 -0.94 -0.28
C PRO B 532 15.16 -1.99 -0.53
N VAL B 533 15.18 -2.68 -1.70
CA VAL B 533 16.23 -3.69 -1.89
C VAL B 533 16.98 -3.60 -3.23
N ASN B 534 16.33 -3.13 -4.28
CA ASN B 534 16.87 -3.30 -5.63
C ASN B 534 18.22 -2.62 -5.80
N TYR B 535 19.19 -3.35 -6.39
CA TYR B 535 20.56 -2.89 -6.66
C TYR B 535 21.31 -2.45 -5.40
N HIS B 536 20.89 -2.84 -4.20
CA HIS B 536 21.52 -2.37 -2.95
C HIS B 536 21.52 -0.84 -2.77
N GLU B 537 20.68 -0.11 -3.50
CA GLU B 537 20.75 1.37 -3.41
C GLU B 537 20.41 1.87 -2.01
N THR B 538 19.38 1.29 -1.36
CA THR B 538 19.10 1.69 0.02
C THR B 538 20.23 1.31 0.95
N ASP B 539 20.78 0.09 0.84
CA ASP B 539 21.80 -0.29 1.79
C ASP B 539 23.12 0.45 1.56
N GLN B 540 23.45 0.75 0.30
CA GLN B 540 24.67 1.54 0.05
C GLN B 540 24.52 2.97 0.59
N LEU B 541 23.36 3.57 0.43
CA LEU B 541 23.18 4.92 0.98
C LEU B 541 23.23 4.91 2.53
N LEU B 542 22.56 3.95 3.18
CA LEU B 542 22.62 3.85 4.65
C LEU B 542 24.03 3.66 5.16
N ASP B 543 24.83 2.86 4.45
CA ASP B 543 26.22 2.67 4.87
C ASP B 543 27.01 3.98 4.74
N ARG B 544 26.81 4.71 3.64
CA ARG B 544 27.47 6.00 3.49
C ARG B 544 27.02 6.97 4.59
N ILE B 545 25.72 6.99 4.89
CA ILE B 545 25.21 7.88 5.93
C ILE B 545 25.78 7.48 7.28
N ASP B 546 25.90 6.18 7.54
CA ASP B 546 26.43 5.81 8.85
C ASP B 546 27.91 6.16 8.96
N HIS B 547 28.65 6.13 7.87
CA HIS B 547 30.04 6.58 7.90
C HIS B 547 30.14 8.10 8.15
N LEU B 548 29.33 8.90 7.43
CA LEU B 548 29.30 10.36 7.63
C LEU B 548 28.86 10.75 9.03
N LEU B 549 27.77 10.16 9.53
CA LEU B 549 27.33 10.46 10.89
C LEU B 549 28.42 10.13 11.91
N GLY B 550 29.16 9.04 11.68
CA GLY B 550 30.25 8.72 12.60
C GLY B 550 31.34 9.78 12.58
N LEU B 551 31.66 10.32 11.39
CA LEU B 551 32.65 11.38 11.30
C LEU B 551 32.16 12.65 11.99
N ALA B 552 30.90 13.03 11.76
CA ALA B 552 30.33 14.21 12.39
C ALA B 552 30.42 14.11 13.91
N GLU B 553 30.17 12.92 14.45
CA GLU B 553 30.20 12.73 15.91
C GLU B 553 31.62 12.81 16.45
N GLU B 554 32.56 12.21 15.73
CA GLU B 554 33.97 12.30 16.04
C GLU B 554 34.43 13.76 16.19
N LEU B 555 34.15 14.59 15.18
CA LEU B 555 34.57 15.99 15.24
C LEU B 555 33.81 16.75 16.31
N TYR B 556 32.55 16.37 16.55
CA TYR B 556 31.77 17.02 17.60
C TYR B 556 32.47 16.86 18.93
N GLN B 557 33.02 15.68 19.17
CA GLN B 557 33.72 15.39 20.43
C GLN B 557 35.14 15.97 20.45
N GLU B 558 35.76 16.17 19.29
CA GLU B 558 37.15 16.64 19.25
C GLU B 558 37.29 18.15 19.21
N VAL B 559 36.33 18.86 18.61
CA VAL B 559 36.51 20.30 18.39
C VAL B 559 36.71 21.00 19.72
N ASP B 560 37.63 21.98 19.72
CA ASP B 560 37.88 22.92 20.79
C ASP B 560 36.59 23.66 21.23
N GLN B 561 36.48 23.93 22.55
CA GLN B 561 35.29 24.58 23.07
CA GLN B 561 35.29 24.58 23.08
C GLN B 561 35.02 25.93 22.42
N GLN B 562 36.07 26.71 22.13
CA GLN B 562 35.88 28.02 21.54
C GLN B 562 35.51 27.97 20.09
N HIS B 563 35.49 26.80 19.47
CA HIS B 563 35.08 26.74 18.09
C HIS B 563 33.92 25.79 17.96
N PHE B 564 33.44 25.25 19.08
CA PHE B 564 32.34 24.31 19.03
C PHE B 564 31.14 24.89 18.31
N THR B 565 30.76 26.16 18.60
CA THR B 565 29.48 26.56 18.03
C THR B 565 29.60 26.87 16.53
N ALA B 566 30.78 27.28 16.05
CA ALA B 566 31.01 27.39 14.62
C ALA B 566 30.98 26.00 13.94
N TYR B 567 31.58 24.99 14.56
CA TYR B 567 31.48 23.63 13.98
C TYR B 567 30.01 23.16 13.95
N PHE B 568 29.29 23.38 15.05
CA PHE B 568 27.90 22.93 15.10
C PHE B 568 27.05 23.61 14.01
N ALA B 569 27.19 24.94 13.86
CA ALA B 569 26.29 25.65 12.96
C ALA B 569 26.64 25.43 11.51
N LEU B 570 27.93 25.30 11.20
CA LEU B 570 28.34 25.25 9.80
C LEU B 570 28.46 23.82 9.28
N VAL B 571 28.72 22.86 10.15
CA VAL B 571 28.95 21.49 9.65
C VAL B 571 27.99 20.50 10.28
N TYR B 572 28.01 20.42 11.62
CA TYR B 572 27.33 19.31 12.30
C TYR B 572 25.83 19.35 12.06
N TYR B 573 25.22 20.51 12.32
CA TYR B 573 23.77 20.60 12.23
C TYR B 573 23.25 20.36 10.82
N PRO B 574 23.77 21.02 9.77
CA PRO B 574 23.27 20.68 8.43
C PRO B 574 23.58 19.24 8.00
N THR B 575 24.73 18.68 8.40
CA THR B 575 25.05 17.29 8.05
C THR B 575 24.07 16.35 8.73
N VAL B 576 24.00 16.42 10.07
CA VAL B 576 23.21 15.44 10.80
C VAL B 576 21.72 15.67 10.56
N GLY B 577 21.28 16.93 10.54
CA GLY B 577 19.90 17.20 10.19
C GLY B 577 19.48 16.54 8.90
N ASN B 578 20.22 16.81 7.81
CA ASN B 578 19.88 16.20 6.52
C ASN B 578 20.00 14.67 6.56
N LEU B 579 21.12 14.14 7.08
CA LEU B 579 21.37 12.72 6.90
C LEU B 579 20.56 11.88 7.89
N ASN B 580 20.30 12.38 9.10
CA ASN B 580 19.41 11.63 9.99
C ASN B 580 18.00 11.51 9.39
N LEU B 581 17.58 12.54 8.65
CA LEU B 581 16.26 12.50 8.01
C LEU B 581 16.25 11.52 6.85
N GLN B 582 17.27 11.55 5.99
CA GLN B 582 17.35 10.51 4.95
C GLN B 582 17.35 9.12 5.58
N LYS B 583 18.17 8.91 6.62
CA LYS B 583 18.29 7.60 7.24
C LYS B 583 16.94 7.13 7.77
N MET B 584 16.21 8.02 8.44
CA MET B 584 14.91 7.67 8.97
C MET B 584 14.00 7.14 7.88
N TRP B 585 13.94 7.81 6.73
CA TRP B 585 13.02 7.33 5.70
C TRP B 585 13.51 6.05 5.00
N LEU B 586 14.81 5.88 4.86
CA LEU B 586 15.37 4.68 4.26
C LEU B 586 15.10 3.46 5.14
N LEU B 587 15.29 3.61 6.46
CA LEU B 587 14.96 2.56 7.42
C LEU B 587 13.48 2.24 7.40
N ASN B 588 12.63 3.27 7.23
CA ASN B 588 11.18 3.08 7.16
C ASN B 588 10.83 2.23 5.95
N GLY B 589 11.53 2.43 4.83
CA GLY B 589 11.28 1.59 3.65
C GLY B 589 11.68 0.14 3.85
N LYS B 590 12.81 -0.12 4.55
CA LYS B 590 13.18 -1.47 4.95
C LYS B 590 12.17 -2.06 5.94
N ASN B 591 11.71 -1.25 6.91
CA ASN B 591 10.72 -1.70 7.88
C ASN B 591 9.44 -2.13 7.17
N LYS B 592 8.92 -1.28 6.30
CA LYS B 592 7.70 -1.58 5.58
C LYS B 592 7.83 -2.83 4.73
N TYR B 593 8.95 -2.94 4.01
CA TYR B 593 9.18 -4.07 3.13
C TYR B 593 9.33 -5.37 3.93
N ALA B 594 10.08 -5.33 5.04
CA ALA B 594 10.20 -6.57 5.82
C ALA B 594 8.87 -6.95 6.46
N ALA B 595 8.04 -5.98 6.80
CA ALA B 595 6.79 -6.29 7.49
C ALA B 595 5.76 -6.93 6.55
N GLN B 596 5.76 -6.56 5.27
CA GLN B 596 4.92 -7.23 4.27
C GLN B 596 5.32 -8.69 4.03
N LEU B 597 6.50 -9.10 4.47
CA LEU B 597 6.91 -10.48 4.42
C LEU B 597 6.74 -11.20 5.75
N ASN B 598 6.19 -10.52 6.76
CA ASN B 598 6.03 -11.05 8.12
C ASN B 598 7.42 -11.37 8.73
N LEU B 599 8.46 -10.66 8.36
CA LEU B 599 9.78 -10.93 8.96
C LEU B 599 9.90 -10.28 10.35
N ILE B 600 10.29 -11.06 11.36
CA ILE B 600 10.46 -10.53 12.71
C ILE B 600 11.39 -9.32 12.74
N GLU B 601 12.40 -9.29 11.89
CA GLU B 601 13.35 -8.16 11.86
C GLU B 601 12.68 -6.83 11.55
N ALA B 602 11.43 -6.81 11.05
CA ALA B 602 10.77 -5.51 10.86
C ALA B 602 10.69 -4.75 12.15
N ASN B 603 10.53 -5.46 13.25
CA ASN B 603 10.19 -4.79 14.50
C ASN B 603 11.37 -3.95 15.01
N LYS B 604 12.58 -4.46 14.88
CA LYS B 604 13.71 -3.64 15.30
C LYS B 604 13.98 -2.51 14.32
N LEU B 605 13.65 -2.68 13.04
CA LEU B 605 13.75 -1.55 12.11
C LEU B 605 12.80 -0.42 12.50
N ALA B 606 11.59 -0.77 12.96
CA ALA B 606 10.66 0.27 13.39
C ALA B 606 11.21 1.09 14.56
N GLU B 607 11.84 0.40 15.54
CA GLU B 607 12.44 1.11 16.67
C GLU B 607 13.56 2.05 16.23
N GLN B 608 14.28 1.64 15.17
CA GLN B 608 15.34 2.45 14.57
C GLN B 608 14.77 3.73 13.95
N VAL B 609 13.66 3.60 13.23
CA VAL B 609 12.99 4.77 12.65
C VAL B 609 12.57 5.73 13.74
N LYS B 610 11.98 5.19 14.79
CA LYS B 610 11.51 6.01 15.88
C LYS B 610 12.65 6.80 16.53
N ALA B 611 13.81 6.14 16.70
CA ALA B 611 14.96 6.81 17.30
C ALA B 611 15.47 7.95 16.42
N CYS B 612 15.43 7.76 15.09
CA CYS B 612 15.79 8.85 14.17
C CYS B 612 14.87 10.05 14.33
N LEU B 613 13.58 9.79 14.47
CA LEU B 613 12.64 10.89 14.65
C LEU B 613 12.94 11.64 15.94
N LYS B 614 13.26 10.91 17.02
CA LYS B 614 13.65 11.59 18.25
C LYS B 614 14.92 12.42 18.05
N ARG B 615 15.91 11.88 17.33
CA ARG B 615 17.15 12.62 17.15
C ARG B 615 16.90 13.94 16.41
N ASP B 616 15.97 13.94 15.46
CA ASP B 616 15.65 15.14 14.69
C ASP B 616 15.18 16.29 15.59
N GLN B 617 14.33 15.97 16.56
CA GLN B 617 13.85 16.99 17.51
C GLN B 617 14.98 17.46 18.42
N GLU B 618 15.82 16.54 18.87
CA GLU B 618 16.93 16.92 19.74
C GLU B 618 17.92 17.84 19.04
N ILE B 619 18.26 17.54 17.77
CA ILE B 619 19.28 18.32 17.09
C ILE B 619 18.78 19.75 16.84
N VAL B 620 17.49 19.92 16.53
CA VAL B 620 16.92 21.25 16.37
C VAL B 620 16.92 22.00 17.70
N ASP B 621 16.51 21.33 18.78
CA ASP B 621 16.54 21.98 20.09
C ASP B 621 17.94 22.43 20.48
N GLU B 622 18.95 21.59 20.27
CA GLU B 622 20.33 22.00 20.55
C GLU B 622 20.74 23.22 19.71
N TYR B 623 20.42 23.19 18.41
CA TYR B 623 20.70 24.30 17.53
C TYR B 623 20.10 25.58 18.06
N HIS B 624 18.92 25.50 18.65
CA HIS B 624 18.23 26.70 19.12
C HIS B 624 18.73 27.18 20.47
N THR B 625 19.57 26.38 21.15
CA THR B 625 20.06 26.79 22.45
C THR B 625 21.55 27.14 22.51
N ILE B 626 22.40 26.63 21.59
CA ILE B 626 23.83 26.94 21.68
C ILE B 626 24.07 28.44 21.55
N ALA B 627 25.18 28.91 22.14
CA ALA B 627 25.62 30.31 22.06
C ALA B 627 24.50 31.26 22.47
N ASP B 628 23.84 30.92 23.58
CA ASP B 628 22.82 31.81 24.16
C ASP B 628 21.70 32.09 23.17
N GLY B 629 21.34 31.10 22.36
CA GLY B 629 20.25 31.34 21.42
C GLY B 629 20.62 32.13 20.18
N LYS B 630 21.90 32.18 19.83
CA LYS B 630 22.34 32.90 18.63
C LYS B 630 21.57 32.47 17.38
N PHE B 631 21.19 31.18 17.31
CA PHE B 631 20.46 30.65 16.14
C PHE B 631 19.01 30.34 16.47
N TYR B 632 18.50 30.85 17.58
CA TYR B 632 17.14 30.53 17.99
C TYR B 632 16.17 30.72 16.82
N GLY B 633 15.32 29.71 16.57
CA GLY B 633 14.31 29.80 15.56
C GLY B 633 14.73 29.38 14.17
N MET B 634 16.03 29.26 13.90
CA MET B 634 16.45 29.05 12.53
C MET B 634 16.13 27.66 12.01
N GLY B 635 15.74 26.72 12.88
CA GLY B 635 15.43 25.36 12.43
C GLY B 635 13.96 25.03 12.68
N LEU B 636 13.13 26.08 12.81
CA LEU B 636 11.72 25.90 13.18
C LEU B 636 10.85 25.32 12.05
N SER B 637 11.24 25.50 10.79
CA SER B 637 10.35 25.11 9.68
C SER B 637 10.01 23.61 9.72
N GLU B 638 8.71 23.27 9.66
CA GLU B 638 8.28 21.88 9.45
C GLU B 638 8.92 21.35 8.20
N HIS B 639 9.41 20.07 8.26
CA HIS B 639 10.24 19.57 7.19
C HIS B 639 10.13 18.07 6.97
N ILE B 640 9.19 17.36 7.59
CA ILE B 640 9.11 15.90 7.50
C ILE B 640 7.86 15.53 6.73
N GLY B 641 8.03 14.73 5.66
CA GLY B 641 6.94 13.98 5.05
C GLY B 641 5.82 14.82 4.46
N PHE B 642 6.22 15.84 3.70
CA PHE B 642 5.24 16.68 3.04
C PHE B 642 4.42 15.84 2.09
N VAL B 643 3.14 16.12 2.05
CA VAL B 643 2.22 15.50 1.10
C VAL B 643 1.63 16.53 0.15
N HIS B 644 1.92 17.81 0.37
CA HIS B 644 1.53 18.91 -0.47
C HIS B 644 2.77 19.72 -0.76
N TRP B 645 2.60 20.78 -1.56
CA TRP B 645 3.72 21.67 -1.82
C TRP B 645 4.19 22.33 -0.54
N ASN B 646 3.26 22.57 0.42
CA ASN B 646 3.60 23.20 1.68
C ASN B 646 3.41 22.19 2.82
N GLU B 647 3.60 22.64 4.05
CA GLU B 647 3.63 21.74 5.19
C GLU B 647 2.27 21.25 5.63
N ASP B 648 1.16 21.79 5.08
CA ASP B 648 -0.16 21.41 5.56
C ASP B 648 -0.36 19.88 5.46
N GLU B 649 -0.82 19.28 6.55
CA GLU B 649 -1.10 17.84 6.59
C GLU B 649 0.13 16.97 6.42
N ASN B 650 1.34 17.47 6.71
CA ASN B 650 2.47 16.56 6.57
C ASN B 650 2.37 15.46 7.61
N LYS B 651 3.06 14.36 7.34
CA LYS B 651 2.90 13.15 8.15
C LYS B 651 4.25 12.53 8.43
N ASN B 652 4.39 11.96 9.63
CA ASN B 652 5.59 11.22 10.01
C ASN B 652 5.58 9.83 9.37
N PRO B 653 6.73 9.12 9.41
CA PRO B 653 6.74 7.71 8.99
C PRO B 653 5.73 6.89 9.77
N VAL B 654 5.09 5.94 9.09
CA VAL B 654 4.20 4.98 9.74
C VAL B 654 5.02 3.71 9.99
N LEU B 655 5.03 3.25 11.23
CA LEU B 655 5.82 2.10 11.62
C LEU B 655 4.99 0.83 11.43
N SER B 656 5.59 -0.19 10.83
CA SER B 656 4.92 -1.47 10.66
C SER B 656 5.51 -2.43 11.68
N TYR B 657 4.66 -3.13 12.42
CA TYR B 657 5.10 -4.19 13.32
C TYR B 657 4.50 -5.52 12.89
N VAL B 658 5.27 -6.59 13.04
CA VAL B 658 4.88 -7.94 12.62
C VAL B 658 4.48 -8.75 13.84
N LEU B 659 3.49 -9.63 13.67
CA LEU B 659 3.14 -10.60 14.67
C LEU B 659 3.60 -11.97 14.19
N PRO B 660 4.36 -12.71 15.00
CA PRO B 660 4.97 -13.96 14.49
C PRO B 660 3.94 -15.00 14.05
N VAL B 661 4.28 -15.75 13.00
CA VAL B 661 3.36 -16.83 12.62
C VAL B 661 3.65 -18.08 13.45
N ASN B 662 2.79 -19.09 13.31
CA ASN B 662 2.85 -20.30 14.13
C ASN B 662 3.94 -21.25 13.67
N LYS B 663 4.12 -21.45 12.32
CA LYS B 663 5.05 -22.54 12.01
C LYS B 663 6.49 -22.04 11.88
N PRO B 664 7.50 -22.93 12.14
CA PRO B 664 8.91 -22.50 12.05
C PRO B 664 9.44 -22.33 10.62
N ARG B 665 8.90 -21.36 9.93
CA ARG B 665 9.17 -21.09 8.54
C ARG B 665 10.35 -20.14 8.40
N LEU B 666 11.03 -20.20 7.25
CA LEU B 666 12.19 -19.35 7.01
C LEU B 666 12.05 -18.75 5.62
N LEU B 667 12.30 -17.45 5.50
CA LEU B 667 12.29 -16.79 4.21
C LEU B 667 13.71 -16.74 3.68
N VAL B 668 13.90 -17.22 2.45
CA VAL B 668 15.19 -17.13 1.77
C VAL B 668 15.08 -16.04 0.71
N SER B 669 15.97 -15.03 0.75
CA SER B 669 15.93 -13.93 -0.19
C SER B 669 17.30 -13.68 -0.82
N ILE B 670 17.31 -13.18 -2.07
CA ILE B 670 18.55 -12.92 -2.79
C ILE B 670 18.88 -11.44 -2.57
N ASP B 671 20.06 -11.16 -2.01
CA ASP B 671 20.36 -9.78 -1.64
C ASP B 671 20.46 -8.90 -2.89
N GLY B 672 19.95 -7.67 -2.80
CA GLY B 672 19.95 -6.77 -3.93
C GLY B 672 18.79 -6.93 -4.88
N THR B 673 17.81 -7.78 -4.54
CA THR B 673 16.68 -8.04 -5.42
C THR B 673 15.45 -8.32 -4.58
N GLU B 674 14.30 -8.43 -5.24
CA GLU B 674 13.06 -8.84 -4.59
C GLU B 674 12.79 -10.34 -4.63
N LEU B 675 13.68 -11.13 -5.20
CA LEU B 675 13.47 -12.59 -5.29
C LEU B 675 13.48 -13.23 -3.91
N ARG B 676 12.46 -14.03 -3.59
CA ARG B 676 12.42 -14.63 -2.27
C ARG B 676 11.55 -15.87 -2.28
N SER B 677 11.75 -16.74 -1.28
CA SER B 677 10.93 -17.94 -1.27
C SER B 677 10.94 -18.54 0.13
N GLU B 678 9.81 -19.11 0.53
CA GLU B 678 9.77 -19.96 1.73
C GLU B 678 9.88 -21.45 1.42
N GLY B 679 10.14 -21.82 0.17
CA GLY B 679 10.47 -23.21 -0.11
C GLY B 679 9.32 -24.13 -0.40
N SER B 680 8.15 -23.63 -0.70
CA SER B 680 7.05 -24.55 -0.85
C SER B 680 7.12 -25.22 -2.22
N PRO B 681 6.88 -26.53 -2.30
CA PRO B 681 6.74 -27.17 -3.62
C PRO B 681 5.62 -26.60 -4.49
N TRP B 682 4.63 -25.92 -3.91
CA TRP B 682 3.49 -25.47 -4.69
C TRP B 682 3.68 -24.11 -5.33
N HIS B 683 4.67 -23.33 -4.88
CA HIS B 683 4.85 -21.96 -5.36
C HIS B 683 6.32 -21.78 -5.78
N VAL B 684 6.81 -20.55 -5.77
CA VAL B 684 8.18 -20.32 -6.25
C VAL B 684 9.16 -20.89 -5.23
N ASN B 685 9.99 -21.83 -5.67
CA ASN B 685 11.02 -22.33 -4.78
C ASN B 685 12.41 -22.40 -5.44
N THR B 686 12.58 -21.80 -6.62
CA THR B 686 13.86 -21.68 -7.31
C THR B 686 14.11 -20.21 -7.62
N LEU B 687 15.29 -19.71 -7.20
CA LEU B 687 15.67 -18.31 -7.28
C LEU B 687 17.02 -18.15 -7.98
N PRO B 688 17.14 -17.27 -8.95
CA PRO B 688 18.45 -17.02 -9.56
C PRO B 688 19.27 -16.03 -8.75
N LEU B 689 20.56 -16.28 -8.69
CA LEU B 689 21.50 -15.35 -8.06
C LEU B 689 22.52 -15.01 -9.15
N VAL B 690 22.51 -13.77 -9.63
CA VAL B 690 23.12 -13.48 -10.92
C VAL B 690 24.43 -12.72 -10.81
N ASP B 691 24.94 -12.51 -9.59
CA ASP B 691 26.11 -11.64 -9.38
C ASP B 691 27.33 -12.13 -10.15
N PHE B 692 27.51 -13.43 -10.29
CA PHE B 692 28.76 -13.90 -10.89
C PHE B 692 28.69 -13.91 -12.41
N LEU B 693 27.60 -13.40 -13.02
CA LEU B 693 27.57 -13.16 -14.46
C LEU B 693 28.53 -12.04 -14.88
N GLU B 694 29.05 -11.26 -13.94
CA GLU B 694 30.16 -10.34 -14.21
C GLU B 694 31.46 -10.99 -13.83
N PRO B 695 32.40 -11.14 -14.80
CA PRO B 695 33.62 -11.92 -14.59
C PRO B 695 34.51 -11.45 -13.48
N ASP B 696 34.48 -10.18 -13.11
CA ASP B 696 35.36 -9.73 -12.07
C ASP B 696 34.67 -9.72 -10.71
N VAL B 697 33.49 -10.34 -10.57
CA VAL B 697 32.80 -10.32 -9.29
C VAL B 697 33.10 -11.61 -8.56
N ASN B 698 33.54 -11.48 -7.31
CA ASN B 698 33.89 -12.66 -6.53
C ASN B 698 33.12 -12.77 -5.23
N GLN B 699 32.05 -12.01 -5.06
CA GLN B 699 31.27 -12.14 -3.85
C GLN B 699 29.80 -11.97 -4.16
N ALA B 700 28.96 -12.66 -3.38
CA ALA B 700 27.52 -12.45 -3.46
C ALA B 700 26.94 -13.05 -2.19
N SER B 701 25.65 -12.80 -1.96
CA SER B 701 25.09 -13.30 -0.72
C SER B 701 23.57 -13.42 -0.80
N PHE B 702 23.02 -14.25 0.07
CA PHE B 702 21.58 -14.33 0.24
C PHE B 702 21.29 -14.37 1.73
N THR B 703 20.03 -14.14 2.10
CA THR B 703 19.67 -14.00 3.49
C THR B 703 18.62 -15.02 3.84
N ILE B 704 18.70 -15.53 5.06
CA ILE B 704 17.70 -16.42 5.63
C ILE B 704 17.13 -15.72 6.86
N SER B 705 15.78 -15.59 6.92
CA SER B 705 15.10 -14.76 7.92
C SER B 705 13.94 -15.48 8.60
N SER B 706 13.81 -15.22 9.91
CA SER B 706 12.70 -15.71 10.73
C SER B 706 11.37 -15.00 10.45
N VAL B 707 10.30 -15.79 10.35
CA VAL B 707 8.93 -15.26 10.36
C VAL B 707 8.18 -15.67 11.60
N SER B 708 8.75 -16.54 12.43
CA SER B 708 8.14 -16.99 13.66
C SER B 708 9.13 -16.82 14.80
N GLU B 709 8.64 -17.00 16.03
CA GLU B 709 9.50 -17.06 17.19
C GLU B 709 9.85 -18.49 17.58
N LYS B 710 9.75 -19.42 16.64
CA LYS B 710 10.14 -20.81 16.84
C LYS B 710 11.61 -21.00 16.45
N LYS B 711 12.27 -21.94 17.11
CA LYS B 711 13.59 -22.37 16.63
C LYS B 711 13.43 -22.98 15.25
N ALA B 712 14.21 -22.50 14.28
CA ALA B 712 14.12 -22.99 12.92
C ALA B 712 15.51 -23.31 12.40
N GLU B 713 15.73 -24.56 11.97
CA GLU B 713 17.04 -25.00 11.49
C GLU B 713 17.14 -24.98 9.97
N TYR B 714 18.32 -24.69 9.45
CA TYR B 714 18.50 -24.73 8.01
C TYR B 714 19.75 -25.53 7.65
N HIS B 715 19.74 -26.09 6.45
CA HIS B 715 20.87 -26.89 5.95
C HIS B 715 21.15 -26.45 4.54
N ILE B 716 22.40 -26.13 4.26
CA ILE B 716 22.79 -25.56 2.99
C ILE B 716 23.78 -26.49 2.34
N SER B 717 23.58 -26.78 1.05
CA SER B 717 24.56 -27.56 0.31
C SER B 717 24.61 -27.05 -1.12
N THR B 718 25.68 -27.39 -1.82
CA THR B 718 25.83 -27.03 -3.23
C THR B 718 26.22 -28.28 -4.02
N ASP B 719 25.93 -28.24 -5.32
CA ASP B 719 26.09 -29.41 -6.15
C ASP B 719 27.32 -29.32 -7.03
N GLN B 720 28.23 -28.40 -6.73
CA GLN B 720 29.43 -28.20 -7.55
C GLN B 720 30.62 -27.98 -6.63
N ASP B 721 31.71 -28.68 -6.96
CA ASP B 721 33.03 -28.48 -6.38
C ASP B 721 33.42 -27.02 -6.30
N TRP B 722 33.22 -26.27 -7.38
CA TRP B 722 33.66 -24.90 -7.38
C TRP B 722 32.73 -23.93 -6.64
N LEU B 723 31.56 -24.38 -6.15
CA LEU B 723 30.57 -23.47 -5.55
C LEU B 723 30.47 -23.72 -4.05
N SER B 724 30.59 -22.67 -3.24
CA SER B 724 30.55 -22.93 -1.79
C SER B 724 29.93 -21.75 -1.07
N CYS B 725 29.55 -22.01 0.19
CA CYS B 725 28.85 -21.04 1.05
C CYS B 725 29.58 -20.86 2.35
N SER B 726 29.28 -19.78 3.04
CA SER B 726 29.93 -19.55 4.34
C SER B 726 29.33 -20.42 5.46
N ALA B 727 28.26 -21.16 5.19
CA ALA B 727 27.62 -21.95 6.22
C ALA B 727 27.05 -23.23 5.62
N ALA B 728 26.95 -24.25 6.44
CA ALA B 728 26.29 -25.47 6.04
C ALA B 728 25.04 -25.75 6.87
N ASN B 729 25.09 -25.50 8.16
CA ASN B 729 23.94 -25.74 9.01
C ASN B 729 23.84 -24.55 9.95
N GLY B 730 22.63 -24.25 10.38
CA GLY B 730 22.46 -23.16 11.31
C GLY B 730 21.07 -23.22 11.91
N VAL B 731 20.81 -22.29 12.82
CA VAL B 731 19.51 -22.26 13.48
C VAL B 731 19.17 -20.80 13.75
N LEU B 732 17.90 -20.46 13.59
CA LEU B 732 17.42 -19.14 13.93
C LEU B 732 16.25 -19.32 14.90
N ASP B 733 15.98 -18.33 15.72
CA ASP B 733 14.94 -18.54 16.73
C ASP B 733 13.91 -17.43 16.81
N GLY B 734 13.96 -16.44 15.94
CA GLY B 734 12.95 -15.39 16.03
C GLY B 734 13.01 -14.52 17.26
N LYS B 735 13.95 -14.76 18.18
CA LYS B 735 14.08 -13.93 19.37
C LYS B 735 15.41 -13.18 19.37
N ASN B 736 16.53 -13.86 19.63
CA ASN B 736 17.83 -13.21 19.60
C ASN B 736 18.45 -13.22 18.21
N LYS B 737 18.31 -14.33 17.46
CA LYS B 737 18.85 -14.47 16.11
C LYS B 737 17.69 -14.52 15.12
N LEU B 738 17.55 -13.48 14.34
CA LEU B 738 16.41 -13.28 13.47
C LEU B 738 16.74 -13.54 12.00
N SER B 739 18.00 -13.34 11.61
CA SER B 739 18.35 -13.53 10.22
C SER B 739 19.83 -13.90 10.17
N GLU B 740 20.22 -14.52 9.05
CA GLU B 740 21.61 -14.86 8.79
C GLU B 740 21.91 -14.55 7.34
N THR B 741 23.03 -13.89 7.07
CA THR B 741 23.48 -13.64 5.70
C THR B 741 24.51 -14.71 5.31
N ILE B 742 24.24 -15.41 4.21
CA ILE B 742 25.11 -16.47 3.73
C ILE B 742 25.93 -15.90 2.57
N HIS B 743 27.25 -15.98 2.66
CA HIS B 743 28.08 -15.54 1.56
C HIS B 743 28.33 -16.71 0.63
N VAL B 744 28.33 -16.43 -0.67
CA VAL B 744 28.50 -17.44 -1.71
C VAL B 744 29.87 -17.23 -2.35
N PHE B 745 30.61 -18.33 -2.58
CA PHE B 745 31.95 -18.26 -3.16
C PHE B 745 32.05 -19.11 -4.41
N VAL B 746 32.70 -18.56 -5.43
CA VAL B 746 32.91 -19.24 -6.71
C VAL B 746 34.42 -19.36 -6.92
N ASP B 747 34.91 -20.59 -7.08
CA ASP B 747 36.31 -20.80 -7.40
C ASP B 747 36.48 -20.65 -8.91
N ARG B 748 36.93 -19.48 -9.34
CA ARG B 748 37.10 -19.21 -10.77
C ARG B 748 38.39 -19.79 -11.36
N ASP B 749 39.27 -20.36 -10.55
CA ASP B 749 40.50 -20.89 -11.12
C ASP B 749 40.22 -22.17 -11.89
N GLY B 750 40.46 -22.16 -13.20
CA GLY B 750 40.21 -23.38 -13.97
C GLY B 750 38.75 -23.58 -14.37
N LEU B 751 37.91 -22.59 -14.15
CA LEU B 751 36.48 -22.70 -14.45
C LEU B 751 36.20 -22.24 -15.88
N ALA B 752 35.41 -23.03 -16.61
CA ALA B 752 35.00 -22.76 -17.99
C ALA B 752 34.37 -21.38 -18.15
N ASP B 753 34.36 -20.87 -19.41
CA ASP B 753 33.85 -19.50 -19.62
C ASP B 753 32.40 -19.33 -19.13
N GLN B 754 31.59 -20.38 -19.20
CA GLN B 754 30.24 -20.33 -18.62
C GLN B 754 29.98 -21.62 -17.85
N ALA B 755 29.39 -21.52 -16.66
CA ALA B 755 29.10 -22.70 -15.87
C ALA B 755 27.88 -22.38 -15.04
N GLU B 756 27.23 -23.42 -14.50
CA GLU B 756 26.07 -23.12 -13.64
C GLU B 756 26.04 -24.06 -12.45
N GLY B 757 25.82 -23.53 -11.25
CA GLY B 757 25.75 -24.37 -10.07
C GLY B 757 24.45 -24.14 -9.33
N ARG B 758 24.16 -25.00 -8.37
CA ARG B 758 22.92 -24.85 -7.59
C ARG B 758 23.21 -24.99 -6.10
N ILE B 759 22.64 -24.10 -5.32
CA ILE B 759 22.67 -24.16 -3.86
C ILE B 759 21.29 -24.61 -3.42
N THR B 760 21.24 -25.55 -2.49
CA THR B 760 19.99 -26.01 -1.89
C THR B 760 19.96 -25.58 -0.43
N VAL B 761 18.86 -24.94 -0.03
CA VAL B 761 18.64 -24.50 1.33
C VAL B 761 17.40 -25.23 1.83
N LYS B 762 17.60 -26.10 2.81
CA LYS B 762 16.51 -26.86 3.40
C LYS B 762 16.08 -26.16 4.67
N THR B 763 14.75 -25.94 4.79
CA THR B 763 14.19 -25.27 5.95
C THR B 763 13.22 -26.25 6.63
N PRO B 764 12.67 -25.94 7.80
CA PRO B 764 11.74 -26.90 8.44
C PRO B 764 10.53 -27.23 7.58
N VAL B 765 10.13 -26.34 6.66
CA VAL B 765 8.90 -26.55 5.90
C VAL B 765 9.13 -26.68 4.41
N GLY B 766 10.34 -26.55 3.90
CA GLY B 766 10.52 -26.80 2.49
C GLY B 766 11.94 -26.75 2.04
N LYS B 767 12.13 -26.38 0.77
CA LYS B 767 13.47 -26.36 0.18
C LYS B 767 13.54 -25.30 -0.91
N VAL B 768 14.58 -24.50 -0.90
CA VAL B 768 14.74 -23.42 -1.87
C VAL B 768 16.01 -23.76 -2.66
N THR B 769 15.93 -23.67 -3.98
CA THR B 769 17.09 -23.86 -4.86
C THR B 769 17.52 -22.51 -5.38
N ILE B 770 18.79 -22.16 -5.18
CA ILE B 770 19.35 -20.92 -5.71
C ILE B 770 20.24 -21.30 -6.89
N VAL B 771 19.92 -20.81 -8.08
CA VAL B 771 20.67 -21.16 -9.28
C VAL B 771 21.75 -20.11 -9.47
N VAL B 772 22.99 -20.56 -9.71
CA VAL B 772 24.10 -19.60 -9.71
C VAL B 772 24.80 -19.70 -11.06
N PRO B 773 24.41 -18.90 -12.05
CA PRO B 773 25.14 -18.92 -13.34
C PRO B 773 26.39 -18.05 -13.24
N VAL B 774 27.46 -18.49 -13.94
CA VAL B 774 28.75 -17.83 -13.83
C VAL B 774 29.25 -17.51 -15.22
N VAL B 775 29.80 -16.32 -15.40
CA VAL B 775 30.59 -16.02 -16.59
C VAL B 775 32.03 -15.82 -16.13
N ASN B 776 32.96 -16.53 -16.79
CA ASN B 776 34.35 -16.49 -16.39
C ASN B 776 35.24 -16.09 -17.56
N ASN B 777 34.66 -15.67 -18.67
CA ASN B 777 35.38 -15.11 -19.79
C ASN B 777 35.95 -13.74 -19.42
N ASP B 778 37.24 -13.55 -19.63
CA ASP B 778 37.87 -12.24 -19.44
C ASP B 778 37.25 -11.17 -20.34
N PHE B 779 37.08 -11.50 -21.62
CA PHE B 779 36.75 -10.58 -22.72
C PHE B 779 37.93 -9.69 -23.10
N THR B 780 39.15 -10.16 -22.79
CA THR B 780 40.39 -9.56 -23.30
C THR B 780 40.34 -9.27 -24.79
N ASN B 781 39.63 -10.10 -25.57
CA ASN B 781 39.58 -9.93 -27.01
C ASN B 781 39.01 -8.57 -27.43
N TYR B 782 38.25 -7.89 -26.56
CA TYR B 782 37.71 -6.58 -26.86
C TYR B 782 38.58 -5.48 -26.24
N PRO B 783 38.53 -4.28 -26.82
CA PRO B 783 39.29 -3.15 -26.28
C PRO B 783 38.81 -2.72 -24.89
N ASP B 784 39.71 -2.07 -24.15
CA ASP B 784 39.33 -1.48 -22.88
C ASP B 784 38.14 -0.54 -23.09
N MET B 785 37.30 -0.46 -22.05
CA MET B 785 36.06 0.32 -22.02
C MET B 785 34.94 -0.32 -22.81
N THR B 786 35.05 -1.57 -23.21
CA THR B 786 33.93 -2.26 -23.85
C THR B 786 33.01 -2.85 -22.80
N PHE B 787 31.74 -2.43 -22.82
CA PHE B 787 30.71 -2.99 -21.95
C PHE B 787 30.17 -4.28 -22.59
N VAL B 788 30.04 -5.33 -21.78
CA VAL B 788 29.59 -6.64 -22.30
C VAL B 788 28.28 -6.96 -21.58
N ASP B 789 27.23 -7.21 -22.36
CA ASP B 789 25.94 -7.62 -21.83
C ASP B 789 26.03 -9.07 -21.37
N THR B 790 26.05 -9.30 -20.07
CA THR B 790 25.91 -10.66 -19.55
C THR B 790 24.66 -10.84 -18.71
N LYS B 791 24.05 -9.76 -18.24
CA LYS B 791 22.88 -9.83 -17.37
C LYS B 791 21.58 -9.51 -18.09
N GLY B 792 21.61 -9.21 -19.38
CA GLY B 792 20.41 -8.85 -20.09
C GLY B 792 20.22 -7.36 -20.25
N TYR B 793 21.12 -6.55 -19.71
CA TYR B 793 21.00 -5.10 -19.90
C TYR B 793 22.40 -4.58 -19.70
N ILE B 794 22.65 -3.37 -20.18
CA ILE B 794 23.93 -2.70 -19.98
C ILE B 794 23.63 -1.36 -19.34
N SER B 795 24.43 -1.01 -18.33
CA SER B 795 24.35 0.28 -17.64
C SER B 795 25.74 0.90 -17.61
N ILE B 796 25.84 2.12 -18.14
CA ILE B 796 27.09 2.84 -18.39
C ILE B 796 27.03 4.18 -17.66
N GLU B 797 27.95 4.42 -16.74
CA GLU B 797 28.15 5.79 -16.31
C GLU B 797 28.75 6.57 -17.47
N ALA B 798 28.25 7.80 -17.65
CA ALA B 798 28.49 8.53 -18.88
C ALA B 798 29.96 8.88 -19.08
N GLU B 799 30.75 8.98 -18.00
CA GLU B 799 32.16 9.26 -18.22
C GLU B 799 32.92 8.05 -18.75
N HIS B 800 32.31 6.86 -18.80
CA HIS B 800 33.06 5.69 -19.29
C HIS B 800 32.92 5.48 -20.79
N PHE B 801 33.06 6.57 -21.55
CA PHE B 801 33.12 6.43 -22.99
C PHE B 801 34.47 5.83 -23.37
N ALA B 802 34.52 5.21 -24.55
CA ALA B 802 35.79 4.65 -25.00
C ALA B 802 36.62 5.68 -25.72
N THR B 803 35.99 6.59 -26.44
CA THR B 803 36.74 7.59 -27.20
C THR B 803 35.86 8.83 -27.32
N GLN B 804 36.47 9.94 -27.75
CA GLN B 804 35.74 11.20 -27.90
C GLN B 804 36.45 12.00 -28.98
N LYS B 805 35.69 12.88 -29.64
CA LYS B 805 36.25 13.65 -30.74
C LYS B 805 35.87 15.09 -30.52
N ALA B 806 36.88 15.94 -30.43
CA ALA B 806 36.66 17.37 -30.34
C ALA B 806 36.61 17.92 -31.75
N THR B 807 36.05 19.11 -31.90
CA THR B 807 36.16 19.81 -33.16
C THR B 807 36.87 21.13 -32.89
N GLU B 808 37.37 21.75 -33.94
CA GLU B 808 38.20 22.94 -33.82
C GLU B 808 37.51 24.14 -34.45
N ASN B 809 37.52 25.25 -33.76
CA ASN B 809 37.03 26.50 -34.32
C ASN B 809 38.14 27.21 -35.09
N LEU B 810 37.77 28.21 -35.88
CA LEU B 810 38.76 28.86 -36.72
C LEU B 810 39.85 29.53 -35.88
N ASP B 811 39.48 30.10 -34.74
CA ASP B 811 40.44 30.73 -33.85
C ASP B 811 41.26 29.72 -33.01
N GLY B 812 41.20 28.43 -33.31
CA GLY B 812 42.01 27.48 -32.59
C GLY B 812 41.41 26.91 -31.33
N THR B 813 40.25 27.39 -30.88
CA THR B 813 39.60 26.81 -29.71
C THR B 813 38.90 25.50 -30.06
N LEU B 814 38.62 24.69 -29.04
CA LEU B 814 38.07 23.35 -29.21
C LEU B 814 36.67 23.29 -28.60
N ASN B 815 35.78 22.57 -29.30
CA ASN B 815 34.48 22.12 -28.79
C ASN B 815 34.58 20.66 -28.40
N ARG B 816 34.20 20.34 -27.18
CA ARG B 816 34.47 19.01 -26.67
C ARG B 816 33.56 18.71 -25.49
N PHE B 817 33.31 17.43 -25.28
CA PHE B 817 32.70 16.99 -24.03
C PHE B 817 33.72 17.05 -22.90
N GLU B 818 33.26 17.44 -21.72
CA GLU B 818 34.06 17.37 -20.53
C GLU B 818 33.34 16.56 -19.46
N VAL B 819 34.10 15.92 -18.59
CA VAL B 819 33.55 15.25 -17.43
C VAL B 819 33.46 16.26 -16.29
N LEU B 820 32.27 16.39 -15.70
CA LEU B 820 32.05 17.19 -14.50
C LEU B 820 32.10 16.23 -13.32
N ASP B 821 33.21 16.27 -12.56
CA ASP B 821 33.40 15.32 -11.46
C ASP B 821 32.32 15.53 -10.41
N GLY B 822 31.82 14.43 -9.84
CA GLY B 822 30.80 14.53 -8.78
C GLY B 822 29.44 15.03 -9.21
N TYR B 823 29.26 15.38 -10.47
CA TYR B 823 27.99 15.96 -10.87
C TYR B 823 26.86 14.93 -10.84
N GLY B 824 25.65 15.38 -10.51
CA GLY B 824 24.45 14.61 -10.74
C GLY B 824 24.17 13.65 -9.61
N LYS B 825 23.33 12.65 -9.92
CA LYS B 825 22.83 11.74 -8.91
C LYS B 825 23.82 10.64 -8.57
N THR B 826 24.67 10.23 -9.54
CA THR B 826 25.56 9.10 -9.32
C THR B 826 27.00 9.58 -9.55
N LEU B 827 27.74 8.93 -10.44
CA LEU B 827 29.19 9.15 -10.47
C LEU B 827 29.52 10.57 -10.95
N SER B 828 29.03 10.98 -12.12
CA SER B 828 29.46 12.24 -12.73
C SER B 828 28.59 12.46 -13.94
N ALA B 829 28.90 13.48 -14.73
CA ALA B 829 28.12 13.74 -15.93
C ALA B 829 29.06 14.29 -16.99
N ILE B 830 28.63 14.23 -18.25
CA ILE B 830 29.38 14.87 -19.33
C ILE B 830 28.53 15.96 -19.97
N LYS B 831 29.20 16.99 -20.48
CA LYS B 831 28.55 18.15 -21.07
C LYS B 831 29.52 18.76 -22.06
N ALA B 832 29.01 19.30 -23.18
CA ALA B 832 29.87 19.88 -24.19
C ALA B 832 30.20 21.34 -23.85
N PHE B 833 31.44 21.72 -24.07
CA PHE B 833 31.94 23.07 -23.87
C PHE B 833 32.56 23.55 -25.19
N PRO B 834 32.32 24.80 -25.60
CA PRO B 834 31.58 25.81 -24.85
C PRO B 834 30.05 25.54 -24.82
N THR B 835 29.38 26.11 -23.82
CA THR B 835 28.01 25.72 -23.49
C THR B 835 26.96 26.47 -24.26
N ASP B 836 27.31 27.52 -24.99
CA ASP B 836 26.30 28.36 -25.60
C ASP B 836 26.19 28.14 -27.09
N THR B 837 26.93 27.17 -27.66
CA THR B 837 26.81 26.88 -29.07
C THR B 837 25.66 25.92 -29.36
N HIS B 838 24.92 26.20 -30.42
CA HIS B 838 24.00 25.23 -30.99
C HIS B 838 24.83 24.48 -32.03
N TYR B 839 25.22 23.26 -31.72
CA TYR B 839 26.14 22.56 -32.61
C TYR B 839 25.35 21.92 -33.73
N GLN B 840 26.03 21.63 -34.84
CA GLN B 840 25.44 20.91 -35.96
C GLN B 840 26.28 19.66 -36.25
N VAL B 841 25.61 18.50 -36.32
CA VAL B 841 26.30 17.26 -36.64
C VAL B 841 26.91 17.35 -38.01
N GLY B 842 28.16 16.89 -38.13
CA GLY B 842 28.89 16.99 -39.38
C GLY B 842 29.64 18.30 -39.59
N LYS B 843 29.34 19.33 -38.78
CA LYS B 843 30.05 20.61 -38.88
C LYS B 843 30.96 20.79 -37.67
N ASP B 844 30.41 21.08 -36.50
CA ASP B 844 31.22 21.40 -35.34
C ASP B 844 30.86 20.59 -34.11
N ALA B 845 29.87 19.70 -34.19
CA ALA B 845 29.36 19.01 -33.00
C ALA B 845 30.40 18.01 -32.51
N PRO B 846 30.83 18.07 -31.26
CA PRO B 846 31.72 17.04 -30.73
C PRO B 846 30.92 15.80 -30.34
N PHE B 847 31.60 14.65 -30.22
CA PHE B 847 30.94 13.45 -29.75
C PHE B 847 31.79 12.67 -28.74
N VAL B 848 31.11 11.84 -27.96
CA VAL B 848 31.74 10.76 -27.20
C VAL B 848 31.23 9.46 -27.80
N GLU B 849 31.97 8.37 -27.59
CA GLU B 849 31.64 7.10 -28.23
C GLU B 849 31.77 5.96 -27.22
N TYR B 850 30.72 5.14 -27.13
CA TYR B 850 30.65 4.00 -26.23
C TYR B 850 30.71 2.73 -27.06
N HIS B 851 31.40 1.72 -26.52
CA HIS B 851 31.50 0.40 -27.14
C HIS B 851 30.77 -0.61 -26.25
N PHE B 852 29.95 -1.45 -26.88
CA PHE B 852 29.21 -2.42 -26.09
C PHE B 852 28.92 -3.64 -26.96
N VAL B 853 28.82 -4.78 -26.29
CA VAL B 853 28.69 -6.09 -26.94
C VAL B 853 27.33 -6.64 -26.55
N THR B 854 26.50 -6.90 -27.54
CA THR B 854 25.17 -7.44 -27.30
C THR B 854 25.19 -8.95 -27.50
N GLN B 855 24.29 -9.58 -26.77
CA GLN B 855 24.08 -11.06 -27.00
CA GLN B 855 24.03 -11.03 -26.96
C GLN B 855 23.43 -11.51 -28.39
N GLU B 856 22.60 -10.57 -28.88
CA GLU B 856 21.93 -10.88 -30.13
C GLU B 856 21.55 -9.58 -30.83
N ALA B 857 21.47 -9.66 -32.16
CA ALA B 857 21.03 -8.51 -32.94
C ALA B 857 19.56 -8.24 -32.66
N GLY B 858 19.16 -6.99 -32.78
CA GLY B 858 17.75 -6.66 -32.76
C GLY B 858 17.54 -5.25 -32.27
N VAL B 859 16.32 -5.00 -31.81
CA VAL B 859 15.93 -3.66 -31.38
C VAL B 859 16.17 -3.55 -29.89
N TYR B 860 16.92 -2.51 -29.51
CA TYR B 860 17.19 -2.24 -28.11
C TYR B 860 16.64 -0.86 -27.77
N GLU B 861 16.22 -0.72 -26.52
CA GLU B 861 15.90 0.58 -25.94
C GLU B 861 17.19 1.22 -25.48
N LEU B 862 17.39 2.49 -25.86
CA LEU B 862 18.50 3.30 -25.39
C LEU B 862 17.91 4.37 -24.46
N GLU B 863 18.28 4.33 -23.20
CA GLU B 863 17.69 5.22 -22.22
C GLU B 863 18.75 6.15 -21.65
N PHE B 864 18.47 7.46 -21.64
CA PHE B 864 19.39 8.43 -21.09
C PHE B 864 18.89 8.89 -19.73
N TYR B 865 19.80 9.01 -18.78
CA TYR B 865 19.57 9.67 -17.52
C TYR B 865 20.26 11.03 -17.63
N LEU B 866 19.48 12.11 -17.55
CA LEU B 866 19.96 13.45 -17.84
C LEU B 866 19.67 14.38 -16.68
N GLN B 867 20.55 15.34 -16.46
CA GLN B 867 20.20 16.42 -15.54
C GLN B 867 18.96 17.15 -16.07
N PRO B 868 17.99 17.47 -15.20
CA PRO B 868 16.71 18.05 -15.69
C PRO B 868 16.81 19.53 -16.05
N SER B 869 17.53 19.82 -17.13
CA SER B 869 17.68 21.21 -17.53
C SER B 869 16.52 21.62 -18.42
N ASN B 870 16.28 22.96 -18.51
CA ASN B 870 15.24 23.45 -19.37
C ASN B 870 15.85 24.00 -20.64
N PRO B 871 15.11 24.02 -21.76
CA PRO B 871 15.66 24.61 -22.97
C PRO B 871 16.07 26.05 -22.73
N VAL B 872 17.13 26.45 -23.45
CA VAL B 872 17.65 27.81 -23.39
C VAL B 872 16.99 28.74 -24.38
N THR B 873 16.18 28.22 -25.33
CA THR B 873 15.42 29.09 -26.23
C THR B 873 13.92 29.00 -25.93
N ARG B 874 13.14 29.87 -26.59
CA ARG B 874 11.70 29.86 -26.41
C ARG B 874 11.03 28.65 -27.05
N GLU B 875 11.77 27.88 -27.85
CA GLU B 875 11.20 26.78 -28.61
C GLU B 875 10.86 25.55 -27.80
N GLY B 876 11.36 25.39 -26.57
CA GLY B 876 10.87 24.28 -25.78
C GLY B 876 11.39 22.92 -26.19
N THR B 877 12.49 22.89 -26.94
CA THR B 877 13.09 21.66 -27.43
C THR B 877 14.54 21.56 -26.96
N MET B 878 15.07 20.35 -26.96
CA MET B 878 16.47 20.13 -26.63
C MET B 878 16.91 18.87 -27.37
N TYR B 879 17.91 19.01 -28.24
CA TYR B 879 18.30 17.94 -29.14
C TYR B 879 19.65 17.35 -28.77
N ALA B 880 19.84 16.07 -29.12
CA ALA B 880 21.15 15.45 -29.08
C ALA B 880 21.21 14.52 -30.28
N GLY B 881 22.43 14.20 -30.73
CA GLY B 881 22.60 13.29 -31.85
C GLY B 881 22.99 11.91 -31.37
N ILE B 882 22.41 10.89 -31.97
CA ILE B 882 22.88 9.54 -31.69
C ILE B 882 23.23 8.88 -33.00
N GLN B 883 24.31 8.12 -32.99
CA GLN B 883 24.72 7.39 -34.17
C GLN B 883 25.18 6.02 -33.73
N VAL B 884 24.62 4.99 -34.34
CA VAL B 884 24.90 3.58 -34.02
C VAL B 884 25.63 2.98 -35.21
N ASN B 885 26.83 2.47 -34.98
CA ASN B 885 27.61 1.76 -36.00
C ASN B 885 27.72 2.55 -37.30
N GLU B 886 28.02 3.85 -37.19
CA GLU B 886 28.30 4.71 -38.35
C GLU B 886 27.17 4.72 -39.40
N ASN B 887 25.97 4.30 -39.01
CA ASN B 887 24.74 4.56 -39.78
C ASN B 887 24.38 6.05 -39.70
N ASP B 888 23.15 6.39 -40.14
CA ASP B 888 22.67 7.77 -40.15
C ASP B 888 22.56 8.33 -38.74
N VAL B 889 23.08 9.55 -38.54
CA VAL B 889 22.86 10.24 -37.29
C VAL B 889 21.40 10.62 -37.17
N ASP B 890 20.80 10.31 -36.02
CA ASP B 890 19.44 10.78 -35.75
C ASP B 890 19.47 11.80 -34.64
N VAL B 891 18.97 12.99 -34.93
CA VAL B 891 18.86 14.06 -33.94
C VAL B 891 17.53 13.90 -33.22
N ILE B 892 17.58 13.59 -31.92
CA ILE B 892 16.39 13.26 -31.15
C ILE B 892 16.10 14.36 -30.14
N ASN B 893 14.81 14.56 -29.86
CA ASN B 893 14.34 15.45 -28.83
C ASN B 893 14.38 14.72 -27.50
N VAL B 894 15.16 15.21 -26.54
CA VAL B 894 15.24 14.48 -25.28
C VAL B 894 14.20 14.95 -24.27
N LEU B 895 13.26 15.76 -24.71
CA LEU B 895 12.21 16.24 -23.80
C LEU B 895 10.87 15.59 -24.12
N PRO B 896 10.00 15.38 -23.13
CA PRO B 896 8.63 14.92 -23.41
C PRO B 896 7.85 15.88 -24.29
N ASP B 897 6.83 15.33 -24.93
CA ASP B 897 5.83 16.10 -25.69
C ASP B 897 5.18 17.19 -24.83
N GLY B 898 5.13 18.42 -25.36
CA GLY B 898 4.54 19.55 -24.66
C GLY B 898 5.24 19.94 -23.37
N TYR B 899 6.52 19.61 -23.23
CA TYR B 899 7.24 19.95 -22.02
C TYR B 899 7.19 21.46 -21.77
N HIS B 900 7.05 21.84 -20.50
CA HIS B 900 7.15 23.25 -20.15
C HIS B 900 7.37 23.35 -18.66
N VAL B 901 8.14 24.35 -18.24
CA VAL B 901 8.31 24.60 -16.81
C VAL B 901 6.91 24.78 -16.17
N ASP B 902 6.72 24.19 -15.00
CA ASP B 902 5.47 24.07 -14.25
C ASP B 902 4.54 23.00 -14.82
N GLY B 903 4.92 22.29 -15.89
CA GLY B 903 4.08 21.22 -16.38
C GLY B 903 4.23 19.95 -15.55
N PRO B 904 3.46 18.93 -15.92
CA PRO B 904 3.49 17.67 -15.15
C PRO B 904 4.82 16.92 -15.24
N HIS B 905 5.42 16.81 -16.42
CA HIS B 905 6.71 16.11 -16.49
C HIS B 905 7.80 16.92 -15.83
N TRP B 906 7.81 18.24 -16.07
CA TRP B 906 8.77 19.09 -15.37
C TRP B 906 8.72 18.84 -13.86
N GLY B 907 7.50 18.78 -13.30
CA GLY B 907 7.38 18.66 -11.85
C GLY B 907 7.89 17.36 -11.29
N ILE B 908 7.59 16.24 -11.97
CA ILE B 908 8.18 14.95 -11.59
C ILE B 908 9.70 15.01 -11.66
N ASP B 909 10.22 15.47 -12.80
CA ASP B 909 11.68 15.45 -12.99
C ASP B 909 12.39 16.33 -11.99
N VAL B 910 11.78 17.47 -11.62
CA VAL B 910 12.55 18.37 -10.79
C VAL B 910 12.68 17.77 -9.39
N ILE B 911 11.67 17.06 -8.91
CA ILE B 911 11.78 16.48 -7.57
C ILE B 911 12.67 15.23 -7.58
N ASN B 912 12.65 14.45 -8.65
CA ASN B 912 13.61 13.35 -8.80
C ASN B 912 15.03 13.81 -9.11
N ASN B 913 15.20 15.07 -9.50
CA ASN B 913 16.49 15.63 -9.92
C ASN B 913 17.13 14.82 -11.06
N ILE B 914 16.28 14.29 -11.95
CA ILE B 914 16.78 13.55 -13.10
C ILE B 914 15.67 13.55 -14.15
N ARG B 915 16.06 13.54 -15.40
CA ARG B 915 15.11 13.31 -16.49
C ARG B 915 15.56 12.05 -17.23
N THR B 916 14.63 11.15 -17.54
CA THR B 916 14.98 10.01 -18.38
C THR B 916 14.28 10.14 -19.72
N THR B 917 14.94 9.72 -20.78
CA THR B 917 14.35 9.70 -22.11
C THR B 917 14.80 8.38 -22.77
N LYS B 918 13.92 7.80 -23.60
CA LYS B 918 14.15 6.50 -24.23
C LYS B 918 13.97 6.61 -25.74
N THR B 919 14.81 5.93 -26.51
CA THR B 919 14.68 5.83 -27.96
C THR B 919 15.09 4.42 -28.38
N LYS B 920 14.61 3.98 -29.53
CA LYS B 920 14.91 2.63 -30.00
C LYS B 920 16.05 2.71 -30.99
N ILE B 921 16.99 1.76 -30.88
CA ILE B 921 18.12 1.68 -31.78
C ILE B 921 18.22 0.24 -32.24
N THR B 922 18.86 0.03 -33.38
CA THR B 922 19.04 -1.32 -33.91
C THR B 922 20.51 -1.71 -33.73
N CYS B 923 20.75 -2.85 -33.08
CA CYS B 923 22.10 -3.30 -32.76
C CYS B 923 22.46 -4.55 -33.57
N GLU B 924 23.72 -4.62 -33.97
CA GLU B 924 24.26 -5.87 -34.49
C GLU B 924 24.54 -6.80 -33.32
N GLN B 925 24.70 -8.08 -33.62
CA GLN B 925 25.20 -9.00 -32.62
C GLN B 925 26.68 -8.75 -32.38
N GLY B 926 27.11 -8.80 -31.13
CA GLY B 926 28.52 -8.60 -30.89
C GLY B 926 28.86 -7.12 -30.69
N LEU B 927 30.03 -6.69 -31.18
CA LEU B 927 30.54 -5.35 -30.86
C LEU B 927 29.73 -4.25 -31.55
N ASN B 928 29.29 -3.24 -30.79
CA ASN B 928 28.56 -2.12 -31.37
C ASN B 928 29.22 -0.82 -30.91
N LYS B 929 29.10 0.22 -31.72
CA LYS B 929 29.60 1.55 -31.37
C LYS B 929 28.45 2.54 -31.34
N LEU B 930 28.34 3.31 -30.25
CA LEU B 930 27.31 4.34 -30.13
C LEU B 930 27.99 5.69 -29.96
N ARG B 931 27.72 6.62 -30.86
CA ARG B 931 28.18 8.00 -30.67
C ARG B 931 27.03 8.86 -30.19
N ILE B 932 27.34 9.77 -29.27
CA ILE B 932 26.41 10.81 -28.83
C ILE B 932 27.05 12.15 -29.13
N TYR B 933 26.37 12.94 -29.95
CA TYR B 933 26.79 14.27 -30.38
C TYR B 933 26.04 15.32 -29.58
N ALA B 934 26.76 16.34 -29.11
CA ALA B 934 26.07 17.51 -28.58
C ALA B 934 25.41 18.29 -29.71
N VAL B 935 24.20 18.78 -29.48
CA VAL B 935 23.53 19.63 -30.45
C VAL B 935 23.03 20.89 -29.74
N SER B 936 21.96 20.74 -28.93
CA SER B 936 21.43 21.86 -28.14
C SER B 936 22.26 22.10 -26.88
N PRO B 937 22.33 23.35 -26.41
CA PRO B 937 22.80 23.62 -25.04
C PRO B 937 21.92 22.97 -23.98
N GLY B 938 22.47 22.79 -22.78
CA GLY B 938 21.74 22.25 -21.65
C GLY B 938 21.79 20.73 -21.45
N PHE B 939 22.51 20.00 -22.31
CA PHE B 939 22.49 18.54 -22.31
C PHE B 939 23.59 18.03 -21.39
N ALA B 940 23.22 17.47 -20.26
CA ALA B 940 24.18 16.95 -19.29
C ALA B 940 23.82 15.51 -19.03
N LEU B 941 24.61 14.59 -19.57
CA LEU B 941 24.29 13.17 -19.57
C LEU B 941 25.01 12.50 -18.40
N GLU B 942 24.27 11.74 -17.58
CA GLU B 942 24.86 11.06 -16.43
C GLU B 942 24.99 9.56 -16.59
N LYS B 943 24.07 8.92 -17.30
CA LYS B 943 24.01 7.46 -17.35
C LYS B 943 23.26 7.06 -18.61
N ILE B 944 23.62 5.90 -19.16
CA ILE B 944 22.98 5.31 -20.32
C ILE B 944 22.66 3.86 -20.00
N VAL B 945 21.44 3.43 -20.26
CA VAL B 945 21.02 2.07 -19.98
C VAL B 945 20.51 1.53 -21.31
N ILE B 946 20.96 0.32 -21.66
CA ILE B 946 20.59 -0.32 -22.92
C ILE B 946 20.02 -1.70 -22.60
N TYR B 947 18.83 -2.01 -23.12
CA TYR B 947 18.22 -3.31 -22.85
C TYR B 947 17.35 -3.72 -24.04
N PRO B 948 17.08 -5.03 -24.20
CA PRO B 948 16.30 -5.47 -25.37
C PRO B 948 14.91 -4.88 -25.34
N ASP B 949 14.39 -4.60 -26.54
CA ASP B 949 13.07 -4.00 -26.65
C ASP B 949 12.04 -4.86 -25.93
N GLY B 950 11.27 -4.24 -25.05
CA GLY B 950 10.20 -4.94 -24.34
C GLY B 950 10.57 -5.47 -22.97
N LYS B 951 11.85 -5.49 -22.62
CA LYS B 951 12.28 -5.97 -21.31
C LYS B 951 12.08 -4.91 -20.22
N LYS B 952 11.66 -5.33 -19.03
CA LYS B 952 11.44 -4.43 -17.92
C LYS B 952 12.45 -4.76 -16.84
N LEU B 953 13.19 -3.76 -16.39
CA LEU B 953 14.23 -3.93 -15.38
C LEU B 953 13.65 -3.66 -14.00
N ALA B 954 14.34 -4.14 -12.98
CA ALA B 954 13.89 -3.85 -11.62
C ALA B 954 13.86 -2.35 -11.37
N ASN B 955 12.82 -1.86 -10.71
CA ASN B 955 12.66 -0.43 -10.42
C ASN B 955 13.68 0.08 -9.42
N SER B 956 14.05 1.36 -9.58
CA SER B 956 14.94 1.95 -8.58
C SER B 956 14.93 3.48 -8.75
N TYR B 957 15.44 4.16 -7.73
CA TYR B 957 15.56 5.61 -7.83
C TYR B 957 16.73 6.04 -8.71
N LEU B 958 17.89 5.38 -8.57
CA LEU B 958 19.10 5.81 -9.25
C LEU B 958 19.35 5.06 -10.56
N GLY B 959 18.49 4.12 -10.93
CA GLY B 959 18.71 3.29 -12.09
C GLY B 959 19.65 2.15 -11.77
N PRO B 960 19.77 1.16 -12.68
CA PRO B 960 20.65 0.01 -12.41
C PRO B 960 22.08 0.47 -12.26
N ASN B 961 22.81 -0.19 -11.38
CA ASN B 961 24.19 0.22 -11.25
C ASN B 961 25.00 -0.25 -12.47
N GLU B 962 26.13 0.42 -12.68
CA GLU B 962 26.95 0.19 -13.85
C GLU B 962 27.33 -1.30 -14.00
N THR B 963 27.28 -1.80 -15.23
CA THR B 963 27.59 -3.20 -15.49
C THR B 963 29.06 -3.35 -15.92
N TYR B 964 29.47 -4.58 -16.20
CA TYR B 964 30.87 -4.90 -16.45
C TYR B 964 31.38 -4.24 -17.73
N TYR B 965 32.59 -3.68 -17.67
CA TYR B 965 33.30 -3.30 -18.89
C TYR B 965 34.75 -3.78 -18.81
N VAL B 966 35.35 -3.99 -19.97
CA VAL B 966 36.68 -4.58 -20.02
C VAL B 966 37.69 -3.57 -19.47
N GLY B 967 38.48 -4.00 -18.49
CA GLY B 967 39.43 -3.15 -17.81
C GLY B 967 38.89 -2.50 -16.57
N ARG B 968 37.70 -2.89 -16.13
CA ARG B 968 37.03 -2.24 -15.00
C ARG B 968 37.89 -2.26 -13.73
CL CL C . -14.73 -16.78 -15.68
C1 GOL D . 1.13 -40.02 7.58
O1 GOL D . 1.55 -40.39 8.85
C2 GOL D . 1.75 -38.62 7.23
O2 GOL D . 1.97 -38.48 5.85
C3 GOL D . 0.73 -37.56 7.77
O3 GOL D . 1.20 -36.30 7.41
C1 GOL E . -36.80 -36.95 -11.36
O1 GOL E . -37.28 -36.33 -12.52
C2 GOL E . -36.15 -38.32 -11.77
O2 GOL E . -34.77 -38.42 -11.49
C3 GOL E . -37.05 -39.38 -11.04
O3 GOL E . -36.43 -40.63 -11.18
C1 GOL F . -6.54 30.74 -0.99
O1 GOL F . -6.16 30.46 -2.32
C2 GOL F . -5.25 30.67 -0.13
O2 GOL F . -4.22 31.32 -0.75
C3 GOL F . -5.61 31.31 1.25
O3 GOL F . -4.41 31.67 1.89
C1 GOL G . -35.98 -34.85 11.38
O1 GOL G . -36.60 -33.69 10.91
C2 GOL G . -35.34 -34.55 12.78
O2 GOL G . -34.23 -33.69 12.70
C3 GOL G . -34.99 -35.94 13.38
O3 GOL G . -34.12 -35.75 14.44
C1 GOL H . -13.17 5.73 12.16
O1 GOL H . -12.95 7.10 11.94
C2 GOL H . -13.95 5.58 13.51
O2 GOL H . -15.13 4.83 13.38
C3 GOL H . -12.92 4.98 14.53
O3 GOL H . -13.62 4.66 15.70
C1 GOL I . -19.23 1.17 -7.70
O1 GOL I . -18.65 -0.07 -7.42
C2 GOL I . -19.73 1.15 -9.19
O2 GOL I . -20.84 1.95 -9.36
C3 GOL I . -18.56 1.71 -10.04
O3 GOL I . -17.59 0.73 -10.11
C1 GOL J . -10.51 -33.89 -3.11
C1 GOL J . -10.80 -34.24 -3.51
O1 GOL J . -10.35 -35.26 -3.40
O1 GOL J . -10.22 -33.77 -2.31
C2 GOL J . -11.86 -33.37 -3.75
C2 GOL J . -12.06 -33.36 -3.84
O2 GOL J . -12.82 -34.35 -3.96
O2 GOL J . -13.19 -34.10 -4.21
C3 GOL J . -12.40 -32.36 -2.78
C3 GOL J . -12.36 -32.59 -2.61
O3 GOL J . -13.39 -31.74 -3.47
O3 GOL J . -13.20 -31.63 -3.02
C1 GOL K . -3.63 -26.17 -7.01
O1 GOL K . -3.96 -27.49 -7.30
C2 GOL K . -4.76 -25.26 -7.56
O2 GOL K . -5.54 -24.72 -6.55
C3 GOL K . -4.05 -24.15 -8.37
O3 GOL K . -4.91 -23.05 -8.39
C1 GOL L . -2.85 -19.03 -6.22
O1 GOL L . -2.56 -19.54 -4.95
C2 GOL L . -1.54 -18.96 -7.03
O2 GOL L . -0.44 -18.97 -6.18
C3 GOL L . -1.61 -20.17 -8.05
O3 GOL L . -0.83 -21.23 -7.54
C1 GOL M . -42.26 -37.29 14.03
O1 GOL M . -41.86 -37.91 12.84
C2 GOL M . -42.40 -38.38 15.14
O2 GOL M . -42.74 -37.83 16.36
C3 GOL M . -43.50 -39.39 14.62
O3 GOL M . -43.70 -40.36 15.63
CL CL N . 28.06 39.23 -23.58
CL CL O . 5.85 19.17 -18.61
C1 GOL P . -0.90 20.01 -3.55
O1 GOL P . 0.44 20.30 -3.36
C2 GOL P . -1.18 20.26 -5.07
O2 GOL P . -1.33 19.06 -5.80
C3 GOL P . -2.46 21.21 -5.14
O3 GOL P . -2.18 22.43 -4.49
C1 GOL Q . 0.35 27.71 -5.61
O1 GOL Q . 1.16 28.70 -4.96
C2 GOL Q . 1.28 26.48 -5.91
O2 GOL Q . 2.01 26.14 -4.81
C3 GOL Q . 0.35 25.31 -6.36
O3 GOL Q . 1.17 24.21 -6.70
C1 GOL R . 3.83 37.17 12.50
O1 GOL R . 3.66 36.17 11.55
C2 GOL R . 3.41 38.52 11.84
O2 GOL R . 2.03 38.72 11.89
C3 GOL R . 4.21 39.63 12.59
O3 GOL R . 3.79 39.59 13.93
C1 GOL S . 3.61 -30.63 -4.42
O1 GOL S . 4.18 -31.60 -3.60
C2 GOL S . 4.04 -30.93 -5.88
O2 GOL S . 3.49 -32.12 -6.33
C3 GOL S . 3.58 -29.69 -6.70
O3 GOL S . 3.17 -30.12 -7.98
C1 GOL T . 37.07 -17.89 -0.68
O1 GOL T . 36.88 -18.95 -1.59
C2 GOL T . 36.37 -18.26 0.67
O2 GOL T . 36.66 -19.57 1.09
C3 GOL T . 36.81 -17.17 1.70
O3 GOL T . 36.33 -17.57 2.96
C1 GOL U . 13.45 3.42 -15.26
O1 GOL U . 13.28 4.72 -15.81
C2 GOL U . 12.54 2.40 -16.06
O2 GOL U . 11.33 2.96 -16.48
C3 GOL U . 13.41 1.93 -17.27
O3 GOL U . 13.99 0.69 -16.92
C1 GOL V . -6.52 56.66 4.19
O1 GOL V . -7.46 57.74 4.33
C2 GOL V . -5.01 57.14 4.59
O2 GOL V . -4.58 56.67 5.85
C3 GOL V . -4.07 56.68 3.41
O3 GOL V . -2.85 57.39 3.55
C1 GOL W . 8.11 34.94 -4.61
O1 GOL W . 8.45 34.83 -3.24
C2 GOL W . 9.44 34.87 -5.50
O2 GOL W . 9.83 36.15 -6.01
C3 GOL W . 10.55 34.23 -4.57
O3 GOL W . 10.79 32.86 -4.86
C1 GOL X . 46.29 39.10 -3.39
O1 GOL X . 46.88 39.85 -2.35
C2 GOL X . 46.09 37.59 -2.89
O2 GOL X . 45.11 37.49 -1.90
C3 GOL X . 45.65 36.80 -4.16
O3 GOL X . 44.25 36.93 -4.23
#